data_6Y9I
#
_entry.id   6Y9I
#
_cell.length_a   63.410
_cell.length_b   82.190
_cell.length_c   82.660
_cell.angle_alpha   68.614
_cell.angle_beta   77.361
_cell.angle_gamma   77.488
#
_symmetry.space_group_name_H-M   'P 1'
#
loop_
_entity.id
_entity.type
_entity.pdbx_description
1 polymer 'Major Capsid Protein VP1'
2 non-polymer 'MAGNESIUM ION'
3 water water
#
_entity_poly.entity_id   1
_entity_poly.type   'polypeptide(L)'
_entity_poly.pdbx_seq_one_letter_code
;GSHMGGVEVLNIITGPDSTTEIELYLEPRMGINSPTGDKKEWYGYSEVIHHADGYDNNLLSIQMPQYSCARVQLPMLNTD
MTSDTLMMWEAVSCKTEIVGIGSLISVHLLEAKMAAKEGGDGPSQPIEGMNYHMFAVGGEPLDLQGIESNALTKYASAIP
PKTIHPNDIAKLAEEEKPQLQGLVPKAKARLDKDGFYPIEEWSPDPSRNENSRYFGSFVGGLNTPPNLQFTNAVTTVLLD
ENGVGPLCKGDGLFVSAADICGVMVKADNEAIRYRGLPRYFKVTLRKRAVKN
;
_entity_poly.pdbx_strand_id   AAA,BBB,CCC,DDD,EEE
#
# COMPACT_ATOMS: atom_id res chain seq x y z
N VAL A 7 6.64 3.56 -41.53
CA VAL A 7 5.45 3.25 -42.36
C VAL A 7 4.28 4.13 -41.91
N GLU A 8 3.46 4.60 -42.85
CA GLU A 8 2.18 5.31 -42.58
C GLU A 8 1.16 4.26 -42.10
N VAL A 9 0.55 4.45 -40.94
CA VAL A 9 -0.44 3.46 -40.41
C VAL A 9 -1.81 3.84 -40.96
N LEU A 10 -2.53 2.90 -41.57
CA LEU A 10 -3.89 3.08 -42.13
C LEU A 10 -4.90 2.30 -41.28
N ASN A 11 -5.86 1.63 -41.92
CA ASN A 11 -7.08 1.07 -41.26
C ASN A 11 -6.75 -0.30 -40.65
N ILE A 12 -7.36 -0.62 -39.51
CA ILE A 12 -7.49 -2.03 -39.01
C ILE A 12 -8.18 -2.86 -40.10
N ILE A 13 -7.63 -4.02 -40.44
CA ILE A 13 -8.22 -4.97 -41.41
C ILE A 13 -9.28 -5.81 -40.70
N THR A 14 -10.44 -5.98 -41.33
CA THR A 14 -11.60 -6.73 -40.76
C THR A 14 -11.80 -8.00 -41.59
N GLY A 15 -12.77 -8.82 -41.18
CA GLY A 15 -13.09 -10.07 -41.87
C GLY A 15 -12.48 -11.27 -41.15
N PRO A 16 -12.66 -12.49 -41.69
CA PRO A 16 -12.17 -13.69 -41.03
C PRO A 16 -10.64 -13.86 -41.22
N ASP A 17 -10.01 -14.54 -40.26
CA ASP A 17 -8.54 -14.73 -40.16
C ASP A 17 -7.83 -13.37 -40.00
N SER A 18 -8.47 -12.36 -39.43
CA SER A 18 -7.88 -11.01 -39.24
C SER A 18 -7.11 -10.93 -37.90
N THR A 19 -7.24 -11.95 -37.04
CA THR A 19 -6.61 -11.97 -35.71
C THR A 19 -5.86 -13.27 -35.51
N THR A 20 -4.90 -13.27 -34.60
CA THR A 20 -4.14 -14.47 -34.19
C THR A 20 -3.65 -14.24 -32.76
N GLU A 21 -3.17 -15.30 -32.15
CA GLU A 21 -2.77 -15.37 -30.73
C GLU A 21 -1.46 -16.15 -30.67
N ILE A 22 -0.46 -15.67 -29.93
CA ILE A 22 0.79 -16.46 -29.76
C ILE A 22 1.03 -16.57 -28.26
N GLU A 23 1.61 -17.69 -27.84
CA GLU A 23 1.87 -17.94 -26.40
C GLU A 23 3.31 -18.45 -26.29
N LEU A 24 4.01 -18.03 -25.23
CA LEU A 24 5.36 -18.54 -24.93
C LEU A 24 5.72 -18.25 -23.48
N TYR A 25 6.74 -18.96 -23.02
CA TYR A 25 7.37 -18.78 -21.70
C TYR A 25 8.74 -18.20 -21.94
N LEU A 26 9.15 -17.26 -21.08
CA LEU A 26 10.58 -16.91 -20.91
C LEU A 26 11.02 -17.44 -19.57
N GLU A 27 12.02 -18.32 -19.61
CA GLU A 27 12.64 -18.89 -18.40
C GLU A 27 13.55 -17.82 -17.81
N PRO A 28 13.74 -17.81 -16.47
CA PRO A 28 14.52 -16.76 -15.82
C PRO A 28 16.01 -16.90 -16.16
N ARG A 29 16.69 -15.77 -16.34
CA ARG A 29 18.17 -15.69 -16.57
C ARG A 29 18.81 -14.94 -15.41
N MET A 30 18.94 -15.61 -14.25
CA MET A 30 19.39 -14.96 -12.99
C MET A 30 20.92 -15.01 -12.92
N GLY A 31 21.55 -15.68 -13.90
CA GLY A 31 23.01 -15.74 -14.05
C GLY A 31 23.47 -17.16 -14.32
N ILE A 32 22.94 -18.12 -13.56
CA ILE A 32 23.03 -19.56 -13.86
C ILE A 32 21.87 -19.90 -14.79
N ASN A 33 22.18 -19.91 -16.08
CA ASN A 33 21.19 -19.73 -17.16
C ASN A 33 20.94 -21.05 -17.87
N SER A 34 21.50 -22.15 -17.37
CA SER A 34 21.28 -23.46 -18.00
C SER A 34 21.23 -24.53 -16.94
N PRO A 35 20.26 -25.46 -17.00
CA PRO A 35 20.25 -26.66 -16.14
C PRO A 35 21.26 -27.74 -16.57
N THR A 36 22.41 -27.33 -17.10
CA THR A 36 23.55 -28.19 -17.52
C THR A 36 24.85 -27.62 -16.96
N GLY A 37 25.87 -28.46 -16.80
CA GLY A 37 27.20 -28.00 -16.39
C GLY A 37 27.36 -28.00 -14.88
N ASP A 38 28.52 -27.57 -14.39
CA ASP A 38 28.93 -27.75 -12.98
C ASP A 38 27.84 -27.18 -12.06
N LYS A 39 27.18 -26.10 -12.47
CA LYS A 39 26.38 -25.26 -11.54
C LYS A 39 24.88 -25.50 -11.77
N LYS A 40 24.51 -26.59 -12.45
CA LYS A 40 23.11 -26.90 -12.84
C LYS A 40 22.14 -26.93 -11.64
N GLU A 41 22.60 -27.27 -10.43
CA GLU A 41 21.75 -27.36 -9.22
C GLU A 41 21.11 -26.00 -8.92
N TRP A 42 21.71 -24.91 -9.41
CA TRP A 42 21.29 -23.53 -9.09
C TRP A 42 20.65 -22.84 -10.29
N TYR A 43 20.22 -23.61 -11.31
CA TYR A 43 19.48 -23.05 -12.46
C TYR A 43 18.31 -22.22 -11.90
N GLY A 44 18.11 -21.00 -12.38
CA GLY A 44 17.00 -20.15 -11.92
C GLY A 44 17.40 -19.23 -10.78
N TYR A 45 18.65 -19.32 -10.35
CA TYR A 45 19.27 -18.49 -9.28
C TYR A 45 20.52 -17.85 -9.87
N SER A 46 21.04 -16.83 -9.19
CA SER A 46 22.38 -16.26 -9.49
C SER A 46 23.42 -17.12 -8.79
N GLU A 47 24.68 -16.97 -9.19
CA GLU A 47 25.83 -17.39 -8.36
C GLU A 47 25.80 -16.54 -7.08
N VAL A 48 26.46 -17.01 -6.04
CA VAL A 48 26.54 -16.29 -4.73
C VAL A 48 27.21 -14.92 -4.95
N ILE A 49 26.75 -13.90 -4.25
CA ILE A 49 27.31 -12.52 -4.28
C ILE A 49 27.71 -12.09 -2.87
N HIS A 50 28.92 -11.57 -2.76
CA HIS A 50 29.52 -11.02 -1.52
C HIS A 50 29.76 -9.53 -1.74
N HIS A 51 29.81 -8.74 -0.66
CA HIS A 51 29.87 -7.27 -0.67
C HIS A 51 31.05 -6.73 -1.49
N ALA A 52 32.20 -7.43 -1.52
CA ALA A 52 33.44 -6.93 -2.16
C ALA A 52 33.63 -7.56 -3.54
N ASP A 53 32.67 -8.36 -4.01
CA ASP A 53 32.66 -8.82 -5.42
C ASP A 53 32.62 -7.59 -6.32
N GLY A 54 33.45 -7.57 -7.38
CA GLY A 54 33.63 -6.40 -8.28
C GLY A 54 34.63 -5.39 -7.71
N TYR A 55 35.17 -5.63 -6.52
CA TYR A 55 36.24 -4.80 -5.93
C TYR A 55 37.47 -5.66 -5.62
N ASP A 56 37.32 -6.73 -4.81
CA ASP A 56 38.40 -7.66 -4.42
C ASP A 56 38.70 -8.60 -5.58
N ASN A 57 37.78 -8.69 -6.55
CA ASN A 57 37.78 -9.71 -7.64
C ASN A 57 36.95 -9.13 -8.77
N ASN A 58 36.86 -9.85 -9.89
CA ASN A 58 36.03 -9.47 -11.03
C ASN A 58 34.64 -10.06 -10.82
N LEU A 59 33.60 -9.25 -10.98
CA LEU A 59 32.20 -9.72 -10.92
C LEU A 59 31.94 -10.57 -12.17
N LEU A 60 31.42 -11.80 -11.98
CA LEU A 60 31.14 -12.74 -13.07
C LEU A 60 29.73 -12.55 -13.62
N SER A 61 29.51 -12.91 -14.88
CA SER A 61 28.18 -12.87 -15.54
C SER A 61 27.18 -13.70 -14.74
N ILE A 62 27.63 -14.81 -14.13
CA ILE A 62 26.73 -15.75 -13.40
C ILE A 62 26.25 -15.11 -12.07
N GLN A 63 26.81 -13.96 -11.65
CA GLN A 63 26.39 -13.19 -10.44
C GLN A 63 25.48 -12.01 -10.79
N MET A 64 25.09 -11.87 -12.07
CA MET A 64 24.38 -10.65 -12.56
C MET A 64 23.12 -11.08 -13.27
N PRO A 65 21.95 -10.95 -12.60
CA PRO A 65 20.67 -11.27 -13.25
C PRO A 65 20.52 -10.46 -14.54
N GLN A 66 19.95 -11.11 -15.54
CA GLN A 66 19.87 -10.61 -16.94
C GLN A 66 18.41 -10.63 -17.40
N TYR A 67 18.12 -9.84 -18.42
CA TYR A 67 16.82 -9.84 -19.10
C TYR A 67 16.70 -11.10 -19.93
N SER A 68 15.48 -11.59 -20.00
CA SER A 68 15.06 -12.68 -20.90
C SER A 68 14.47 -12.03 -22.16
N CYS A 69 14.58 -12.67 -23.32
CA CYS A 69 13.88 -12.19 -24.52
C CYS A 69 13.76 -13.31 -25.57
N ALA A 70 12.76 -13.21 -26.42
CA ALA A 70 12.55 -14.11 -27.58
C ALA A 70 11.90 -13.29 -28.70
N ARG A 71 12.28 -13.60 -29.94
CA ARG A 71 11.52 -13.24 -31.15
C ARG A 71 10.65 -14.44 -31.51
N VAL A 72 9.34 -14.23 -31.70
CA VAL A 72 8.40 -15.30 -32.16
C VAL A 72 8.07 -15.03 -33.64
N GLN A 73 8.18 -16.04 -34.49
CA GLN A 73 7.82 -15.92 -35.92
C GLN A 73 6.31 -15.90 -36.04
N LEU A 74 5.73 -14.86 -36.65
CA LEU A 74 4.26 -14.77 -36.87
C LEU A 74 3.91 -15.37 -38.24
N PRO A 75 2.62 -15.70 -38.47
CA PRO A 75 2.16 -16.15 -39.79
C PRO A 75 2.55 -15.14 -40.85
N MET A 76 3.18 -15.59 -41.94
CA MET A 76 3.75 -14.69 -42.98
C MET A 76 2.61 -13.88 -43.61
N LEU A 77 2.73 -12.56 -43.66
CA LEU A 77 1.74 -11.72 -44.37
C LEU A 77 2.33 -11.35 -45.74
N ASN A 78 1.55 -10.70 -46.60
CA ASN A 78 2.06 -10.13 -47.87
C ASN A 78 2.57 -11.26 -48.78
N THR A 79 1.73 -12.29 -48.96
CA THR A 79 2.10 -13.65 -49.46
C THR A 79 1.35 -13.99 -50.75
N ASP A 84 -3.06 -6.32 -53.21
CA ASP A 84 -4.31 -5.76 -52.62
C ASP A 84 -3.94 -4.67 -51.59
N THR A 85 -3.47 -5.08 -50.40
CA THR A 85 -3.18 -4.15 -49.27
C THR A 85 -1.95 -4.66 -48.51
N LEU A 86 -0.97 -3.78 -48.27
CA LEU A 86 0.24 -4.12 -47.50
C LEU A 86 -0.15 -4.22 -46.02
N MET A 87 0.16 -5.33 -45.36
CA MET A 87 -0.30 -5.58 -43.95
C MET A 87 0.88 -5.77 -42.98
N MET A 88 0.69 -5.43 -41.72
CA MET A 88 1.56 -5.87 -40.59
C MET A 88 0.68 -6.37 -39.45
N TRP A 89 1.19 -7.33 -38.70
CA TRP A 89 0.62 -7.73 -37.40
C TRP A 89 0.75 -6.57 -36.42
N GLU A 90 -0.34 -6.26 -35.72
CA GLU A 90 -0.39 -5.22 -34.67
C GLU A 90 -0.71 -5.91 -33.35
N ALA A 91 0.21 -5.85 -32.37
CA ALA A 91 -0.04 -6.39 -31.02
C ALA A 91 -1.04 -5.48 -30.28
N VAL A 92 -2.17 -6.04 -29.85
CA VAL A 92 -3.29 -5.25 -29.28
C VAL A 92 -3.34 -5.42 -27.76
N SER A 93 -3.09 -6.62 -27.26
CA SER A 93 -3.27 -6.90 -25.82
C SER A 93 -2.48 -8.15 -25.47
N CYS A 94 -2.18 -8.31 -24.20
CA CYS A 94 -1.52 -9.56 -23.77
C CYS A 94 -2.00 -9.96 -22.37
N LYS A 95 -1.94 -11.26 -22.10
CA LYS A 95 -2.02 -11.78 -20.73
C LYS A 95 -0.60 -12.21 -20.38
N THR A 96 -0.13 -11.78 -19.23
CA THR A 96 1.21 -12.20 -18.77
C THR A 96 1.08 -12.65 -17.33
N GLU A 97 1.88 -13.63 -16.95
CA GLU A 97 1.78 -14.23 -15.61
C GLU A 97 3.17 -14.67 -15.17
N ILE A 98 3.53 -14.37 -13.93
CA ILE A 98 4.70 -15.01 -13.27
C ILE A 98 4.26 -16.38 -12.77
N VAL A 99 4.92 -17.43 -13.22
CA VAL A 99 4.49 -18.82 -12.89
C VAL A 99 5.37 -19.40 -11.78
N GLY A 100 4.74 -20.06 -10.82
CA GLY A 100 5.43 -20.76 -9.71
C GLY A 100 5.54 -19.90 -8.46
N ILE A 101 4.64 -18.94 -8.26
CA ILE A 101 4.70 -17.99 -7.11
C ILE A 101 4.55 -18.77 -5.81
N GLY A 102 3.74 -19.83 -5.82
CA GLY A 102 3.53 -20.72 -4.67
C GLY A 102 4.82 -21.30 -4.12
N SER A 103 5.79 -21.59 -4.98
CA SER A 103 7.16 -22.08 -4.61
C SER A 103 7.84 -21.13 -3.63
N LEU A 104 7.46 -19.86 -3.61
CA LEU A 104 8.12 -18.87 -2.74
C LEU A 104 7.67 -19.01 -1.27
N ILE A 105 6.74 -19.89 -0.92
CA ILE A 105 6.37 -20.15 0.50
C ILE A 105 7.43 -21.03 1.18
N SER A 106 8.33 -21.70 0.44
CA SER A 106 9.28 -22.68 1.03
C SER A 106 10.06 -22.05 2.17
N VAL A 107 10.08 -22.73 3.32
CA VAL A 107 10.94 -22.36 4.47
C VAL A 107 11.83 -23.57 4.78
N HIS A 108 12.19 -24.33 3.74
CA HIS A 108 13.20 -25.42 3.82
C HIS A 108 14.17 -25.31 2.62
N LEU A 109 14.57 -24.09 2.33
CA LEU A 109 15.50 -23.77 1.22
C LEU A 109 16.88 -24.38 1.50
N LEU A 110 17.36 -25.20 0.58
N LEU A 110 17.35 -25.21 0.57
CA LEU A 110 18.69 -25.85 0.67
CA LEU A 110 18.72 -25.79 0.50
C LEU A 110 19.77 -24.79 0.84
C LEU A 110 19.78 -24.74 0.82
N GLU A 111 20.65 -25.00 1.81
CA GLU A 111 21.82 -24.15 2.14
C GLU A 111 21.39 -22.83 2.81
N ALA A 112 20.11 -22.60 3.08
CA ALA A 112 19.62 -21.26 3.48
C ALA A 112 19.74 -21.08 5.00
N LYS A 113 20.05 -19.85 5.41
CA LYS A 113 20.11 -19.39 6.82
C LYS A 113 18.84 -19.80 7.58
N MET A 114 19.00 -20.27 8.81
CA MET A 114 17.90 -20.64 9.71
C MET A 114 17.32 -19.37 10.34
N ALA A 115 16.00 -19.22 10.33
CA ALA A 115 15.32 -18.09 10.99
C ALA A 115 14.95 -18.53 12.41
N ALA A 116 15.89 -18.47 13.34
CA ALA A 116 15.75 -18.83 14.77
C ALA A 116 17.05 -18.46 15.51
N LYS A 117 16.98 -18.28 16.84
CA LYS A 117 18.17 -18.06 17.73
C LYS A 117 19.09 -19.29 17.66
N GLU A 118 20.37 -19.12 18.02
CA GLU A 118 21.36 -20.23 18.11
C GLU A 118 20.78 -21.30 19.03
N GLY A 119 20.88 -22.58 18.64
CA GLY A 119 20.34 -23.73 19.38
C GLY A 119 18.91 -24.08 18.98
N GLY A 120 18.25 -23.21 18.22
CA GLY A 120 16.90 -23.48 17.67
C GLY A 120 16.94 -24.46 16.51
N ASP A 121 15.78 -24.73 15.95
CA ASP A 121 15.61 -25.66 14.80
C ASP A 121 14.42 -25.09 14.03
N GLY A 122 14.61 -23.85 13.60
CA GLY A 122 13.56 -23.05 12.97
C GLY A 122 13.50 -23.35 11.48
N PRO A 123 12.61 -22.65 10.76
CA PRO A 123 12.55 -22.77 9.32
C PRO A 123 13.74 -22.02 8.71
N SER A 124 13.99 -22.23 7.44
CA SER A 124 14.91 -21.33 6.70
C SER A 124 14.24 -19.97 6.56
N GLN A 125 15.06 -18.95 6.37
CA GLN A 125 14.55 -17.67 5.81
C GLN A 125 14.02 -18.04 4.43
N PRO A 126 12.80 -17.57 4.08
CA PRO A 126 12.26 -17.81 2.74
C PRO A 126 12.84 -16.78 1.77
N ILE A 127 12.54 -16.93 0.48
CA ILE A 127 12.84 -15.89 -0.52
C ILE A 127 12.19 -14.57 -0.06
N GLU A 128 13.00 -13.50 0.02
CA GLU A 128 12.52 -12.14 0.30
C GLU A 128 13.50 -11.12 -0.27
N GLY A 129 13.21 -9.84 -0.14
CA GLY A 129 14.12 -8.77 -0.56
C GLY A 129 13.78 -8.31 -1.96
N MET A 130 14.75 -7.75 -2.68
CA MET A 130 14.47 -6.95 -3.88
C MET A 130 13.70 -7.78 -4.91
N ASN A 131 12.68 -7.14 -5.46
CA ASN A 131 11.73 -7.64 -6.47
C ASN A 131 11.84 -6.68 -7.64
N TYR A 132 12.18 -7.20 -8.81
CA TYR A 132 12.29 -6.40 -10.04
C TYR A 132 11.54 -7.18 -11.10
N HIS A 133 10.47 -6.60 -11.59
CA HIS A 133 9.51 -7.26 -12.47
C HIS A 133 9.28 -6.34 -13.65
N MET A 134 9.52 -6.88 -14.85
CA MET A 134 9.32 -6.10 -16.09
C MET A 134 8.89 -7.09 -17.16
N PHE A 135 8.00 -6.66 -18.01
CA PHE A 135 7.65 -7.40 -19.24
C PHE A 135 7.47 -6.33 -20.32
N ALA A 136 7.77 -6.71 -21.54
CA ALA A 136 7.67 -5.83 -22.71
C ALA A 136 7.20 -6.67 -23.90
N VAL A 137 6.43 -6.01 -24.75
CA VAL A 137 5.94 -6.58 -26.04
C VAL A 137 6.18 -5.50 -27.09
N GLY A 138 6.87 -5.85 -28.18
CA GLY A 138 7.16 -4.93 -29.26
C GLY A 138 7.34 -5.60 -30.61
N GLY A 139 7.38 -4.76 -31.63
CA GLY A 139 7.47 -5.19 -33.03
C GLY A 139 8.91 -5.19 -33.46
N GLU A 140 9.79 -4.90 -32.51
CA GLU A 140 11.26 -4.99 -32.71
C GLU A 140 11.92 -5.09 -31.34
N PRO A 141 13.23 -5.40 -31.26
CA PRO A 141 13.89 -5.54 -29.97
C PRO A 141 13.74 -4.31 -29.08
N LEU A 142 13.73 -4.55 -27.78
CA LEU A 142 13.55 -3.50 -26.75
C LEU A 142 14.84 -2.65 -26.72
N ASP A 143 14.67 -1.34 -26.79
CA ASP A 143 15.75 -0.33 -26.62
C ASP A 143 16.13 -0.27 -25.14
N LEU A 144 17.42 -0.39 -24.86
CA LEU A 144 17.99 -0.28 -23.49
C LEU A 144 18.93 0.91 -23.38
N GLN A 145 18.92 1.51 -22.20
CA GLN A 145 19.89 2.54 -21.74
C GLN A 145 20.72 1.97 -20.59
N GLY A 146 22.02 2.28 -20.62
CA GLY A 146 23.01 1.80 -19.66
C GLY A 146 23.25 2.79 -18.56
N ILE A 147 23.60 2.24 -17.41
CA ILE A 147 24.03 2.97 -16.22
C ILE A 147 24.92 2.02 -15.38
N GLU A 148 25.66 2.59 -14.44
CA GLU A 148 26.40 1.83 -13.40
C GLU A 148 26.03 2.45 -12.06
N SER A 149 25.77 1.64 -11.03
CA SER A 149 25.71 2.12 -9.62
C SER A 149 27.13 2.53 -9.19
N ASN A 150 28.15 1.74 -9.56
CA ASN A 150 29.59 2.04 -9.30
C ASN A 150 30.34 1.96 -10.64
N ALA A 151 30.67 3.11 -11.22
CA ALA A 151 31.26 3.16 -12.57
C ALA A 151 32.54 2.30 -12.61
N LEU A 152 33.27 2.13 -11.49
CA LEU A 152 34.60 1.44 -11.52
C LEU A 152 34.51 -0.02 -11.06
N THR A 153 33.31 -0.60 -11.02
CA THR A 153 33.10 -2.03 -10.74
C THR A 153 33.99 -2.80 -11.69
N LYS A 154 34.69 -3.82 -11.19
CA LYS A 154 35.54 -4.70 -12.02
C LYS A 154 34.67 -5.85 -12.54
N TYR A 155 34.56 -5.95 -13.86
CA TYR A 155 33.83 -7.05 -14.53
C TYR A 155 34.81 -8.02 -15.18
N ALA A 156 34.57 -9.31 -14.98
CA ALA A 156 35.23 -10.42 -15.69
C ALA A 156 35.00 -10.24 -17.19
N SER A 157 36.03 -10.51 -17.97
CA SER A 157 36.03 -10.35 -19.44
C SER A 157 36.23 -11.74 -20.05
N ALA A 158 35.47 -12.07 -21.10
CA ALA A 158 35.64 -13.33 -21.86
C ALA A 158 35.39 -13.05 -23.33
N ILE A 159 35.91 -13.93 -24.17
CA ILE A 159 35.58 -13.99 -25.62
C ILE A 159 35.20 -15.45 -25.91
N PRO A 160 33.95 -15.71 -26.34
CA PRO A 160 32.95 -14.66 -26.59
C PRO A 160 32.45 -14.05 -25.29
N PRO A 161 31.94 -12.79 -25.30
CA PRO A 161 31.41 -12.16 -24.09
C PRO A 161 30.18 -12.93 -23.58
N LYS A 162 30.06 -13.09 -22.27
CA LYS A 162 28.89 -13.75 -21.62
C LYS A 162 27.80 -12.70 -21.30
N THR A 163 28.21 -11.45 -21.17
CA THR A 163 27.35 -10.26 -20.94
C THR A 163 27.99 -9.07 -21.61
N ILE A 164 27.17 -8.05 -21.85
CA ILE A 164 27.63 -6.73 -22.36
C ILE A 164 27.36 -5.71 -21.26
N HIS A 165 28.30 -4.81 -21.08
CA HIS A 165 28.26 -3.69 -20.11
C HIS A 165 28.14 -2.38 -20.87
N PRO A 166 27.54 -1.35 -20.25
CA PRO A 166 27.43 -0.06 -20.90
C PRO A 166 28.74 0.52 -21.45
N ASN A 167 29.87 0.38 -20.75
CA ASN A 167 31.15 0.96 -21.25
C ASN A 167 31.71 0.20 -22.45
N ASP A 168 31.34 -1.07 -22.66
CA ASP A 168 31.61 -1.86 -23.89
C ASP A 168 31.05 -1.07 -25.06
N ILE A 169 29.95 -0.36 -24.88
CA ILE A 169 29.35 0.44 -25.98
C ILE A 169 29.89 1.86 -25.90
N ALA A 170 29.87 2.48 -24.73
CA ALA A 170 30.21 3.91 -24.56
C ALA A 170 31.73 4.13 -24.76
N LYS A 171 32.55 3.15 -24.37
CA LYS A 171 34.04 3.13 -24.47
C LYS A 171 34.60 4.44 -23.93
N LEU A 172 34.18 4.82 -22.74
CA LEU A 172 34.78 5.96 -22.01
C LEU A 172 36.11 5.48 -21.43
N ALA A 173 37.11 6.34 -21.40
CA ALA A 173 38.39 6.10 -20.68
C ALA A 173 38.13 6.10 -19.16
N GLU A 174 39.01 5.44 -18.40
CA GLU A 174 38.92 5.30 -16.93
C GLU A 174 38.51 6.64 -16.32
N GLU A 175 39.14 7.76 -16.71
CA GLU A 175 38.91 9.07 -16.07
C GLU A 175 37.46 9.55 -16.31
N GLU A 176 36.80 9.16 -17.42
CA GLU A 176 35.44 9.62 -17.79
C GLU A 176 34.34 8.62 -17.37
N LYS A 177 34.69 7.41 -16.95
CA LYS A 177 33.68 6.36 -16.63
C LYS A 177 32.71 6.77 -15.52
N PRO A 178 33.05 7.65 -14.55
CA PRO A 178 32.06 8.13 -13.59
C PRO A 178 30.81 8.77 -14.23
N GLN A 179 30.90 9.27 -15.46
CA GLN A 179 29.71 9.76 -16.22
C GLN A 179 28.59 8.68 -16.23
N LEU A 180 28.95 7.40 -16.21
CA LEU A 180 28.00 6.25 -16.27
C LEU A 180 27.11 6.15 -15.02
N GLN A 181 27.41 6.87 -13.94
CA GLN A 181 26.54 6.94 -12.75
C GLN A 181 25.37 7.89 -13.00
N GLY A 182 25.48 8.69 -14.05
CA GLY A 182 24.40 9.55 -14.57
C GLY A 182 23.87 8.94 -15.85
N LEU A 183 23.62 9.78 -16.84
CA LEU A 183 23.05 9.34 -18.13
C LEU A 183 24.05 9.68 -19.23
N VAL A 184 24.69 8.65 -19.77
CA VAL A 184 25.58 8.70 -20.96
C VAL A 184 24.75 8.31 -22.19
N PRO A 185 24.37 9.29 -23.04
CA PRO A 185 23.59 9.00 -24.23
C PRO A 185 24.17 7.88 -25.12
N LYS A 186 25.50 7.75 -25.17
CA LYS A 186 26.14 6.73 -26.05
C LYS A 186 25.88 5.31 -25.52
N ALA A 187 25.55 5.12 -24.24
CA ALA A 187 25.40 3.77 -23.65
C ALA A 187 23.97 3.25 -23.94
N LYS A 188 23.75 2.87 -25.20
CA LYS A 188 22.44 2.40 -25.73
C LYS A 188 22.65 1.06 -26.44
N ALA A 189 21.70 0.16 -26.28
CA ALA A 189 21.72 -1.14 -26.94
C ALA A 189 20.30 -1.63 -27.17
N ARG A 190 20.18 -2.67 -27.97
CA ARG A 190 18.90 -3.35 -28.21
C ARG A 190 18.97 -4.71 -27.55
N LEU A 191 17.86 -5.13 -26.96
CA LEU A 191 17.75 -6.41 -26.23
C LEU A 191 17.51 -7.50 -27.28
N ASP A 192 18.62 -7.96 -27.87
CA ASP A 192 18.62 -8.87 -29.04
C ASP A 192 19.14 -10.24 -28.61
N LYS A 193 19.64 -10.39 -27.40
CA LYS A 193 20.18 -11.70 -26.92
C LYS A 193 19.61 -11.98 -25.53
N ASP A 194 19.12 -13.21 -25.33
CA ASP A 194 18.59 -13.72 -24.04
C ASP A 194 19.76 -13.96 -23.08
N GLY A 195 19.60 -13.66 -21.78
CA GLY A 195 20.65 -13.84 -20.78
C GLY A 195 21.97 -13.17 -21.19
N PHE A 196 22.00 -11.87 -21.39
CA PHE A 196 23.19 -11.17 -21.95
C PHE A 196 23.31 -9.74 -21.40
N TYR A 197 22.18 -9.09 -21.14
CA TYR A 197 22.13 -7.70 -20.63
C TYR A 197 21.76 -7.75 -19.15
N PRO A 198 22.71 -7.45 -18.22
CA PRO A 198 22.38 -7.38 -16.80
C PRO A 198 21.39 -6.28 -16.45
N ILE A 199 20.44 -6.64 -15.59
CA ILE A 199 19.41 -5.72 -15.02
C ILE A 199 20.11 -4.58 -14.31
N GLU A 200 21.16 -4.87 -13.56
CA GLU A 200 21.82 -3.83 -12.72
C GLU A 200 22.54 -2.79 -13.58
N GLU A 201 22.70 -3.01 -14.89
CA GLU A 201 23.38 -2.03 -15.78
C GLU A 201 22.48 -1.51 -16.90
N TRP A 202 21.34 -2.15 -17.18
CA TRP A 202 20.49 -1.80 -18.35
C TRP A 202 19.04 -1.64 -17.93
N SER A 203 18.42 -0.57 -18.40
CA SER A 203 16.99 -0.23 -18.20
C SER A 203 16.36 -0.04 -19.57
N PRO A 204 15.04 -0.26 -19.71
CA PRO A 204 14.35 0.11 -20.94
C PRO A 204 14.51 1.61 -21.14
N ASP A 205 14.71 2.03 -22.40
CA ASP A 205 15.11 3.41 -22.76
C ASP A 205 13.85 4.17 -23.12
N PRO A 206 13.39 5.14 -22.30
CA PRO A 206 12.12 5.80 -22.55
C PRO A 206 12.22 6.81 -23.72
N SER A 207 13.43 7.13 -24.18
CA SER A 207 13.74 8.03 -25.32
C SER A 207 13.57 7.26 -26.64
N ARG A 208 13.46 5.94 -26.60
CA ARG A 208 13.18 5.14 -27.82
C ARG A 208 11.93 4.28 -27.56
N ASN A 209 11.93 3.02 -27.99
CA ASN A 209 10.81 2.09 -27.72
C ASN A 209 9.50 2.66 -28.24
N GLU A 210 9.53 3.38 -29.37
CA GLU A 210 8.30 3.94 -29.98
C GLU A 210 7.40 2.78 -30.44
N ASN A 211 7.96 1.61 -30.71
CA ASN A 211 7.24 0.44 -31.28
C ASN A 211 7.27 -0.74 -30.30
N SER A 212 7.42 -0.50 -28.99
CA SER A 212 7.36 -1.50 -27.91
C SER A 212 6.55 -0.89 -26.77
N ARG A 213 5.96 -1.74 -25.94
N ARG A 213 6.01 -1.73 -25.88
CA ARG A 213 5.34 -1.34 -24.65
CA ARG A 213 5.31 -1.29 -24.65
C ARG A 213 6.08 -2.09 -23.55
C ARG A 213 5.88 -2.08 -23.47
N TYR A 214 6.43 -1.38 -22.47
CA TYR A 214 7.07 -2.02 -21.31
C TYR A 214 6.44 -1.50 -20.03
N PHE A 215 6.42 -2.37 -19.05
CA PHE A 215 5.78 -2.19 -17.73
C PHE A 215 6.73 -2.81 -16.70
N GLY A 216 7.15 -2.06 -15.69
CA GLY A 216 8.05 -2.53 -14.63
C GLY A 216 7.70 -1.99 -13.27
N SER A 217 8.10 -2.73 -12.24
CA SER A 217 8.03 -2.30 -10.83
C SER A 217 9.28 -2.83 -10.15
N PHE A 218 9.74 -2.07 -9.18
CA PHE A 218 10.91 -2.41 -8.37
C PHE A 218 10.50 -2.13 -6.92
N VAL A 219 10.75 -3.08 -6.04
CA VAL A 219 10.71 -2.85 -4.57
C VAL A 219 12.04 -3.36 -4.04
N GLY A 220 12.83 -2.45 -3.46
CA GLY A 220 14.23 -2.74 -3.08
C GLY A 220 14.36 -3.34 -1.68
N GLY A 221 15.58 -3.38 -1.18
CA GLY A 221 15.89 -3.85 0.19
C GLY A 221 16.18 -5.35 0.20
N LEU A 222 16.79 -5.82 1.28
CA LEU A 222 17.13 -7.26 1.43
C LEU A 222 16.09 -8.05 2.21
N ASN A 223 15.22 -7.42 3.02
CA ASN A 223 14.30 -8.19 3.90
C ASN A 223 12.84 -7.91 3.55
N THR A 224 12.57 -7.22 2.44
CA THR A 224 11.23 -6.78 2.04
C THR A 224 10.38 -7.99 1.61
N PRO A 225 9.13 -8.13 2.06
CA PRO A 225 8.24 -9.19 1.59
C PRO A 225 7.94 -9.11 0.10
N PRO A 226 8.19 -10.17 -0.69
CA PRO A 226 7.76 -10.22 -2.09
C PRO A 226 6.24 -10.11 -2.16
N ASN A 227 5.74 -9.24 -3.04
CA ASN A 227 4.30 -8.91 -3.15
C ASN A 227 3.90 -9.10 -4.61
N LEU A 228 3.24 -10.23 -4.93
CA LEU A 228 3.02 -10.69 -6.31
C LEU A 228 1.58 -11.14 -6.48
N GLN A 229 1.00 -10.85 -7.62
CA GLN A 229 -0.38 -11.27 -7.94
C GLN A 229 -0.29 -12.22 -9.13
N PHE A 230 -1.30 -13.07 -9.27
CA PHE A 230 -1.41 -13.94 -10.46
C PHE A 230 -2.90 -14.09 -10.76
N THR A 231 -3.25 -14.03 -12.03
CA THR A 231 -4.66 -14.13 -12.48
C THR A 231 -4.64 -14.40 -13.97
N ASN A 232 -5.70 -15.01 -14.50
CA ASN A 232 -5.93 -15.02 -15.96
C ASN A 232 -7.11 -14.08 -16.32
N ALA A 233 -7.50 -13.15 -15.44
CA ALA A 233 -8.71 -12.32 -15.66
C ALA A 233 -8.34 -10.89 -16.08
N VAL A 234 -7.05 -10.55 -16.12
CA VAL A 234 -6.54 -9.17 -16.40
C VAL A 234 -5.85 -9.21 -17.76
N THR A 235 -6.21 -8.29 -18.64
CA THR A 235 -5.61 -8.10 -19.97
C THR A 235 -4.85 -6.77 -19.96
N THR A 236 -3.60 -6.75 -20.39
CA THR A 236 -2.84 -5.48 -20.54
C THR A 236 -3.08 -4.99 -21.98
N VAL A 237 -3.60 -3.78 -22.15
CA VAL A 237 -3.82 -3.20 -23.51
C VAL A 237 -2.47 -2.64 -24.02
N LEU A 238 -2.10 -2.96 -25.24
CA LEU A 238 -0.79 -2.51 -25.78
C LEU A 238 -0.96 -1.32 -26.75
N LEU A 239 -2.19 -0.90 -27.02
CA LEU A 239 -2.48 0.28 -27.89
C LEU A 239 -1.99 1.57 -27.22
N ASP A 240 -1.45 2.47 -28.03
CA ASP A 240 -1.00 3.81 -27.62
C ASP A 240 -2.20 4.76 -27.66
N GLU A 241 -1.98 6.06 -27.40
CA GLU A 241 -3.04 7.10 -27.31
C GLU A 241 -3.76 7.26 -28.65
N ASN A 242 -3.18 6.84 -29.79
CA ASN A 242 -3.84 6.89 -31.13
C ASN A 242 -4.54 5.57 -31.48
N GLY A 243 -4.57 4.59 -30.56
CA GLY A 243 -5.20 3.27 -30.78
C GLY A 243 -4.30 2.35 -31.60
N VAL A 244 -3.00 2.61 -31.68
CA VAL A 244 -2.07 1.75 -32.47
C VAL A 244 -1.15 0.96 -31.54
N GLY A 245 -1.16 -0.35 -31.69
CA GLY A 245 -0.24 -1.23 -30.95
C GLY A 245 1.11 -1.35 -31.66
N PRO A 246 2.07 -2.07 -31.05
CA PRO A 246 3.32 -2.40 -31.74
C PRO A 246 3.08 -3.09 -33.09
N LEU A 247 3.80 -2.66 -34.13
CA LEU A 247 3.70 -3.22 -35.51
C LEU A 247 4.92 -4.12 -35.76
N CYS A 248 4.67 -5.38 -36.08
CA CYS A 248 5.66 -6.48 -36.02
C CYS A 248 6.52 -6.51 -37.30
N LYS A 249 7.74 -5.99 -37.19
CA LYS A 249 8.69 -5.89 -38.34
C LYS A 249 9.19 -7.30 -38.66
N GLY A 250 9.19 -7.66 -39.95
CA GLY A 250 9.63 -8.99 -40.41
C GLY A 250 8.71 -10.09 -39.92
N ASP A 251 7.46 -9.75 -39.56
CA ASP A 251 6.48 -10.73 -39.05
C ASP A 251 7.08 -11.39 -37.81
N GLY A 252 7.75 -10.58 -36.99
CA GLY A 252 8.37 -10.96 -35.72
C GLY A 252 7.76 -10.21 -34.54
N LEU A 253 7.41 -10.95 -33.48
CA LEU A 253 6.96 -10.40 -32.19
C LEU A 253 8.10 -10.58 -31.18
N PHE A 254 8.46 -9.52 -30.47
CA PHE A 254 9.58 -9.55 -29.51
C PHE A 254 8.98 -9.41 -28.11
N VAL A 255 9.24 -10.38 -27.25
CA VAL A 255 8.82 -10.35 -25.81
C VAL A 255 10.09 -10.32 -24.98
N SER A 256 10.03 -9.57 -23.89
CA SER A 256 11.18 -9.33 -22.98
C SER A 256 10.65 -9.42 -21.57
N ALA A 257 11.47 -9.92 -20.65
CA ALA A 257 11.09 -10.05 -19.24
C ALA A 257 12.32 -10.00 -18.33
N ALA A 258 12.07 -9.62 -17.09
CA ALA A 258 12.97 -9.78 -15.93
C ALA A 258 12.09 -9.97 -14.70
N ASP A 259 12.26 -11.07 -13.97
CA ASP A 259 11.44 -11.30 -12.76
C ASP A 259 12.34 -11.80 -11.64
N ILE A 260 13.04 -10.89 -10.97
CA ILE A 260 13.74 -11.21 -9.70
C ILE A 260 12.69 -11.20 -8.58
N CYS A 261 12.49 -12.33 -7.91
CA CYS A 261 11.42 -12.52 -6.88
C CYS A 261 12.00 -12.33 -5.48
N GLY A 262 13.33 -12.20 -5.37
CA GLY A 262 14.01 -11.95 -4.08
C GLY A 262 15.33 -12.67 -4.07
N VAL A 263 15.88 -12.90 -2.88
CA VAL A 263 17.19 -13.55 -2.65
C VAL A 263 17.00 -14.66 -1.62
N MET A 264 17.83 -15.67 -1.71
CA MET A 264 18.07 -16.59 -0.58
C MET A 264 19.37 -16.15 0.09
N VAL A 265 19.45 -16.40 1.38
CA VAL A 265 20.63 -16.15 2.26
C VAL A 265 21.24 -17.49 2.67
N LYS A 266 22.54 -17.65 2.36
CA LYS A 266 23.32 -18.87 2.64
C LYS A 266 23.64 -18.91 4.14
N ALA A 267 23.40 -20.03 4.80
CA ALA A 267 23.67 -20.20 6.25
C ALA A 267 25.18 -19.97 6.53
N ASP A 268 26.10 -20.49 5.72
CA ASP A 268 27.52 -20.55 6.16
C ASP A 268 28.16 -19.15 6.21
N ASN A 269 27.77 -18.21 5.33
CA ASN A 269 28.48 -16.91 5.25
C ASN A 269 27.52 -15.72 5.04
N GLU A 270 26.22 -15.97 4.85
CA GLU A 270 25.13 -14.98 4.71
C GLU A 270 25.23 -14.25 3.37
N ALA A 271 25.98 -14.81 2.42
CA ALA A 271 26.00 -14.38 1.00
C ALA A 271 24.64 -14.71 0.39
N ILE A 272 24.30 -14.07 -0.71
CA ILE A 272 22.94 -14.25 -1.26
C ILE A 272 23.04 -14.86 -2.65
N ARG A 273 21.93 -15.41 -3.10
CA ARG A 273 21.63 -15.63 -4.53
C ARG A 273 20.28 -14.97 -4.84
N TYR A 274 20.17 -14.31 -5.99
CA TYR A 274 18.87 -13.91 -6.56
C TYR A 274 18.12 -15.16 -7.00
N ARG A 275 16.80 -15.14 -6.86
CA ARG A 275 15.87 -16.16 -7.41
C ARG A 275 14.95 -15.47 -8.43
N GLY A 276 14.80 -16.05 -9.62
CA GLY A 276 13.84 -15.59 -10.65
C GLY A 276 12.80 -16.66 -10.94
N LEU A 277 11.66 -16.27 -11.48
CA LEU A 277 10.59 -17.22 -11.92
C LEU A 277 10.33 -17.01 -13.40
N PRO A 278 9.85 -18.07 -14.09
CA PRO A 278 9.45 -17.96 -15.48
C PRO A 278 8.20 -17.09 -15.65
N ARG A 279 8.11 -16.44 -16.80
CA ARG A 279 7.01 -15.55 -17.19
C ARG A 279 6.32 -16.12 -18.45
N TYR A 280 5.01 -16.27 -18.37
CA TYR A 280 4.15 -16.63 -19.52
C TYR A 280 3.66 -15.37 -20.22
N PHE A 281 3.47 -15.46 -21.53
CA PHE A 281 2.88 -14.41 -22.37
C PHE A 281 1.85 -15.04 -23.31
N LYS A 282 0.67 -14.43 -23.39
CA LYS A 282 -0.28 -14.67 -24.50
C LYS A 282 -0.58 -13.32 -25.11
N VAL A 283 -0.23 -13.16 -26.38
CA VAL A 283 -0.35 -11.86 -27.08
C VAL A 283 -1.39 -12.05 -28.19
N THR A 284 -2.37 -11.17 -28.23
CA THR A 284 -3.41 -11.12 -29.29
C THR A 284 -2.99 -10.08 -30.34
N LEU A 285 -2.99 -10.48 -31.60
CA LEU A 285 -2.58 -9.59 -32.72
C LEU A 285 -3.68 -9.52 -33.77
N ARG A 286 -3.80 -8.37 -34.41
CA ARG A 286 -4.74 -8.15 -35.55
C ARG A 286 -3.96 -7.59 -36.74
N LYS A 287 -4.51 -7.80 -37.93
CA LYS A 287 -3.91 -7.31 -39.19
C LYS A 287 -4.18 -5.81 -39.26
N ARG A 288 -3.14 -5.03 -39.53
CA ARG A 288 -3.21 -3.55 -39.73
C ARG A 288 -2.69 -3.24 -41.13
N ALA A 289 -3.44 -2.43 -41.88
CA ALA A 289 -2.99 -1.92 -43.21
C ALA A 289 -1.97 -0.81 -42.97
N VAL A 290 -0.91 -0.81 -43.77
CA VAL A 290 0.18 0.20 -43.74
C VAL A 290 0.51 0.57 -45.19
N LYS A 291 1.12 1.75 -45.39
CA LYS A 291 1.73 2.17 -46.68
C LYS A 291 3.21 2.44 -46.41
N ASN A 292 4.11 1.83 -47.19
CA ASN A 292 5.58 2.06 -47.15
C ASN A 292 5.86 3.54 -47.46
N VAL B 7 -16.43 -25.09 -27.66
CA VAL B 7 -17.20 -25.04 -28.95
C VAL B 7 -17.59 -23.59 -29.27
N GLU B 8 -18.60 -23.37 -30.12
CA GLU B 8 -19.12 -22.03 -30.50
C GLU B 8 -20.19 -21.58 -29.50
N VAL B 9 -20.00 -20.43 -28.88
CA VAL B 9 -20.95 -19.84 -27.89
C VAL B 9 -21.98 -19.01 -28.66
N LEU B 10 -23.27 -19.13 -28.33
CA LEU B 10 -24.33 -18.32 -28.99
C LEU B 10 -24.98 -17.45 -27.91
N ASN B 11 -26.30 -17.36 -27.91
CA ASN B 11 -27.08 -16.36 -27.14
C ASN B 11 -27.21 -16.78 -25.68
N ILE B 12 -27.27 -15.79 -24.79
CA ILE B 12 -27.72 -15.98 -23.38
C ILE B 12 -29.20 -16.34 -23.41
N ILE B 13 -29.57 -17.42 -22.73
CA ILE B 13 -30.99 -17.86 -22.59
C ILE B 13 -31.64 -16.99 -21.51
N THR B 14 -32.81 -16.44 -21.82
CA THR B 14 -33.59 -15.53 -20.95
C THR B 14 -34.87 -16.23 -20.53
N GLY B 15 -35.55 -15.72 -19.50
CA GLY B 15 -36.88 -16.19 -19.08
C GLY B 15 -36.85 -16.68 -17.63
N PRO B 16 -37.94 -17.34 -17.17
CA PRO B 16 -37.97 -17.94 -15.82
C PRO B 16 -37.07 -19.19 -15.67
N ASP B 17 -36.38 -19.25 -14.52
CA ASP B 17 -35.36 -20.28 -14.17
C ASP B 17 -34.27 -20.35 -15.26
N SER B 18 -33.86 -19.19 -15.81
CA SER B 18 -32.69 -19.09 -16.72
C SER B 18 -31.41 -18.86 -15.90
N THR B 19 -31.57 -18.58 -14.60
CA THR B 19 -30.40 -18.42 -13.69
C THR B 19 -30.47 -19.35 -12.48
N THR B 20 -29.34 -19.53 -11.80
CA THR B 20 -29.26 -20.37 -10.59
C THR B 20 -28.06 -19.88 -9.80
N GLU B 21 -27.96 -20.28 -8.53
CA GLU B 21 -26.85 -19.89 -7.63
C GLU B 21 -26.43 -21.14 -6.87
N ILE B 22 -25.13 -21.30 -6.62
CA ILE B 22 -24.66 -22.42 -5.77
C ILE B 22 -23.79 -21.76 -4.71
N GLU B 23 -23.67 -22.43 -3.59
CA GLU B 23 -22.78 -21.92 -2.53
C GLU B 23 -22.08 -23.13 -1.94
N LEU B 24 -20.82 -22.96 -1.50
N LEU B 24 -20.86 -22.94 -1.45
CA LEU B 24 -19.96 -24.03 -0.96
CA LEU B 24 -20.19 -23.97 -0.64
C LEU B 24 -18.88 -23.42 -0.07
C LEU B 24 -18.98 -23.35 0.05
N TYR B 25 -18.46 -24.14 0.98
CA TYR B 25 -17.21 -23.89 1.72
C TYR B 25 -16.18 -24.92 1.27
N LEU B 26 -14.96 -24.46 1.09
CA LEU B 26 -13.76 -25.32 1.07
C LEU B 26 -13.00 -25.09 2.37
N GLU B 27 -12.83 -26.14 3.14
CA GLU B 27 -12.01 -26.10 4.36
C GLU B 27 -10.54 -26.14 3.94
N PRO B 28 -9.60 -25.59 4.74
CA PRO B 28 -8.20 -25.52 4.34
C PRO B 28 -7.52 -26.89 4.43
N ARG B 29 -6.58 -27.08 3.52
CA ARG B 29 -5.73 -28.29 3.41
C ARG B 29 -4.28 -27.85 3.56
N MET B 30 -3.92 -27.47 4.77
CA MET B 30 -2.57 -26.98 5.13
C MET B 30 -1.59 -28.13 5.36
N GLY B 31 -2.06 -29.38 5.33
CA GLY B 31 -1.25 -30.60 5.52
C GLY B 31 -1.86 -31.56 6.54
N ILE B 32 -2.24 -31.08 7.70
CA ILE B 32 -3.10 -31.87 8.63
C ILE B 32 -4.52 -31.62 8.15
N ASN B 33 -5.03 -32.53 7.32
CA ASN B 33 -6.21 -32.29 6.46
C ASN B 33 -7.47 -32.96 7.04
N SER B 34 -7.37 -33.54 8.22
CA SER B 34 -8.51 -34.25 8.86
C SER B 34 -8.51 -33.97 10.35
N PRO B 35 -9.68 -33.64 10.96
CA PRO B 35 -9.77 -33.52 12.41
C PRO B 35 -9.96 -34.88 13.12
N THR B 36 -9.25 -35.90 12.64
CA THR B 36 -9.26 -37.27 13.21
C THR B 36 -7.83 -37.81 13.19
N GLY B 37 -7.47 -38.59 14.21
CA GLY B 37 -6.21 -39.35 14.24
C GLY B 37 -5.21 -38.68 15.16
N ASP B 38 -3.94 -39.07 15.02
CA ASP B 38 -2.83 -38.67 15.93
C ASP B 38 -2.75 -37.15 16.01
N LYS B 39 -2.86 -36.47 14.86
CA LYS B 39 -2.49 -35.03 14.71
C LYS B 39 -3.73 -34.17 14.62
N LYS B 40 -4.92 -34.70 14.92
CA LYS B 40 -6.21 -33.96 14.80
C LYS B 40 -6.20 -32.61 15.53
N GLU B 41 -5.47 -32.46 16.65
CA GLU B 41 -5.31 -31.17 17.38
C GLU B 41 -4.85 -30.06 16.42
N TRP B 42 -4.11 -30.38 15.36
CA TRP B 42 -3.52 -29.38 14.44
C TRP B 42 -4.28 -29.31 13.12
N TYR B 43 -5.53 -29.75 13.12
CA TYR B 43 -6.39 -29.60 11.92
C TYR B 43 -6.38 -28.13 11.52
N GLY B 44 -6.16 -27.89 10.24
CA GLY B 44 -6.18 -26.53 9.64
C GLY B 44 -4.82 -25.84 9.70
N TYR B 45 -3.81 -26.56 10.18
CA TYR B 45 -2.39 -26.16 10.21
C TYR B 45 -1.59 -27.21 9.46
N SER B 46 -0.35 -26.88 9.10
CA SER B 46 0.64 -27.86 8.60
C SER B 46 1.28 -28.57 9.81
N GLU B 47 1.96 -29.67 9.53
CA GLU B 47 2.96 -30.26 10.46
C GLU B 47 4.08 -29.23 10.62
N VAL B 48 4.85 -29.35 11.71
CA VAL B 48 5.97 -28.43 12.00
C VAL B 48 6.99 -28.60 10.87
N ILE B 49 7.60 -27.50 10.43
CA ILE B 49 8.66 -27.46 9.40
C ILE B 49 9.93 -26.89 10.01
N HIS B 50 11.08 -27.52 9.70
CA HIS B 50 12.44 -27.12 10.09
C HIS B 50 13.27 -26.94 8.81
N HIS B 51 14.34 -26.16 8.90
CA HIS B 51 15.13 -25.68 7.74
C HIS B 51 15.70 -26.86 6.94
N ALA B 52 16.05 -27.98 7.57
CA ALA B 52 16.74 -29.09 6.86
C ALA B 52 15.75 -30.17 6.38
N ASP B 53 14.46 -30.00 6.68
CA ASP B 53 13.43 -30.99 6.25
C ASP B 53 13.50 -31.03 4.71
N GLY B 54 13.39 -32.20 4.10
CA GLY B 54 13.60 -32.37 2.65
C GLY B 54 15.07 -32.48 2.26
N TYR B 55 16.04 -32.26 3.16
CA TYR B 55 17.49 -32.51 2.91
C TYR B 55 18.02 -33.61 3.84
N ASP B 56 17.89 -33.43 5.16
CA ASP B 56 18.36 -34.42 6.17
C ASP B 56 17.32 -35.54 6.32
N ASN B 57 16.12 -35.36 5.78
CA ASN B 57 14.99 -36.31 5.97
C ASN B 57 14.09 -36.14 4.77
N ASN B 58 13.01 -36.91 4.71
CA ASN B 58 12.02 -36.81 3.62
C ASN B 58 10.94 -35.84 4.06
N LEU B 59 10.68 -34.80 3.26
CA LEU B 59 9.60 -33.81 3.50
C LEU B 59 8.27 -34.56 3.48
N LEU B 60 7.45 -34.41 4.49
CA LEU B 60 6.15 -35.12 4.55
C LEU B 60 5.07 -34.31 3.84
N SER B 61 4.10 -35.02 3.25
CA SER B 61 2.85 -34.42 2.72
C SER B 61 2.21 -33.53 3.76
N ILE B 62 2.29 -33.91 5.05
CA ILE B 62 1.59 -33.14 6.12
C ILE B 62 2.30 -31.80 6.38
N GLN B 63 3.53 -31.62 5.88
CA GLN B 63 4.33 -30.37 6.02
C GLN B 63 4.13 -29.47 4.80
N MET B 64 3.25 -29.83 3.87
CA MET B 64 3.10 -29.09 2.60
C MET B 64 1.65 -28.63 2.46
N PRO B 65 1.36 -27.31 2.59
CA PRO B 65 0.05 -26.78 2.27
C PRO B 65 -0.35 -27.10 0.83
N GLN B 66 -1.63 -27.38 0.63
CA GLN B 66 -2.20 -27.94 -0.61
C GLN B 66 -3.43 -27.11 -0.99
N TYR B 67 -3.80 -27.20 -2.26
CA TYR B 67 -5.02 -26.58 -2.82
C TYR B 67 -6.23 -27.37 -2.34
N SER B 68 -7.30 -26.65 -2.04
CA SER B 68 -8.64 -27.21 -1.83
C SER B 68 -9.35 -27.19 -3.18
N CYS B 69 -10.30 -28.10 -3.40
CA CYS B 69 -11.12 -28.07 -4.63
C CYS B 69 -12.36 -28.93 -4.42
N ALA B 70 -13.41 -28.62 -5.16
CA ALA B 70 -14.67 -29.39 -5.18
C ALA B 70 -15.32 -29.21 -6.54
N ARG B 71 -16.07 -30.24 -6.97
CA ARG B 71 -17.00 -30.13 -8.11
C ARG B 71 -18.41 -30.03 -7.52
N VAL B 72 -19.20 -29.06 -7.97
CA VAL B 72 -20.62 -28.91 -7.54
C VAL B 72 -21.50 -29.33 -8.72
N GLN B 73 -22.44 -30.20 -8.45
CA GLN B 73 -23.40 -30.67 -9.49
C GLN B 73 -24.43 -29.56 -9.69
N LEU B 74 -24.71 -29.17 -10.93
CA LEU B 74 -25.74 -28.14 -11.26
C LEU B 74 -27.01 -28.82 -11.76
N PRO B 75 -28.14 -28.09 -11.86
CA PRO B 75 -29.33 -28.61 -12.51
C PRO B 75 -29.02 -29.11 -13.92
N MET B 76 -29.44 -30.32 -14.25
CA MET B 76 -28.98 -30.97 -15.49
C MET B 76 -29.74 -30.32 -16.66
N LEU B 77 -29.01 -30.04 -17.74
CA LEU B 77 -29.57 -29.34 -18.92
C LEU B 77 -29.56 -30.34 -20.06
N ASN B 78 -30.32 -30.11 -21.12
CA ASN B 78 -30.28 -30.93 -22.35
C ASN B 78 -30.81 -32.35 -22.09
N THR B 79 -31.60 -32.57 -21.03
CA THR B 79 -32.09 -33.92 -20.63
C THR B 79 -33.61 -33.99 -20.81
N THR B 85 -31.62 -26.27 -29.38
CA THR B 85 -30.57 -25.46 -28.73
C THR B 85 -29.87 -26.31 -27.67
N LEU B 86 -28.57 -26.61 -27.86
CA LEU B 86 -27.72 -27.14 -26.74
C LEU B 86 -27.48 -25.99 -25.73
N MET B 87 -27.42 -26.31 -24.45
CA MET B 87 -27.34 -25.28 -23.38
C MET B 87 -26.24 -25.68 -22.41
N MET B 88 -25.55 -24.68 -21.86
CA MET B 88 -24.59 -24.89 -20.76
C MET B 88 -24.84 -23.79 -19.73
N TRP B 89 -24.59 -24.13 -18.48
CA TRP B 89 -24.49 -23.16 -17.37
C TRP B 89 -23.22 -22.35 -17.58
N GLU B 90 -23.35 -21.05 -17.42
CA GLU B 90 -22.22 -20.10 -17.59
C GLU B 90 -22.09 -19.37 -16.26
N ALA B 91 -20.94 -19.49 -15.61
CA ALA B 91 -20.69 -18.78 -14.33
C ALA B 91 -20.42 -17.30 -14.65
N VAL B 92 -21.23 -16.41 -14.09
CA VAL B 92 -21.24 -14.97 -14.46
C VAL B 92 -20.45 -14.19 -13.39
N SER B 93 -20.66 -14.52 -12.13
CA SER B 93 -20.13 -13.75 -10.98
C SER B 93 -20.04 -14.63 -9.75
N CYS B 94 -19.22 -14.21 -8.80
CA CYS B 94 -19.18 -14.89 -7.50
C CYS B 94 -18.87 -13.90 -6.39
N LYS B 95 -19.33 -14.27 -5.19
CA LYS B 95 -18.91 -13.64 -3.93
C LYS B 95 -18.06 -14.71 -3.28
N THR B 96 -16.89 -14.34 -2.83
CA THR B 96 -16.01 -15.26 -2.10
C THR B 96 -15.48 -14.50 -0.89
N GLU B 97 -15.16 -15.25 0.14
CA GLU B 97 -14.82 -14.68 1.47
C GLU B 97 -13.96 -15.70 2.22
N ILE B 98 -12.91 -15.22 2.86
CA ILE B 98 -12.14 -16.00 3.86
C ILE B 98 -12.87 -15.84 5.18
N VAL B 99 -13.24 -16.96 5.80
CA VAL B 99 -14.05 -16.93 7.05
C VAL B 99 -13.15 -17.24 8.25
N GLY B 100 -13.35 -16.49 9.33
CA GLY B 100 -12.63 -16.63 10.60
C GLY B 100 -11.40 -15.75 10.68
N ILE B 101 -11.39 -14.63 9.97
CA ILE B 101 -10.25 -13.66 9.98
C ILE B 101 -10.05 -13.17 11.43
N GLY B 102 -11.11 -12.90 12.17
CA GLY B 102 -10.98 -12.38 13.54
C GLY B 102 -10.19 -13.31 14.44
N SER B 103 -10.21 -14.61 14.18
CA SER B 103 -9.42 -15.60 14.96
C SER B 103 -7.91 -15.29 14.85
N LEU B 104 -7.48 -14.51 13.84
CA LEU B 104 -6.03 -14.17 13.65
C LEU B 104 -5.59 -13.09 14.65
N ILE B 105 -6.48 -12.58 15.51
CA ILE B 105 -6.07 -11.60 16.54
C ILE B 105 -5.45 -12.34 17.73
N SER B 106 -5.56 -13.67 17.84
CA SER B 106 -5.19 -14.38 19.08
C SER B 106 -3.72 -14.11 19.37
N VAL B 107 -3.42 -13.74 20.60
CA VAL B 107 -2.03 -13.69 21.12
C VAL B 107 -1.91 -14.66 22.31
N HIS B 108 -2.70 -15.73 22.30
CA HIS B 108 -2.55 -16.84 23.29
C HIS B 108 -2.50 -18.16 22.53
N LEU B 109 -1.77 -18.18 21.42
CA LEU B 109 -1.68 -19.38 20.57
C LEU B 109 -0.93 -20.47 21.34
N LEU B 110 -1.55 -21.64 21.46
CA LEU B 110 -1.01 -22.88 22.06
C LEU B 110 0.38 -23.16 21.46
N GLU B 111 1.38 -23.36 22.33
CA GLU B 111 2.77 -23.79 21.99
C GLU B 111 3.56 -22.68 21.28
N ALA B 112 3.03 -21.47 21.13
CA ALA B 112 3.67 -20.42 20.31
C ALA B 112 4.67 -19.64 21.16
N LYS B 113 5.77 -19.26 20.52
CA LYS B 113 6.83 -18.36 21.02
C LYS B 113 6.19 -17.15 21.70
N MET B 114 6.75 -16.76 22.84
CA MET B 114 6.36 -15.54 23.59
C MET B 114 7.00 -14.31 22.92
N ALA B 115 6.23 -13.25 22.66
CA ALA B 115 6.74 -11.96 22.15
C ALA B 115 7.05 -11.04 23.35
N ALA B 116 8.19 -11.23 24.00
CA ALA B 116 8.65 -10.45 25.18
C ALA B 116 10.10 -10.85 25.49
N LYS B 117 10.85 -9.99 26.20
CA LYS B 117 12.23 -10.30 26.68
C LYS B 117 12.19 -11.49 27.63
N GLU B 118 13.35 -12.13 27.85
CA GLU B 118 13.50 -13.28 28.79
C GLU B 118 13.04 -12.80 30.18
N GLY B 119 12.21 -13.60 30.85
CA GLY B 119 11.68 -13.26 32.18
C GLY B 119 10.40 -12.46 32.11
N GLY B 120 9.90 -12.21 30.89
CA GLY B 120 8.62 -11.52 30.66
C GLY B 120 7.46 -12.48 30.69
N ASP B 121 6.25 -11.94 30.64
CA ASP B 121 4.99 -12.72 30.56
C ASP B 121 4.17 -12.04 29.46
N GLY B 122 4.74 -11.95 28.27
CA GLY B 122 4.09 -11.22 27.16
C GLY B 122 3.08 -12.09 26.45
N PRO B 123 2.46 -11.55 25.39
CA PRO B 123 1.56 -12.33 24.56
C PRO B 123 2.36 -13.36 23.76
N SER B 124 1.68 -14.27 23.09
CA SER B 124 2.31 -15.11 22.04
C SER B 124 2.53 -14.24 20.82
N GLN B 125 3.49 -14.61 19.97
CA GLN B 125 3.52 -14.14 18.57
C GLN B 125 2.20 -14.55 17.92
N PRO B 126 1.47 -13.63 17.26
CA PRO B 126 0.25 -13.99 16.56
C PRO B 126 0.61 -14.59 15.19
N ILE B 127 -0.40 -15.06 14.49
CA ILE B 127 -0.22 -15.55 13.10
C ILE B 127 0.29 -14.37 12.28
N GLU B 128 1.40 -14.57 11.57
CA GLU B 128 1.96 -13.52 10.70
C GLU B 128 2.86 -14.23 9.67
N GLY B 129 3.41 -13.49 8.73
CA GLY B 129 4.26 -14.10 7.71
C GLY B 129 3.45 -14.42 6.47
N MET B 130 4.02 -15.24 5.60
CA MET B 130 3.60 -15.39 4.20
C MET B 130 2.11 -15.71 4.09
N ASN B 131 1.46 -14.91 3.27
CA ASN B 131 0.03 -15.02 2.91
C ASN B 131 -0.02 -15.46 1.45
N TYR B 132 -0.72 -16.54 1.16
CA TYR B 132 -0.95 -17.03 -0.21
C TYR B 132 -2.42 -17.23 -0.35
N HIS B 133 -3.06 -16.45 -1.19
CA HIS B 133 -4.53 -16.44 -1.34
C HIS B 133 -4.86 -16.60 -2.81
N MET B 134 -5.65 -17.62 -3.12
CA MET B 134 -6.06 -17.90 -4.51
C MET B 134 -7.45 -18.47 -4.45
N PHE B 135 -8.33 -17.99 -5.32
CA PHE B 135 -9.60 -18.68 -5.60
C PHE B 135 -9.74 -18.82 -7.11
N ALA B 136 -10.49 -19.84 -7.51
CA ALA B 136 -10.80 -20.08 -8.92
C ALA B 136 -12.19 -20.70 -9.06
N VAL B 137 -12.82 -20.34 -10.16
CA VAL B 137 -14.15 -20.86 -10.56
C VAL B 137 -14.01 -21.21 -12.03
N GLY B 138 -14.41 -22.43 -12.36
CA GLY B 138 -14.27 -22.93 -13.76
C GLY B 138 -15.33 -23.93 -14.13
N GLY B 139 -15.44 -24.20 -15.43
CA GLY B 139 -16.36 -25.22 -15.95
C GLY B 139 -15.68 -26.57 -16.09
N GLU B 140 -14.43 -26.67 -15.63
CA GLU B 140 -13.66 -27.92 -15.64
C GLU B 140 -12.54 -27.77 -14.62
N PRO B 141 -11.86 -28.85 -14.20
CA PRO B 141 -10.81 -28.71 -13.21
C PRO B 141 -9.76 -27.69 -13.64
N LEU B 142 -9.20 -27.01 -12.65
CA LEU B 142 -8.13 -26.00 -12.87
C LEU B 142 -6.86 -26.69 -13.35
N ASP B 143 -6.28 -26.15 -14.43
CA ASP B 143 -4.98 -26.59 -15.00
C ASP B 143 -3.85 -26.09 -14.09
N LEU B 144 -2.93 -27.00 -13.75
CA LEU B 144 -1.73 -26.71 -12.93
C LEU B 144 -0.43 -26.92 -13.72
N GLN B 145 0.53 -26.06 -13.40
CA GLN B 145 1.93 -26.12 -13.86
C GLN B 145 2.83 -26.36 -12.65
N GLY B 146 3.70 -27.37 -12.76
CA GLY B 146 4.66 -27.79 -11.72
C GLY B 146 5.92 -26.96 -11.76
N ILE B 147 6.51 -26.77 -10.59
CA ILE B 147 7.83 -26.13 -10.39
C ILE B 147 8.47 -26.70 -9.11
N GLU B 148 9.75 -26.46 -8.91
CA GLU B 148 10.42 -26.75 -7.62
C GLU B 148 11.29 -25.54 -7.29
N SER B 149 11.27 -25.08 -6.03
CA SER B 149 12.28 -24.11 -5.51
C SER B 149 13.65 -24.80 -5.45
N ASN B 150 13.68 -26.07 -5.01
CA ASN B 150 14.91 -26.91 -5.00
C ASN B 150 14.61 -28.27 -5.65
N ALA B 151 15.15 -28.51 -6.83
CA ALA B 151 14.76 -29.67 -7.66
C ALA B 151 15.01 -30.99 -6.88
N LEU B 152 16.05 -31.05 -6.06
CA LEU B 152 16.46 -32.34 -5.42
C LEU B 152 15.90 -32.48 -3.99
N THR B 153 14.93 -31.67 -3.58
CA THR B 153 14.18 -31.87 -2.33
C THR B 153 13.73 -33.33 -2.29
N LYS B 154 13.96 -33.97 -1.14
CA LYS B 154 13.53 -35.36 -0.88
C LYS B 154 12.11 -35.35 -0.36
N TYR B 155 11.19 -36.08 -0.99
CA TYR B 155 9.78 -36.17 -0.57
C TYR B 155 9.51 -37.57 0.01
N ALA B 156 8.74 -37.66 1.10
CA ALA B 156 8.24 -38.94 1.64
C ALA B 156 7.17 -39.48 0.67
N SER B 157 6.99 -40.82 0.64
CA SER B 157 6.01 -41.57 -0.21
C SER B 157 5.02 -42.35 0.66
N ALA B 158 3.82 -41.80 0.90
CA ALA B 158 2.78 -42.35 1.80
C ALA B 158 1.91 -43.38 1.04
N ILE B 159 1.24 -44.28 1.77
CA ILE B 159 0.25 -45.28 1.23
C ILE B 159 -1.08 -45.08 1.95
N PRO B 160 -2.18 -44.78 1.20
CA PRO B 160 -2.10 -44.41 -0.22
C PRO B 160 -1.35 -43.09 -0.32
N PRO B 161 -0.78 -42.71 -1.49
CA PRO B 161 -0.04 -41.45 -1.64
C PRO B 161 -0.91 -40.26 -1.19
N LYS B 162 -0.32 -39.34 -0.43
CA LYS B 162 -1.06 -38.20 0.17
C LYS B 162 -0.93 -36.95 -0.74
N THR B 163 0.11 -36.86 -1.58
CA THR B 163 0.32 -35.73 -2.51
C THR B 163 0.89 -36.24 -3.84
N ILE B 164 0.83 -35.39 -4.85
CA ILE B 164 1.56 -35.65 -6.12
C ILE B 164 2.52 -34.50 -6.39
N HIS B 165 3.69 -34.81 -6.92
CA HIS B 165 4.81 -33.86 -7.20
C HIS B 165 5.04 -33.78 -8.69
N PRO B 166 5.49 -32.60 -9.19
CA PRO B 166 5.73 -32.38 -10.61
C PRO B 166 6.54 -33.51 -11.29
N ASN B 167 7.57 -34.04 -10.62
CA ASN B 167 8.42 -35.09 -11.26
C ASN B 167 7.67 -36.44 -11.32
N ASP B 168 6.63 -36.66 -10.51
CA ASP B 168 5.69 -37.80 -10.65
C ASP B 168 5.14 -37.80 -12.08
N ILE B 169 4.99 -36.64 -12.71
CA ILE B 169 4.42 -36.53 -14.08
C ILE B 169 5.55 -36.36 -15.10
N ALA B 170 6.52 -35.49 -14.85
CA ALA B 170 7.64 -35.20 -15.78
C ALA B 170 8.59 -36.41 -15.90
N LYS B 171 8.75 -37.20 -14.83
CA LYS B 171 9.61 -38.42 -14.79
C LYS B 171 11.02 -38.08 -15.29
N LEU B 172 11.58 -36.99 -14.81
CA LEU B 172 12.96 -36.57 -15.15
C LEU B 172 13.88 -37.43 -14.29
N ALA B 173 14.99 -37.86 -14.90
CA ALA B 173 16.16 -38.49 -14.25
C ALA B 173 16.83 -37.46 -13.33
N GLU B 174 17.55 -37.92 -12.31
CA GLU B 174 18.12 -37.03 -11.25
C GLU B 174 18.96 -35.92 -11.90
N GLU B 175 19.71 -36.20 -12.97
CA GLU B 175 20.60 -35.19 -13.64
C GLU B 175 19.75 -34.14 -14.37
N GLU B 176 18.49 -34.46 -14.69
CA GLU B 176 17.59 -33.55 -15.45
C GLU B 176 16.70 -32.73 -14.51
N LYS B 177 16.55 -33.15 -13.26
CA LYS B 177 15.52 -32.56 -12.38
C LYS B 177 15.74 -31.05 -12.18
N PRO B 178 16.97 -30.48 -12.25
CA PRO B 178 17.14 -29.03 -12.12
C PRO B 178 16.36 -28.19 -13.15
N GLN B 179 15.97 -28.79 -14.27
CA GLN B 179 15.00 -28.17 -15.22
C GLN B 179 13.76 -27.67 -14.46
N LEU B 180 13.33 -28.38 -13.42
CA LEU B 180 12.11 -28.05 -12.63
C LEU B 180 12.18 -26.73 -11.87
N GLN B 181 13.37 -26.14 -11.69
CA GLN B 181 13.56 -24.79 -11.09
C GLN B 181 13.14 -23.70 -12.11
N GLY B 182 13.02 -24.09 -13.38
CA GLY B 182 12.40 -23.25 -14.43
C GLY B 182 11.06 -23.78 -14.83
N LEU B 183 10.79 -23.84 -16.13
CA LEU B 183 9.47 -24.26 -16.66
C LEU B 183 9.67 -25.55 -17.45
N VAL B 184 9.19 -26.66 -16.91
CA VAL B 184 9.15 -27.98 -17.60
C VAL B 184 7.73 -28.14 -18.14
N PRO B 185 7.55 -28.11 -19.48
CA PRO B 185 6.22 -28.23 -20.07
C PRO B 185 5.50 -29.55 -19.76
N LYS B 186 6.21 -30.66 -19.59
CA LYS B 186 5.58 -31.97 -19.26
C LYS B 186 4.99 -31.94 -17.85
N ALA B 187 5.41 -31.02 -16.98
CA ALA B 187 5.00 -31.01 -15.55
C ALA B 187 3.66 -30.27 -15.43
N LYS B 188 2.62 -30.93 -15.92
CA LYS B 188 1.24 -30.37 -15.99
C LYS B 188 0.29 -31.36 -15.35
N ALA B 189 -0.74 -30.85 -14.66
CA ALA B 189 -1.78 -31.68 -14.05
C ALA B 189 -3.07 -30.86 -14.00
N ARG B 190 -4.13 -31.51 -13.57
N ARG B 190 -4.14 -31.52 -13.60
CA ARG B 190 -5.44 -30.88 -13.31
CA ARG B 190 -5.47 -30.91 -13.32
C ARG B 190 -5.68 -30.95 -11.80
C ARG B 190 -5.67 -30.95 -11.80
N LEU B 191 -6.25 -29.90 -11.23
CA LEU B 191 -6.61 -29.86 -9.80
C LEU B 191 -7.88 -30.69 -9.63
N ASP B 192 -7.69 -32.01 -9.53
CA ASP B 192 -8.78 -33.03 -9.59
C ASP B 192 -8.84 -33.82 -8.28
N LYS B 193 -8.19 -33.34 -7.23
CA LYS B 193 -8.23 -34.00 -5.92
C LYS B 193 -7.91 -32.94 -4.85
N ASP B 194 -8.82 -32.78 -3.90
CA ASP B 194 -8.70 -31.90 -2.72
C ASP B 194 -7.56 -32.41 -1.82
N GLY B 195 -6.76 -31.53 -1.23
CA GLY B 195 -5.65 -31.93 -0.36
C GLY B 195 -4.71 -32.91 -1.06
N PHE B 196 -4.15 -32.54 -2.21
CA PHE B 196 -3.28 -33.47 -2.95
C PHE B 196 -2.16 -32.73 -3.69
N TYR B 197 -2.44 -31.54 -4.22
CA TYR B 197 -1.47 -30.74 -4.98
C TYR B 197 -0.87 -29.68 -4.05
N PRO B 198 0.42 -29.81 -3.69
CA PRO B 198 1.13 -28.79 -2.90
C PRO B 198 1.30 -27.41 -3.58
N ILE B 199 0.95 -26.37 -2.83
CA ILE B 199 1.09 -24.95 -3.30
C ILE B 199 2.53 -24.66 -3.69
N GLU B 200 3.51 -25.24 -2.98
CA GLU B 200 4.95 -24.97 -3.20
C GLU B 200 5.48 -25.66 -4.46
N GLU B 201 4.70 -26.53 -5.12
CA GLU B 201 5.14 -27.17 -6.37
C GLU B 201 4.17 -26.89 -7.53
N TRP B 202 2.97 -26.40 -7.29
CA TRP B 202 1.93 -26.28 -8.36
C TRP B 202 1.34 -24.87 -8.35
N SER B 203 1.22 -24.30 -9.54
CA SER B 203 0.61 -22.97 -9.81
C SER B 203 -0.48 -23.16 -10.84
N PRO B 204 -1.48 -22.26 -10.89
CA PRO B 204 -2.44 -22.25 -12.00
C PRO B 204 -1.61 -22.13 -13.27
N ASP B 205 -1.94 -22.94 -14.29
CA ASP B 205 -1.27 -22.94 -15.60
C ASP B 205 -1.86 -21.81 -16.46
N PRO B 206 -1.15 -20.70 -16.68
CA PRO B 206 -1.70 -19.61 -17.48
C PRO B 206 -1.78 -19.98 -18.97
N SER B 207 -1.09 -21.05 -19.40
CA SER B 207 -1.10 -21.52 -20.82
C SER B 207 -2.37 -22.36 -21.09
N ARG B 208 -3.15 -22.65 -20.07
CA ARG B 208 -4.45 -23.36 -20.25
C ARG B 208 -5.52 -22.53 -19.54
N ASN B 209 -6.44 -23.17 -18.83
CA ASN B 209 -7.46 -22.47 -18.02
C ASN B 209 -8.24 -21.51 -18.89
N GLU B 210 -8.57 -21.90 -20.12
CA GLU B 210 -9.40 -21.05 -21.03
C GLU B 210 -10.83 -21.02 -20.48
N ASN B 211 -11.22 -22.01 -19.68
CA ASN B 211 -12.61 -22.21 -19.21
C ASN B 211 -12.66 -22.07 -17.69
N SER B 212 -11.64 -21.47 -17.08
CA SER B 212 -11.59 -21.14 -15.63
C SER B 212 -11.23 -19.66 -15.45
N ARG B 213 -11.56 -19.11 -14.30
CA ARG B 213 -11.01 -17.80 -13.88
C ARG B 213 -10.33 -17.99 -12.52
N TYR B 214 -9.06 -17.62 -12.42
CA TYR B 214 -8.34 -17.69 -11.12
C TYR B 214 -7.74 -16.32 -10.77
N PHE B 215 -7.69 -16.07 -9.45
CA PHE B 215 -7.30 -14.77 -8.85
C PHE B 215 -6.39 -15.08 -7.67
N GLY B 216 -5.16 -14.59 -7.69
CA GLY B 216 -4.13 -14.99 -6.71
C GLY B 216 -3.35 -13.79 -6.21
N SER B 217 -2.93 -13.86 -4.95
N SER B 217 -3.00 -13.79 -4.93
CA SER B 217 -2.09 -12.84 -4.29
CA SER B 217 -2.04 -12.81 -4.35
C SER B 217 -1.11 -13.54 -3.35
C SER B 217 -1.10 -13.55 -3.38
N PHE B 218 0.15 -13.12 -3.34
CA PHE B 218 1.14 -13.65 -2.40
C PHE B 218 1.89 -12.49 -1.78
N VAL B 219 2.02 -12.52 -0.47
CA VAL B 219 2.97 -11.65 0.27
C VAL B 219 3.86 -12.56 1.10
N GLY B 220 5.17 -12.54 0.82
CA GLY B 220 6.08 -13.50 1.46
C GLY B 220 6.70 -13.03 2.77
N GLY B 221 7.75 -13.74 3.15
CA GLY B 221 8.52 -13.53 4.39
C GLY B 221 7.84 -14.17 5.58
N LEU B 222 8.50 -14.10 6.73
CA LEU B 222 8.03 -14.75 7.99
C LEU B 222 7.41 -13.76 8.96
N ASN B 223 7.65 -12.46 8.81
CA ASN B 223 7.24 -11.47 9.83
C ASN B 223 6.15 -10.53 9.29
N THR B 224 5.75 -10.70 8.05
CA THR B 224 4.80 -9.76 7.39
C THR B 224 3.42 -9.80 8.05
N PRO B 225 2.80 -8.64 8.36
CA PRO B 225 1.41 -8.60 8.83
C PRO B 225 0.44 -9.18 7.81
N PRO B 226 -0.40 -10.16 8.15
CA PRO B 226 -1.49 -10.57 7.28
C PRO B 226 -2.42 -9.37 7.09
N ASN B 227 -2.88 -9.15 5.87
CA ASN B 227 -3.65 -7.97 5.42
C ASN B 227 -4.83 -8.51 4.63
N LEU B 228 -6.02 -8.54 5.22
CA LEU B 228 -7.17 -9.31 4.69
C LEU B 228 -8.43 -8.48 4.85
N GLN B 229 -9.29 -8.54 3.86
CA GLN B 229 -10.58 -7.84 3.90
C GLN B 229 -11.68 -8.88 3.83
N PHE B 230 -12.84 -8.52 4.35
CA PHE B 230 -14.04 -9.35 4.29
C PHE B 230 -15.24 -8.44 4.07
N THR B 231 -16.11 -8.85 3.16
CA THR B 231 -17.31 -8.09 2.85
C THR B 231 -18.27 -9.02 2.12
N ASN B 232 -19.56 -8.72 2.14
CA ASN B 232 -20.53 -9.34 1.23
C ASN B 232 -21.01 -8.32 0.20
N ALA B 233 -20.36 -7.16 0.08
CA ALA B 233 -20.82 -6.08 -0.81
C ALA B 233 -19.99 -6.05 -2.10
N VAL B 234 -19.05 -6.99 -2.30
CA VAL B 234 -18.19 -7.04 -3.51
C VAL B 234 -18.52 -8.30 -4.30
N THR B 235 -18.66 -8.15 -5.62
CA THR B 235 -18.95 -9.25 -6.56
C THR B 235 -17.76 -9.33 -7.52
N THR B 236 -17.19 -10.50 -7.71
CA THR B 236 -16.12 -10.75 -8.68
C THR B 236 -16.78 -11.19 -9.98
N VAL B 237 -16.57 -10.45 -11.06
CA VAL B 237 -17.14 -10.79 -12.41
C VAL B 237 -16.26 -11.88 -13.02
N LEU B 238 -16.89 -12.93 -13.53
CA LEU B 238 -16.18 -14.06 -14.17
C LEU B 238 -16.24 -13.98 -15.71
N LEU B 239 -16.87 -12.95 -16.29
CA LEU B 239 -16.98 -12.80 -17.76
C LEU B 239 -15.63 -12.41 -18.34
N ASP B 240 -15.28 -12.94 -19.50
CA ASP B 240 -14.06 -12.54 -20.26
C ASP B 240 -14.36 -11.29 -21.10
N GLU B 241 -13.41 -10.88 -21.95
CA GLU B 241 -13.50 -9.72 -22.87
C GLU B 241 -14.70 -9.85 -23.82
N ASN B 242 -15.12 -11.08 -24.16
CA ASN B 242 -16.33 -11.30 -25.01
C ASN B 242 -17.62 -11.38 -24.19
N GLY B 243 -17.57 -11.13 -22.87
CA GLY B 243 -18.76 -11.26 -22.00
C GLY B 243 -19.16 -12.71 -21.77
N VAL B 244 -18.23 -13.63 -21.94
CA VAL B 244 -18.50 -15.07 -21.72
C VAL B 244 -17.78 -15.54 -20.45
N GLY B 245 -18.55 -16.11 -19.55
CA GLY B 245 -18.04 -16.76 -18.33
C GLY B 245 -17.65 -18.20 -18.60
N PRO B 246 -16.98 -18.86 -17.62
CA PRO B 246 -16.79 -20.30 -17.65
C PRO B 246 -18.05 -21.11 -17.98
N LEU B 247 -17.93 -22.04 -18.92
CA LEU B 247 -19.02 -22.96 -19.35
C LEU B 247 -18.82 -24.35 -18.72
N CYS B 248 -19.84 -24.78 -17.99
CA CYS B 248 -19.75 -25.92 -17.05
C CYS B 248 -19.94 -27.22 -17.82
N LYS B 249 -18.84 -27.92 -18.05
CA LYS B 249 -18.84 -29.22 -18.79
C LYS B 249 -19.43 -30.30 -17.89
N GLY B 250 -20.43 -31.03 -18.38
CA GLY B 250 -21.08 -32.09 -17.58
C GLY B 250 -21.93 -31.53 -16.47
N ASP B 251 -22.40 -30.29 -16.61
CA ASP B 251 -23.27 -29.62 -15.61
C ASP B 251 -22.55 -29.69 -14.25
N GLY B 252 -21.23 -29.51 -14.27
CA GLY B 252 -20.42 -29.33 -13.05
C GLY B 252 -19.71 -27.97 -13.02
N LEU B 253 -19.71 -27.37 -11.84
CA LEU B 253 -18.94 -26.16 -11.50
C LEU B 253 -17.78 -26.59 -10.60
N PHE B 254 -16.56 -26.18 -10.96
CA PHE B 254 -15.32 -26.45 -10.21
C PHE B 254 -14.87 -25.19 -9.48
N VAL B 255 -14.70 -25.31 -8.16
CA VAL B 255 -14.16 -24.22 -7.31
C VAL B 255 -12.87 -24.75 -6.68
N SER B 256 -11.89 -23.86 -6.59
CA SER B 256 -10.55 -24.16 -6.05
C SER B 256 -10.13 -22.98 -5.17
N ALA B 257 -9.38 -23.28 -4.10
CA ALA B 257 -8.87 -22.25 -3.19
C ALA B 257 -7.52 -22.68 -2.60
N ALA B 258 -6.78 -21.70 -2.17
CA ALA B 258 -5.67 -21.82 -1.21
C ALA B 258 -5.67 -20.55 -0.38
N ASP B 259 -5.68 -20.68 0.94
CA ASP B 259 -5.59 -19.49 1.81
C ASP B 259 -4.64 -19.79 2.96
N ILE B 260 -3.34 -19.62 2.73
CA ILE B 260 -2.33 -19.59 3.81
C ILE B 260 -2.39 -18.19 4.40
N CYS B 261 -2.71 -18.10 5.69
CA CYS B 261 -2.95 -16.79 6.34
C CYS B 261 -1.71 -16.39 7.15
N GLY B 262 -0.70 -17.25 7.20
CA GLY B 262 0.52 -16.94 7.97
C GLY B 262 1.03 -18.19 8.64
N VAL B 263 1.98 -18.00 9.55
CA VAL B 263 2.63 -19.12 10.29
C VAL B 263 2.50 -18.83 11.77
N MET B 264 2.51 -19.88 12.57
CA MET B 264 2.79 -19.80 14.01
C MET B 264 4.22 -20.30 14.24
N VAL B 265 4.87 -19.77 15.26
CA VAL B 265 6.25 -20.11 15.66
C VAL B 265 6.21 -20.80 17.02
N LYS B 266 6.74 -22.02 17.07
CA LYS B 266 6.84 -22.90 18.27
C LYS B 266 7.87 -22.33 19.26
N ALA B 267 7.45 -22.12 20.50
CA ALA B 267 8.30 -21.62 21.60
C ALA B 267 9.57 -22.46 21.74
N ASP B 268 9.48 -23.78 21.65
CA ASP B 268 10.60 -24.62 22.13
C ASP B 268 11.74 -24.67 21.10
N ASN B 269 11.48 -24.57 19.79
CA ASN B 269 12.57 -24.67 18.79
C ASN B 269 12.42 -23.65 17.64
N GLU B 270 11.34 -22.85 17.64
CA GLU B 270 11.09 -21.75 16.67
C GLU B 270 10.83 -22.33 15.26
N ALA B 271 10.52 -23.62 15.17
CA ALA B 271 9.95 -24.23 13.94
C ALA B 271 8.57 -23.59 13.67
N ILE B 272 8.03 -23.76 12.49
CA ILE B 272 6.74 -23.09 12.19
C ILE B 272 5.69 -24.11 11.78
N ARG B 273 4.44 -23.71 11.86
CA ARG B 273 3.32 -24.37 11.17
C ARG B 273 2.63 -23.31 10.32
N TYR B 274 2.22 -23.63 9.12
CA TYR B 274 1.31 -22.78 8.34
C TYR B 274 -0.08 -22.84 9.00
N ARG B 275 -0.85 -21.76 8.90
CA ARG B 275 -2.27 -21.69 9.26
C ARG B 275 -3.10 -21.28 8.04
N GLY B 276 -4.16 -22.05 7.76
CA GLY B 276 -5.11 -21.79 6.66
C GLY B 276 -6.49 -21.46 7.20
N LEU B 277 -7.33 -20.75 6.44
CA LEU B 277 -8.73 -20.51 6.85
C LEU B 277 -9.65 -20.96 5.74
N PRO B 278 -10.90 -21.29 6.08
CA PRO B 278 -11.83 -21.77 5.07
C PRO B 278 -12.28 -20.64 4.16
N ARG B 279 -12.69 -20.99 2.94
CA ARG B 279 -13.17 -20.03 1.93
C ARG B 279 -14.61 -20.40 1.50
N TYR B 280 -15.46 -19.39 1.53
CA TYR B 280 -16.86 -19.45 1.02
C TYR B 280 -16.88 -18.99 -0.43
N PHE B 281 -17.80 -19.56 -1.19
CA PHE B 281 -18.08 -19.22 -2.61
C PHE B 281 -19.59 -19.21 -2.77
N LYS B 282 -20.09 -18.17 -3.40
CA LYS B 282 -21.45 -18.13 -3.97
C LYS B 282 -21.26 -17.74 -5.43
N VAL B 283 -21.74 -18.58 -6.33
CA VAL B 283 -21.50 -18.41 -7.77
C VAL B 283 -22.88 -18.27 -8.43
N THR B 284 -23.10 -17.20 -9.16
CA THR B 284 -24.33 -16.99 -9.98
C THR B 284 -24.11 -17.49 -11.40
N LEU B 285 -25.05 -18.27 -11.90
CA LEU B 285 -24.94 -18.84 -13.25
C LEU B 285 -26.20 -18.56 -14.07
N ARG B 286 -26.02 -18.57 -15.38
CA ARG B 286 -27.13 -18.36 -16.34
C ARG B 286 -26.98 -19.41 -17.44
N LYS B 287 -28.08 -19.73 -18.10
CA LYS B 287 -28.03 -20.70 -19.23
C LYS B 287 -27.47 -19.96 -20.46
N ARG B 288 -26.61 -20.63 -21.21
CA ARG B 288 -26.00 -20.10 -22.44
C ARG B 288 -26.21 -21.12 -23.55
N ALA B 289 -26.71 -20.68 -24.70
CA ALA B 289 -26.86 -21.57 -25.88
C ALA B 289 -25.48 -21.82 -26.49
N VAL B 290 -25.19 -23.05 -26.89
CA VAL B 290 -23.90 -23.44 -27.54
C VAL B 290 -24.19 -24.33 -28.75
N LYS B 291 -23.28 -24.34 -29.72
CA LYS B 291 -23.33 -25.20 -30.94
C LYS B 291 -22.22 -26.25 -30.79
N ASN B 292 -22.57 -27.54 -30.88
CA ASN B 292 -21.63 -28.68 -30.81
C ASN B 292 -20.92 -28.79 -32.18
N VAL C 7 -38.74 -11.95 0.71
CA VAL C 7 -39.80 -10.99 0.28
C VAL C 7 -39.59 -10.65 -1.20
N GLU C 8 -40.69 -10.48 -1.97
CA GLU C 8 -40.69 -9.90 -3.34
C GLU C 8 -40.63 -8.37 -3.23
N VAL C 9 -39.63 -7.76 -3.84
CA VAL C 9 -39.41 -6.29 -3.73
C VAL C 9 -40.07 -5.59 -4.92
N LEU C 10 -40.80 -4.51 -4.67
CA LEU C 10 -41.51 -3.71 -5.70
C LEU C 10 -40.87 -2.33 -5.77
N ASN C 11 -41.69 -1.29 -5.90
CA ASN C 11 -41.28 0.09 -6.23
C ASN C 11 -40.80 0.79 -4.97
N ILE C 12 -39.83 1.69 -5.13
CA ILE C 12 -39.49 2.74 -4.14
C ILE C 12 -40.73 3.63 -3.97
N ILE C 13 -41.11 3.92 -2.73
CA ILE C 13 -42.22 4.85 -2.40
C ILE C 13 -41.65 6.27 -2.36
N THR C 14 -42.16 7.15 -3.22
CA THR C 14 -41.76 8.57 -3.31
C THR C 14 -42.75 9.40 -2.50
N GLY C 15 -42.46 10.70 -2.38
CA GLY C 15 -43.34 11.65 -1.68
C GLY C 15 -42.63 12.29 -0.49
N PRO C 16 -43.36 13.12 0.29
CA PRO C 16 -42.84 13.65 1.55
C PRO C 16 -43.09 12.63 2.66
N ASP C 17 -42.15 12.51 3.60
CA ASP C 17 -42.20 11.52 4.72
C ASP C 17 -41.76 10.15 4.21
N SER C 18 -41.18 10.06 3.00
CA SER C 18 -40.75 8.76 2.39
C SER C 18 -39.29 8.41 2.75
N THR C 19 -38.54 9.34 3.34
CA THR C 19 -37.16 9.03 3.83
C THR C 19 -37.03 9.35 5.31
N THR C 20 -36.06 8.70 5.98
CA THR C 20 -35.69 9.02 7.38
C THR C 20 -34.21 8.73 7.56
N GLU C 21 -33.63 9.35 8.58
CA GLU C 21 -32.18 9.28 8.90
C GLU C 21 -32.08 8.84 10.37
N ILE C 22 -31.17 7.92 10.65
CA ILE C 22 -30.92 7.36 12.01
C ILE C 22 -29.45 7.68 12.29
N GLU C 23 -29.11 8.13 13.49
CA GLU C 23 -27.68 8.29 13.86
C GLU C 23 -27.47 7.76 15.28
N LEU C 24 -26.31 7.14 15.53
CA LEU C 24 -26.01 6.58 16.86
C LEU C 24 -24.54 6.22 16.91
N TYR C 25 -24.07 5.99 18.13
CA TYR C 25 -22.68 5.60 18.42
C TYR C 25 -22.71 4.20 18.98
N LEU C 26 -21.77 3.36 18.56
CA LEU C 26 -21.46 2.10 19.28
C LEU C 26 -20.12 2.31 19.97
N GLU C 27 -20.12 2.24 21.30
CA GLU C 27 -18.90 2.30 22.11
C GLU C 27 -18.18 0.95 22.03
N PRO C 28 -16.85 0.95 22.15
CA PRO C 28 -16.08 -0.29 22.00
C PRO C 28 -16.34 -1.24 23.16
N ARG C 29 -16.31 -2.52 22.83
CA ARG C 29 -16.45 -3.70 23.71
C ARG C 29 -15.20 -4.56 23.57
N MET C 30 -14.08 -4.07 24.10
CA MET C 30 -12.75 -4.71 24.03
C MET C 30 -12.59 -5.74 25.17
N GLY C 31 -13.55 -5.78 26.11
CA GLY C 31 -13.57 -6.79 27.18
C GLY C 31 -13.92 -6.17 28.51
N ILE C 32 -13.33 -5.01 28.82
CA ILE C 32 -13.75 -4.10 29.91
C ILE C 32 -14.84 -3.22 29.31
N ASN C 33 -16.09 -3.65 29.50
CA ASN C 33 -17.23 -3.18 28.67
C ASN C 33 -18.02 -2.12 29.44
N SER C 34 -17.57 -1.71 30.63
CA SER C 34 -18.27 -0.69 31.47
C SER C 34 -17.28 0.19 32.22
N PRO C 35 -17.49 1.52 32.24
CA PRO C 35 -16.72 2.43 33.08
C PRO C 35 -17.21 2.51 34.54
N THR C 36 -17.70 1.38 35.08
CA THR C 36 -18.03 1.17 36.51
C THR C 36 -17.25 -0.05 36.99
N GLY C 37 -17.00 -0.18 38.30
CA GLY C 37 -16.46 -1.43 38.88
C GLY C 37 -14.96 -1.34 39.05
N ASP C 38 -14.35 -2.42 39.59
CA ASP C 38 -12.89 -2.53 39.90
C ASP C 38 -12.06 -2.14 38.68
N LYS C 39 -12.47 -2.53 37.47
CA LYS C 39 -11.59 -2.41 36.26
C LYS C 39 -11.98 -1.19 35.42
N LYS C 40 -12.78 -0.27 35.98
CA LYS C 40 -13.40 0.84 35.21
C LYS C 40 -12.32 1.72 34.56
N GLU C 41 -11.14 1.85 35.17
CA GLU C 41 -9.99 2.65 34.65
C GLU C 41 -9.61 2.18 33.23
N TRP C 42 -9.93 0.96 32.86
CA TRP C 42 -9.48 0.39 31.57
C TRP C 42 -10.67 0.23 30.63
N TYR C 43 -11.78 0.90 30.91
CA TYR C 43 -12.90 0.90 29.94
C TYR C 43 -12.35 1.26 28.56
N GLY C 44 -12.72 0.48 27.54
CA GLY C 44 -12.30 0.75 26.17
C GLY C 44 -11.05 -0.03 25.81
N TYR C 45 -10.53 -0.80 26.76
CA TYR C 45 -9.40 -1.73 26.61
C TYR C 45 -9.88 -3.12 26.99
N SER C 46 -9.08 -4.11 26.61
CA SER C 46 -9.19 -5.48 27.14
C SER C 46 -8.44 -5.55 28.49
N GLU C 47 -8.74 -6.60 29.26
CA GLU C 47 -7.87 -7.08 30.33
C GLU C 47 -6.54 -7.53 29.68
N VAL C 48 -5.49 -7.52 30.47
CA VAL C 48 -4.12 -7.94 30.05
C VAL C 48 -4.20 -9.42 29.63
N ILE C 49 -3.44 -9.78 28.60
CA ILE C 49 -3.39 -11.14 28.00
C ILE C 49 -1.93 -11.60 27.98
N HIS C 50 -1.73 -12.84 28.42
CA HIS C 50 -0.40 -13.51 28.48
C HIS C 50 -0.46 -14.71 27.51
N HIS C 51 0.69 -15.13 26.99
CA HIS C 51 0.78 -16.21 25.98
C HIS C 51 0.08 -17.51 26.46
N ALA C 52 0.15 -17.86 27.75
CA ALA C 52 -0.35 -19.17 28.27
C ALA C 52 -1.82 -19.07 28.74
N ASP C 53 -2.43 -17.89 28.70
CA ASP C 53 -3.86 -17.73 29.09
C ASP C 53 -4.70 -18.59 28.15
N GLY C 54 -5.66 -19.34 28.71
CA GLY C 54 -6.46 -20.36 28.01
C GLY C 54 -5.80 -21.72 28.01
N TYR C 55 -4.55 -21.82 28.49
CA TYR C 55 -3.84 -23.12 28.62
C TYR C 55 -3.54 -23.41 30.10
N ASP C 56 -2.80 -22.54 30.75
CA ASP C 56 -2.44 -22.64 32.19
C ASP C 56 -3.62 -22.18 33.06
N ASN C 57 -4.60 -21.50 32.49
CA ASN C 57 -5.74 -20.88 33.23
C ASN C 57 -6.91 -20.73 32.27
N ASN C 58 -8.07 -20.32 32.77
CA ASN C 58 -9.26 -20.12 31.91
C ASN C 58 -9.21 -18.70 31.35
N LEU C 59 -9.31 -18.58 30.02
CA LEU C 59 -9.33 -17.24 29.38
C LEU C 59 -10.64 -16.55 29.78
N LEU C 60 -10.56 -15.30 30.21
CA LEU C 60 -11.69 -14.49 30.70
C LEU C 60 -12.36 -13.73 29.54
N SER C 61 -13.66 -13.49 29.67
CA SER C 61 -14.46 -12.69 28.73
C SER C 61 -13.81 -11.31 28.61
N ILE C 62 -13.33 -10.78 29.73
CA ILE C 62 -12.68 -9.44 29.77
C ILE C 62 -11.34 -9.47 29.01
N GLN C 63 -10.80 -10.63 28.62
CA GLN C 63 -9.56 -10.68 27.81
C GLN C 63 -9.88 -10.84 26.31
N MET C 64 -11.16 -10.78 25.93
CA MET C 64 -11.59 -11.15 24.56
C MET C 64 -12.41 -10.02 23.96
N PRO C 65 -11.83 -9.20 23.06
CA PRO C 65 -12.58 -8.19 22.32
C PRO C 65 -13.82 -8.79 21.66
N GLN C 66 -14.90 -8.03 21.70
CA GLN C 66 -16.24 -8.51 21.26
C GLN C 66 -16.86 -7.53 20.27
N TYR C 67 -17.80 -8.01 19.47
CA TYR C 67 -18.60 -7.14 18.55
C TYR C 67 -19.54 -6.27 19.39
N SER C 68 -19.72 -5.04 18.92
CA SER C 68 -20.75 -4.06 19.35
C SER C 68 -21.96 -4.21 18.44
N CYS C 69 -23.15 -4.02 18.97
CA CYS C 69 -24.34 -4.06 18.11
C CYS C 69 -25.48 -3.30 18.79
N ALA C 70 -26.41 -2.78 18.00
CA ALA C 70 -27.65 -2.19 18.51
C ALA C 70 -28.76 -2.51 17.51
N ARG C 71 -29.97 -2.75 18.02
CA ARG C 71 -31.21 -2.66 17.22
C ARG C 71 -31.79 -1.26 17.36
N VAL C 72 -32.14 -0.60 16.26
CA VAL C 72 -32.77 0.76 16.31
C VAL C 72 -34.21 0.63 15.80
N GLN C 73 -35.19 0.99 16.63
CA GLN C 73 -36.63 0.94 16.24
C GLN C 73 -36.88 2.08 15.27
N LEU C 74 -37.47 1.79 14.11
CA LEU C 74 -37.80 2.84 13.11
C LEU C 74 -39.27 3.21 13.23
N PRO C 75 -39.71 4.32 12.59
CA PRO C 75 -41.14 4.66 12.49
C PRO C 75 -41.94 3.49 11.90
N MET C 76 -43.02 3.09 12.59
CA MET C 76 -43.76 1.84 12.29
C MET C 76 -44.50 2.05 10.97
N LEU C 77 -44.60 1.00 10.15
CA LEU C 77 -45.29 1.02 8.84
C LEU C 77 -46.37 -0.07 8.85
N ASN C 78 -47.31 0.04 7.91
CA ASN C 78 -48.40 -0.96 7.75
C ASN C 78 -49.28 -0.87 9.00
N THR C 79 -49.47 0.37 9.50
CA THR C 79 -50.40 0.79 10.59
C THR C 79 -51.85 0.42 10.21
N ASP C 80 -52.23 0.61 8.94
CA ASP C 80 -53.42 0.04 8.22
C ASP C 80 -54.05 1.14 7.34
N LEU C 86 -48.15 -2.82 1.52
CA LEU C 86 -47.07 -3.48 2.30
C LEU C 86 -45.73 -2.75 2.07
N MET C 87 -45.19 -2.10 3.11
CA MET C 87 -44.01 -1.21 3.03
C MET C 87 -42.95 -1.68 4.03
N MET C 88 -41.66 -1.58 3.66
CA MET C 88 -40.54 -1.76 4.60
C MET C 88 -39.57 -0.59 4.44
N TRP C 89 -38.82 -0.27 5.50
CA TRP C 89 -37.71 0.71 5.43
C TRP C 89 -36.58 -0.01 4.72
N GLU C 90 -35.97 0.68 3.78
CA GLU C 90 -34.82 0.16 3.03
C GLU C 90 -33.62 1.02 3.38
N ALA C 91 -32.57 0.43 3.94
CA ALA C 91 -31.32 1.18 4.25
C ALA C 91 -30.61 1.42 2.92
N VAL C 92 -30.30 2.67 2.58
CA VAL C 92 -29.80 3.06 1.23
C VAL C 92 -28.31 3.36 1.31
N SER C 93 -27.87 4.08 2.34
CA SER C 93 -26.49 4.54 2.45
C SER C 93 -26.18 4.83 3.91
N CYS C 94 -24.91 4.96 4.24
CA CYS C 94 -24.55 5.38 5.60
C CYS C 94 -23.21 6.08 5.55
N LYS C 95 -23.03 6.95 6.52
CA LYS C 95 -21.74 7.57 6.87
C LYS C 95 -21.38 6.96 8.22
N THR C 96 -20.18 6.43 8.29
CA THR C 96 -19.64 5.82 9.52
C THR C 96 -18.24 6.41 9.69
N GLU C 97 -17.83 6.55 10.93
CA GLU C 97 -16.55 7.17 11.32
C GLU C 97 -16.06 6.53 12.62
N ILE C 98 -14.77 6.27 12.68
CA ILE C 98 -14.09 5.90 13.96
C ILE C 98 -13.72 7.22 14.62
N VAL C 99 -14.22 7.46 15.81
CA VAL C 99 -14.01 8.76 16.52
C VAL C 99 -12.92 8.59 17.57
N GLY C 100 -12.04 9.58 17.64
CA GLY C 100 -10.98 9.66 18.64
C GLY C 100 -9.67 9.15 18.09
N ILE C 101 -9.47 9.19 16.76
CA ILE C 101 -8.25 8.65 16.13
C ILE C 101 -7.01 9.45 16.58
N GLY C 102 -7.11 10.76 16.75
CA GLY C 102 -6.03 11.61 17.28
C GLY C 102 -5.47 11.15 18.63
N SER C 103 -6.30 10.51 19.46
CA SER C 103 -5.89 9.95 20.77
C SER C 103 -4.81 8.87 20.59
N LEU C 104 -4.68 8.30 19.40
CA LEU C 104 -3.71 7.22 19.12
C LEU C 104 -2.30 7.79 18.96
N ILE C 105 -2.12 9.13 18.95
CA ILE C 105 -0.75 9.72 18.88
C ILE C 105 -0.05 9.62 20.25
N SER C 106 -0.76 9.34 21.35
CA SER C 106 -0.17 9.43 22.72
C SER C 106 1.06 8.56 22.83
N VAL C 107 2.14 9.13 23.30
CA VAL C 107 3.36 8.38 23.67
C VAL C 107 3.64 8.59 25.16
N HIS C 108 2.59 8.78 25.95
CA HIS C 108 2.67 8.80 27.44
C HIS C 108 1.57 7.90 28.01
N LEU C 109 1.38 6.72 27.44
CA LEU C 109 0.34 5.77 27.89
C LEU C 109 0.68 5.24 29.29
N LEU C 110 -0.29 5.28 30.21
CA LEU C 110 -0.19 4.72 31.58
C LEU C 110 0.24 3.24 31.52
N GLU C 111 1.25 2.89 32.33
CA GLU C 111 1.76 1.49 32.55
C GLU C 111 2.44 0.94 31.29
N ALA C 112 2.61 1.75 30.23
CA ALA C 112 3.11 1.28 28.93
C ALA C 112 4.64 1.21 28.93
N LYS C 113 5.17 0.21 28.23
CA LYS C 113 6.62 -0.03 27.97
C LYS C 113 7.25 1.22 27.38
N MET C 114 8.41 1.59 27.88
CA MET C 114 9.21 2.72 27.38
C MET C 114 9.91 2.30 26.08
N ALA C 115 9.84 3.13 25.04
CA ALA C 115 10.52 2.95 23.73
C ALA C 115 11.89 3.63 23.78
N ALA C 116 12.87 3.00 24.41
CA ALA C 116 14.26 3.48 24.58
C ALA C 116 15.10 2.39 25.24
N LYS C 117 16.44 2.54 25.22
CA LYS C 117 17.40 1.63 25.90
C LYS C 117 17.26 1.81 27.41
N GLU C 118 17.63 0.78 28.18
CA GLU C 118 17.88 0.87 29.64
C GLU C 118 18.73 2.11 29.90
N GLY C 119 18.34 2.94 30.86
CA GLY C 119 19.03 4.20 31.18
C GLY C 119 18.33 5.40 30.55
N GLY C 120 17.45 5.16 29.59
CA GLY C 120 16.80 6.24 28.81
C GLY C 120 15.58 6.78 29.54
N ASP C 121 15.02 7.85 29.01
CA ASP C 121 13.74 8.44 29.48
C ASP C 121 12.91 8.75 28.22
N GLY C 122 12.62 7.72 27.43
CA GLY C 122 11.96 7.88 26.14
C GLY C 122 10.46 7.94 26.32
N PRO C 123 9.72 8.03 25.19
CA PRO C 123 8.27 8.03 25.24
C PRO C 123 7.82 6.58 25.50
N SER C 124 6.53 6.38 25.77
CA SER C 124 5.95 5.01 25.76
C SER C 124 5.87 4.54 24.30
N GLN C 125 5.76 3.23 24.14
CA GLN C 125 5.25 2.62 22.91
C GLN C 125 3.82 3.14 22.76
N PRO C 126 3.44 3.66 21.57
CA PRO C 126 2.06 4.02 21.28
C PRO C 126 1.23 2.80 20.89
N ILE C 127 -0.07 2.98 20.79
CA ILE C 127 -0.99 1.93 20.31
C ILE C 127 -0.50 1.50 18.93
N GLU C 128 -0.26 0.22 18.75
CA GLU C 128 0.11 -0.32 17.43
C GLU C 128 -0.19 -1.82 17.44
N GLY C 129 0.01 -2.48 16.30
CA GLY C 129 -0.27 -3.90 16.16
C GLY C 129 -1.65 -4.08 15.58
N MET C 130 -2.22 -5.25 15.81
CA MET C 130 -3.33 -5.81 14.99
C MET C 130 -4.53 -4.88 15.04
N ASN C 131 -5.04 -4.57 13.85
CA ASN C 131 -6.17 -3.66 13.60
C ASN C 131 -7.26 -4.54 12.96
N TYR C 132 -8.42 -4.61 13.58
CA TYR C 132 -9.64 -5.28 13.06
C TYR C 132 -10.76 -4.25 13.07
N HIS C 133 -11.27 -3.93 11.89
CA HIS C 133 -12.28 -2.88 11.67
C HIS C 133 -13.42 -3.47 10.84
N MET C 134 -14.63 -3.41 11.37
CA MET C 134 -15.80 -3.94 10.66
C MET C 134 -16.96 -3.09 11.09
N PHE C 135 -17.81 -2.75 10.14
CA PHE C 135 -19.16 -2.23 10.39
C PHE C 135 -20.11 -2.95 9.46
N ALA C 136 -21.36 -2.98 9.91
CA ALA C 136 -22.46 -3.67 9.23
C ALA C 136 -23.73 -2.88 9.49
N VAL C 137 -24.60 -2.86 8.49
CA VAL C 137 -25.97 -2.30 8.56
C VAL C 137 -26.89 -3.33 7.90
N GLY C 138 -27.98 -3.70 8.58
CA GLY C 138 -28.90 -4.72 8.07
C GLY C 138 -30.29 -4.56 8.60
N GLY C 139 -31.22 -5.29 8.02
CA GLY C 139 -32.65 -5.24 8.41
C GLY C 139 -32.99 -6.44 9.27
N GLU C 140 -31.96 -7.12 9.76
CA GLU C 140 -32.05 -8.20 10.77
C GLU C 140 -30.67 -8.35 11.37
N PRO C 141 -30.53 -9.09 12.50
CA PRO C 141 -29.23 -9.30 13.14
C PRO C 141 -28.21 -9.92 12.17
N LEU C 142 -26.97 -9.48 12.30
CA LEU C 142 -25.85 -10.01 11.51
C LEU C 142 -25.69 -11.50 11.81
N ASP C 143 -25.65 -12.33 10.78
CA ASP C 143 -25.33 -13.79 10.87
C ASP C 143 -23.83 -13.98 11.16
N LEU C 144 -23.49 -14.84 12.13
CA LEU C 144 -22.10 -15.13 12.59
C LEU C 144 -21.80 -16.62 12.42
N GLN C 145 -20.60 -16.89 11.94
CA GLN C 145 -20.02 -18.24 11.81
C GLN C 145 -18.92 -18.37 12.85
N GLY C 146 -18.85 -19.52 13.52
CA GLY C 146 -17.90 -19.76 14.61
C GLY C 146 -16.65 -20.41 14.09
N ILE C 147 -15.52 -20.09 14.73
CA ILE C 147 -14.23 -20.79 14.50
C ILE C 147 -13.41 -20.75 15.80
N GLU C 148 -12.41 -21.62 15.93
CA GLU C 148 -11.40 -21.52 17.00
C GLU C 148 -10.02 -21.52 16.34
N SER C 149 -9.13 -20.62 16.72
CA SER C 149 -7.69 -20.72 16.40
C SER C 149 -7.13 -21.96 17.09
N ASN C 150 -7.50 -22.19 18.34
CA ASN C 150 -7.13 -23.41 19.11
C ASN C 150 -8.42 -23.97 19.74
N ALA C 151 -8.91 -25.07 19.20
CA ALA C 151 -10.22 -25.67 19.54
C ALA C 151 -10.27 -25.99 21.03
N LEU C 152 -9.15 -26.34 21.65
CA LEU C 152 -9.13 -26.80 23.07
C LEU C 152 -8.75 -25.67 24.04
N THR C 153 -8.82 -24.42 23.60
CA THR C 153 -8.67 -23.24 24.51
C THR C 153 -9.63 -23.45 25.68
N LYS C 154 -9.20 -23.14 26.91
CA LYS C 154 -10.07 -23.24 28.10
C LYS C 154 -10.70 -21.86 28.33
N TYR C 155 -12.02 -21.80 28.42
CA TYR C 155 -12.76 -20.51 28.60
C TYR C 155 -13.34 -20.52 30.02
N ALA C 156 -13.27 -19.41 30.75
CA ALA C 156 -13.98 -19.24 32.04
C ALA C 156 -15.49 -19.20 31.78
N SER C 157 -16.29 -19.66 32.73
CA SER C 157 -17.77 -19.64 32.68
C SER C 157 -18.27 -18.73 33.79
N ALA C 158 -18.70 -17.50 33.47
CA ALA C 158 -19.29 -16.55 34.44
C ALA C 158 -20.78 -16.91 34.60
N ILE C 159 -21.42 -16.33 35.60
CA ILE C 159 -22.88 -16.49 35.86
C ILE C 159 -23.42 -15.10 36.19
N PRO C 160 -24.25 -14.49 35.31
CA PRO C 160 -24.65 -15.11 34.04
C PRO C 160 -23.49 -15.12 33.05
N PRO C 161 -23.58 -15.83 31.90
CA PRO C 161 -22.51 -15.85 30.90
C PRO C 161 -22.18 -14.43 30.37
N LYS C 162 -20.89 -14.13 30.22
CA LYS C 162 -20.43 -12.82 29.71
C LYS C 162 -20.21 -12.90 28.20
N THR C 163 -19.90 -14.09 27.71
CA THR C 163 -19.69 -14.35 26.27
C THR C 163 -20.27 -15.70 25.92
N ILE C 164 -20.55 -15.87 24.64
CA ILE C 164 -20.89 -17.18 24.04
C ILE C 164 -19.78 -17.58 23.06
N HIS C 165 -19.42 -18.86 23.10
CA HIS C 165 -18.38 -19.53 22.28
C HIS C 165 -19.06 -20.46 21.28
N PRO C 166 -18.44 -20.68 20.10
CA PRO C 166 -19.03 -21.55 19.07
C PRO C 166 -19.49 -22.94 19.56
N ASN C 167 -18.73 -23.59 20.44
CA ASN C 167 -19.08 -24.96 20.92
C ASN C 167 -20.24 -24.88 21.93
N ASP C 168 -20.55 -23.70 22.50
CA ASP C 168 -21.81 -23.48 23.27
C ASP C 168 -22.99 -23.80 22.34
N ILE C 169 -22.84 -23.63 21.03
CA ILE C 169 -23.94 -23.93 20.07
C ILE C 169 -23.69 -25.25 19.37
N ALA C 170 -22.47 -25.53 18.90
CA ALA C 170 -22.18 -26.78 18.16
C ALA C 170 -22.29 -27.99 19.11
N LYS C 171 -21.88 -27.82 20.37
CA LYS C 171 -21.89 -28.86 21.45
C LYS C 171 -21.19 -30.14 20.99
N LEU C 172 -20.00 -30.02 20.38
CA LEU C 172 -19.15 -31.18 20.00
C LEU C 172 -18.50 -31.73 21.27
N ALA C 173 -18.31 -33.05 21.32
CA ALA C 173 -17.51 -33.73 22.36
C ALA C 173 -16.04 -33.32 22.18
N GLU C 174 -15.24 -33.39 23.25
CA GLU C 174 -13.86 -32.84 23.28
C GLU C 174 -13.05 -33.49 22.14
N GLU C 175 -13.34 -34.75 21.79
CA GLU C 175 -12.65 -35.52 20.72
C GLU C 175 -13.03 -35.00 19.32
N GLU C 176 -14.14 -34.25 19.20
CA GLU C 176 -14.64 -33.72 17.90
C GLU C 176 -14.39 -32.21 17.77
N LYS C 177 -13.99 -31.54 18.85
CA LYS C 177 -13.80 -30.07 18.90
C LYS C 177 -12.75 -29.55 17.91
N PRO C 178 -11.67 -30.30 17.55
CA PRO C 178 -10.72 -29.81 16.55
C PRO C 178 -11.37 -29.46 15.20
N GLN C 179 -12.62 -29.90 14.95
CA GLN C 179 -13.39 -29.50 13.74
C GLN C 179 -13.56 -27.96 13.67
N LEU C 180 -13.62 -27.31 14.83
CA LEU C 180 -13.83 -25.84 14.95
C LEU C 180 -12.63 -25.03 14.45
N GLN C 181 -11.48 -25.67 14.21
CA GLN C 181 -10.31 -25.00 13.55
C GLN C 181 -10.58 -24.89 12.04
N GLY C 182 -11.54 -25.65 11.52
CA GLY C 182 -12.06 -25.45 10.15
C GLY C 182 -13.43 -24.80 10.17
N LEU C 183 -14.36 -25.30 9.36
CA LEU C 183 -15.74 -24.75 9.27
C LEU C 183 -16.71 -25.80 9.84
N VAL C 184 -17.31 -25.54 11.00
CA VAL C 184 -18.38 -26.38 11.59
C VAL C 184 -19.72 -25.73 11.27
N PRO C 185 -20.54 -26.26 10.34
CA PRO C 185 -21.80 -25.62 9.97
C PRO C 185 -22.77 -25.42 11.12
N LYS C 186 -22.71 -26.25 12.17
CA LYS C 186 -23.58 -26.12 13.38
C LYS C 186 -23.19 -24.86 14.17
N ALA C 187 -21.94 -24.37 14.04
CA ALA C 187 -21.44 -23.22 14.84
C ALA C 187 -21.92 -21.90 14.23
N LYS C 188 -23.22 -21.64 14.32
CA LYS C 188 -23.86 -20.45 13.74
C LYS C 188 -24.67 -19.73 14.83
N ALA C 189 -24.65 -18.40 14.77
CA ALA C 189 -25.34 -17.53 15.72
C ALA C 189 -25.73 -16.25 15.01
N ARG C 190 -26.50 -15.43 15.71
N ARG C 190 -26.53 -15.43 15.67
CA ARG C 190 -26.91 -14.06 15.29
CA ARG C 190 -26.87 -14.06 15.23
C ARG C 190 -26.24 -13.11 16.27
C ARG C 190 -26.24 -13.13 16.24
N LEU C 191 -25.72 -11.99 15.78
CA LEU C 191 -25.19 -10.92 16.63
C LEU C 191 -26.39 -10.22 17.29
N ASP C 192 -26.88 -10.84 18.36
CA ASP C 192 -28.16 -10.48 19.00
C ASP C 192 -27.88 -9.89 20.39
N LYS C 193 -26.63 -9.57 20.71
CA LYS C 193 -26.26 -9.07 22.05
C LYS C 193 -24.93 -8.32 21.98
N ASP C 194 -24.94 -7.06 22.43
CA ASP C 194 -23.77 -6.18 22.49
C ASP C 194 -22.76 -6.74 23.51
N GLY C 195 -21.45 -6.73 23.22
CA GLY C 195 -20.41 -7.14 24.17
C GLY C 195 -20.62 -8.58 24.61
N PHE C 196 -20.71 -9.51 23.66
CA PHE C 196 -21.08 -10.91 23.97
C PHE C 196 -20.40 -11.89 23.01
N TYR C 197 -20.18 -11.50 21.75
CA TYR C 197 -19.62 -12.39 20.70
C TYR C 197 -18.16 -12.03 20.50
N PRO C 198 -17.20 -12.87 20.95
CA PRO C 198 -15.79 -12.59 20.71
C PRO C 198 -15.37 -12.58 19.25
N ILE C 199 -14.64 -11.52 18.85
CA ILE C 199 -14.10 -11.35 17.47
C ILE C 199 -13.24 -12.57 17.15
N GLU C 200 -12.47 -13.05 18.12
CA GLU C 200 -11.52 -14.17 17.92
C GLU C 200 -12.27 -15.47 17.64
N GLU C 201 -13.57 -15.57 17.92
CA GLU C 201 -14.32 -16.83 17.67
C GLU C 201 -15.45 -16.70 16.64
N TRP C 202 -15.86 -15.48 16.28
CA TRP C 202 -17.06 -15.27 15.43
C TRP C 202 -16.71 -14.30 14.28
N SER C 203 -17.11 -14.66 13.06
CA SER C 203 -16.98 -13.81 11.86
C SER C 203 -18.34 -13.67 11.22
N PRO C 204 -18.57 -12.59 10.44
CA PRO C 204 -19.78 -12.46 9.65
C PRO C 204 -19.91 -13.71 8.79
N ASP C 205 -21.10 -14.31 8.69
CA ASP C 205 -21.34 -15.57 7.97
C ASP C 205 -21.67 -15.19 6.53
N PRO C 206 -20.76 -15.44 5.56
CA PRO C 206 -21.00 -15.03 4.18
C PRO C 206 -22.07 -15.93 3.51
N SER C 207 -22.36 -17.12 4.06
CA SER C 207 -23.42 -18.02 3.53
C SER C 207 -24.80 -17.49 3.96
N ARG C 208 -24.87 -16.47 4.80
CA ARG C 208 -26.19 -15.88 5.14
C ARG C 208 -26.10 -14.40 4.86
N ASN C 209 -26.63 -13.54 5.75
CA ASN C 209 -26.47 -12.07 5.65
C ASN C 209 -26.98 -11.56 4.29
N GLU C 210 -28.02 -12.18 3.74
CA GLU C 210 -28.60 -11.72 2.45
C GLU C 210 -29.24 -10.34 2.69
N ASN C 211 -29.60 -10.02 3.93
CA ASN C 211 -30.36 -8.80 4.24
C ASN C 211 -29.53 -7.84 5.09
N SER C 212 -28.21 -8.00 5.03
CA SER C 212 -27.19 -7.17 5.73
C SER C 212 -26.08 -6.81 4.75
N ARG C 213 -25.37 -5.73 4.99
CA ARG C 213 -24.12 -5.39 4.29
C ARG C 213 -23.04 -5.22 5.35
N TYR C 214 -21.94 -5.95 5.22
CA TYR C 214 -20.81 -5.78 6.15
C TYR C 214 -19.53 -5.50 5.37
N PHE C 215 -18.65 -4.77 6.03
CA PHE C 215 -17.35 -4.31 5.51
C PHE C 215 -16.31 -4.48 6.60
N GLY C 216 -15.24 -5.21 6.27
CA GLY C 216 -14.21 -5.62 7.23
C GLY C 216 -12.82 -5.52 6.67
N SER C 217 -11.90 -5.08 7.50
CA SER C 217 -10.45 -5.03 7.23
C SER C 217 -9.71 -5.56 8.45
N PHE C 218 -8.68 -6.36 8.23
CA PHE C 218 -7.76 -6.82 9.28
C PHE C 218 -6.32 -6.66 8.81
N VAL C 219 -5.51 -6.10 9.69
CA VAL C 219 -4.03 -6.08 9.53
C VAL C 219 -3.43 -6.61 10.84
N GLY C 220 -2.76 -7.74 10.77
CA GLY C 220 -2.32 -8.43 12.01
C GLY C 220 -0.92 -8.07 12.44
N GLY C 221 -0.34 -8.90 13.29
CA GLY C 221 0.97 -8.64 13.89
C GLY C 221 0.87 -7.71 15.09
N LEU C 222 1.93 -7.67 15.89
CA LEU C 222 2.01 -6.90 17.15
C LEU C 222 2.69 -5.56 16.91
N ASN C 223 3.36 -5.35 15.77
CA ASN C 223 4.27 -4.19 15.54
C ASN C 223 3.69 -3.21 14.50
N THR C 224 2.64 -3.59 13.81
CA THR C 224 2.13 -2.92 12.59
C THR C 224 1.54 -1.54 12.94
N PRO C 225 1.86 -0.47 12.18
CA PRO C 225 1.22 0.83 12.40
C PRO C 225 -0.28 0.87 12.14
N PRO C 226 -1.11 1.44 13.03
CA PRO C 226 -2.52 1.66 12.72
C PRO C 226 -2.60 2.61 11.53
N ASN C 227 -3.52 2.35 10.62
CA ASN C 227 -3.69 3.10 9.36
C ASN C 227 -5.18 3.35 9.21
N LEU C 228 -5.64 4.57 9.53
CA LEU C 228 -7.07 4.91 9.68
C LEU C 228 -7.32 6.23 8.97
N GLN C 229 -8.48 6.36 8.37
CA GLN C 229 -8.91 7.62 7.74
C GLN C 229 -10.17 8.08 8.46
N PHE C 230 -10.50 9.37 8.30
CA PHE C 230 -11.73 9.95 8.88
C PHE C 230 -12.13 11.11 7.99
N THR C 231 -13.42 11.24 7.74
CA THR C 231 -13.97 12.29 6.86
C THR C 231 -15.47 12.28 7.08
N ASN C 232 -16.13 13.34 6.65
CA ASN C 232 -17.62 13.36 6.54
C ASN C 232 -17.97 13.50 5.06
N ALA C 233 -17.00 13.29 4.16
CA ALA C 233 -17.21 13.53 2.72
C ALA C 233 -17.47 12.22 1.98
N VAL C 234 -17.47 11.07 2.66
CA VAL C 234 -17.66 9.73 2.02
C VAL C 234 -18.94 9.09 2.52
N THR C 235 -19.76 8.62 1.57
CA THR C 235 -21.02 7.88 1.81
C THR C 235 -20.84 6.44 1.36
N THR C 236 -21.15 5.44 2.20
CA THR C 236 -21.11 4.01 1.82
C THR C 236 -22.48 3.63 1.28
N VAL C 237 -22.58 3.20 0.04
CA VAL C 237 -23.86 2.77 -0.58
C VAL C 237 -24.19 1.36 -0.09
N LEU C 238 -25.41 1.09 0.37
CA LEU C 238 -25.79 -0.21 0.93
C LEU C 238 -26.61 -1.01 -0.08
N LEU C 239 -26.89 -0.43 -1.27
CA LEU C 239 -27.72 -1.10 -2.32
C LEU C 239 -26.94 -2.25 -2.95
N ASP C 240 -27.62 -3.36 -3.23
CA ASP C 240 -27.03 -4.53 -3.94
C ASP C 240 -27.05 -4.27 -5.47
N GLU C 241 -26.75 -5.29 -6.27
CA GLU C 241 -26.68 -5.24 -7.76
C GLU C 241 -28.06 -4.88 -8.35
N ASN C 242 -29.16 -5.19 -7.66
CA ASN C 242 -30.55 -4.87 -8.11
C ASN C 242 -30.99 -3.48 -7.63
N GLY C 243 -30.12 -2.70 -6.96
CA GLY C 243 -30.48 -1.40 -6.39
C GLY C 243 -31.31 -1.54 -5.10
N VAL C 244 -31.25 -2.69 -4.44
CA VAL C 244 -32.09 -2.93 -3.22
C VAL C 244 -31.19 -2.97 -1.97
N GLY C 245 -31.50 -2.14 -0.99
CA GLY C 245 -30.73 -2.10 0.25
C GLY C 245 -31.34 -3.05 1.26
N PRO C 246 -30.73 -3.23 2.45
CA PRO C 246 -31.35 -4.00 3.53
C PRO C 246 -32.78 -3.50 3.83
N LEU C 247 -33.70 -4.46 3.98
CA LEU C 247 -35.14 -4.25 4.29
C LEU C 247 -35.38 -4.61 5.77
N CYS C 248 -35.88 -3.64 6.52
CA CYS C 248 -35.92 -3.69 8.00
C CYS C 248 -37.13 -4.50 8.48
N LYS C 249 -36.89 -5.76 8.81
CA LYS C 249 -37.90 -6.71 9.33
C LYS C 249 -38.34 -6.19 10.69
N GLY C 250 -39.64 -6.21 10.96
CA GLY C 250 -40.19 -5.71 12.23
C GLY C 250 -39.85 -4.24 12.48
N ASP C 251 -39.53 -3.47 11.42
CA ASP C 251 -39.17 -2.03 11.47
C ASP C 251 -37.96 -1.81 12.39
N GLY C 252 -37.04 -2.77 12.39
CA GLY C 252 -35.75 -2.65 13.13
C GLY C 252 -34.59 -2.45 12.16
N LEU C 253 -33.72 -1.49 12.44
CA LEU C 253 -32.39 -1.37 11.77
C LEU C 253 -31.33 -1.97 12.70
N PHE C 254 -30.44 -2.81 12.16
CA PHE C 254 -29.38 -3.43 12.98
C PHE C 254 -28.03 -2.86 12.57
N VAL C 255 -27.28 -2.31 13.53
CA VAL C 255 -25.90 -1.81 13.25
C VAL C 255 -24.95 -2.62 14.13
N SER C 256 -23.81 -2.97 13.55
CA SER C 256 -22.79 -3.87 14.16
C SER C 256 -21.40 -3.32 13.87
N ALA C 257 -20.46 -3.49 14.80
CA ALA C 257 -19.10 -2.95 14.64
C ALA C 257 -18.12 -3.73 15.49
N ALA C 258 -16.86 -3.62 15.07
CA ALA C 258 -15.69 -3.99 15.86
C ALA C 258 -14.56 -3.10 15.35
N ASP C 259 -13.88 -2.42 16.27
CA ASP C 259 -12.76 -1.50 15.94
C ASP C 259 -11.65 -1.71 16.95
N ILE C 260 -10.91 -2.81 16.79
CA ILE C 260 -9.59 -2.97 17.47
C ILE C 260 -8.58 -2.09 16.74
N CYS C 261 -8.04 -1.08 17.43
CA CYS C 261 -7.12 -0.07 16.85
C CYS C 261 -5.66 -0.44 17.08
N GLY C 262 -5.44 -1.39 17.97
CA GLY C 262 -4.10 -1.93 18.25
C GLY C 262 -4.03 -2.42 19.67
N VAL C 263 -2.81 -2.51 20.20
CA VAL C 263 -2.57 -2.99 21.58
C VAL C 263 -1.62 -2.02 22.28
N MET C 264 -1.71 -1.98 23.60
CA MET C 264 -0.65 -1.36 24.43
C MET C 264 0.18 -2.47 25.02
N VAL C 265 1.45 -2.19 25.28
CA VAL C 265 2.36 -3.15 25.95
C VAL C 265 2.67 -2.66 27.37
N LYS C 266 2.40 -3.50 28.38
CA LYS C 266 2.68 -3.22 29.82
C LYS C 266 4.20 -3.21 30.06
N ALA C 267 4.70 -2.19 30.74
CA ALA C 267 6.13 -2.01 31.08
C ALA C 267 6.64 -3.18 31.95
N ASP C 268 5.87 -3.69 32.89
CA ASP C 268 6.41 -4.61 33.94
C ASP C 268 6.61 -6.03 33.39
N ASN C 269 5.73 -6.56 32.52
CA ASN C 269 5.85 -7.96 32.02
C ASN C 269 5.62 -8.06 30.50
N GLU C 270 5.34 -6.95 29.83
CA GLU C 270 5.22 -6.81 28.34
C GLU C 270 3.93 -7.51 27.88
N ALA C 271 3.01 -7.87 28.79
CA ALA C 271 1.66 -8.33 28.42
C ALA C 271 0.93 -7.19 27.67
N ILE C 272 -0.13 -7.50 26.94
CA ILE C 272 -0.82 -6.46 26.12
C ILE C 272 -2.28 -6.33 26.58
N ARG C 273 -2.83 -5.16 26.30
CA ARG C 273 -4.29 -4.94 26.27
C ARG C 273 -4.66 -4.47 24.88
N TYR C 274 -5.76 -4.97 24.31
CA TYR C 274 -6.35 -4.36 23.10
C TYR C 274 -6.93 -3.00 23.42
N ARG C 275 -6.93 -2.09 22.45
CA ARG C 275 -7.60 -0.78 22.56
C ARG C 275 -8.58 -0.65 21.40
N GLY C 276 -9.82 -0.28 21.70
CA GLY C 276 -10.92 -0.01 20.75
C GLY C 276 -11.32 1.46 20.73
N LEU C 277 -11.92 1.94 19.66
CA LEU C 277 -12.50 3.30 19.61
C LEU C 277 -13.97 3.21 19.25
N PRO C 278 -14.78 4.20 19.65
CA PRO C 278 -16.20 4.19 19.32
C PRO C 278 -16.43 4.49 17.84
N ARG C 279 -17.54 3.99 17.31
CA ARG C 279 -17.89 4.13 15.90
C ARG C 279 -19.26 4.81 15.80
N TYR C 280 -19.30 5.88 15.01
CA TYR C 280 -20.50 6.63 14.64
C TYR C 280 -21.13 6.05 13.36
N PHE C 281 -22.45 6.04 13.31
CA PHE C 281 -23.26 5.66 12.14
C PHE C 281 -24.29 6.74 11.88
N LYS C 282 -24.42 7.16 10.62
CA LYS C 282 -25.63 7.83 10.13
C LYS C 282 -26.15 6.98 8.98
N VAL C 283 -27.37 6.46 9.09
CA VAL C 283 -27.99 5.61 8.05
C VAL C 283 -29.19 6.36 7.45
N THR C 284 -29.27 6.41 6.12
CA THR C 284 -30.41 7.02 5.39
C THR C 284 -31.29 5.89 4.87
N LEU C 285 -32.60 6.01 5.07
CA LEU C 285 -33.54 4.95 4.68
C LEU C 285 -34.68 5.57 3.87
N ARG C 286 -35.29 4.78 2.99
CA ARG C 286 -36.46 5.19 2.20
C ARG C 286 -37.49 4.08 2.30
N LYS C 287 -38.75 4.38 1.99
CA LYS C 287 -39.83 3.36 2.03
C LYS C 287 -39.78 2.56 0.73
N ARG C 288 -39.87 1.26 0.84
CA ARG C 288 -39.89 0.32 -0.31
C ARG C 288 -41.18 -0.49 -0.22
N ALA C 289 -41.95 -0.51 -1.31
CA ALA C 289 -43.13 -1.39 -1.42
C ALA C 289 -42.64 -2.83 -1.58
N VAL C 290 -43.32 -3.76 -0.91
CA VAL C 290 -43.01 -5.22 -0.90
C VAL C 290 -44.34 -6.00 -0.97
N LYS C 291 -44.35 -7.23 -1.50
CA LYS C 291 -45.58 -8.06 -1.64
C LYS C 291 -45.76 -8.91 -0.37
N VAL D 7 -31.96 28.32 7.00
CA VAL D 7 -31.76 28.69 5.55
C VAL D 7 -32.28 27.54 4.67
N GLU D 8 -33.27 27.82 3.80
CA GLU D 8 -33.53 26.99 2.59
C GLU D 8 -32.56 27.46 1.50
N VAL D 9 -31.88 26.51 0.85
CA VAL D 9 -30.88 26.81 -0.23
C VAL D 9 -31.61 26.83 -1.56
N LEU D 10 -31.41 27.90 -2.34
CA LEU D 10 -31.99 28.10 -3.69
C LEU D 10 -30.87 28.02 -4.75
N ASN D 11 -30.92 28.89 -5.76
CA ASN D 11 -30.13 28.88 -7.01
C ASN D 11 -28.70 29.37 -6.77
N ILE D 12 -27.75 28.74 -7.43
CA ILE D 12 -26.39 29.31 -7.66
C ILE D 12 -26.60 30.61 -8.42
N ILE D 13 -26.00 31.69 -7.93
CA ILE D 13 -26.03 33.03 -8.58
C ILE D 13 -24.96 33.07 -9.69
N THR D 14 -25.39 33.34 -10.93
CA THR D 14 -24.50 33.57 -12.08
C THR D 14 -24.31 35.09 -12.26
N GLY D 15 -23.24 35.50 -12.93
CA GLY D 15 -22.89 36.92 -13.13
C GLY D 15 -21.38 37.09 -13.13
N PRO D 16 -20.84 38.24 -13.61
CA PRO D 16 -19.38 38.42 -13.67
C PRO D 16 -18.65 38.48 -12.32
N ASP D 17 -19.33 38.85 -11.25
CA ASP D 17 -18.73 39.02 -9.89
C ASP D 17 -19.33 37.96 -8.96
N SER D 18 -19.57 36.76 -9.48
CA SER D 18 -20.36 35.69 -8.81
C SER D 18 -19.43 34.72 -8.06
N THR D 19 -18.12 34.74 -8.34
CA THR D 19 -17.12 33.85 -7.69
C THR D 19 -15.98 34.65 -7.05
N THR D 20 -15.31 34.04 -6.08
CA THR D 20 -14.06 34.57 -5.50
C THR D 20 -13.19 33.41 -4.99
N GLU D 21 -11.94 33.74 -4.70
CA GLU D 21 -10.86 32.79 -4.40
C GLU D 21 -10.11 33.39 -3.22
N ILE D 22 -9.87 32.62 -2.17
CA ILE D 22 -9.05 33.08 -1.01
C ILE D 22 -7.92 32.07 -0.87
N GLU D 23 -6.75 32.53 -0.43
CA GLU D 23 -5.62 31.63 -0.14
C GLU D 23 -5.04 32.04 1.20
N LEU D 24 -4.55 31.08 1.98
CA LEU D 24 -3.83 31.36 3.24
C LEU D 24 -3.02 30.15 3.66
N TYR D 25 -2.13 30.39 4.62
CA TYR D 25 -1.34 29.34 5.29
C TYR D 25 -1.85 29.22 6.71
N LEU D 26 -1.86 27.99 7.23
CA LEU D 26 -1.96 27.69 8.67
C LEU D 26 -0.61 27.14 9.06
N GLU D 27 0.08 27.81 9.98
CA GLU D 27 1.37 27.32 10.50
C GLU D 27 1.08 26.24 11.56
N PRO D 28 2.01 25.30 11.74
CA PRO D 28 1.80 24.21 12.68
C PRO D 28 1.82 24.66 14.15
N ARG D 29 0.92 24.07 14.94
CA ARG D 29 0.82 24.26 16.42
C ARG D 29 1.11 22.92 17.09
N MET D 30 2.36 22.49 17.02
CA MET D 30 2.86 21.24 17.64
C MET D 30 3.06 21.41 19.16
N GLY D 31 3.01 22.64 19.65
CA GLY D 31 3.01 22.93 21.10
C GLY D 31 3.86 24.14 21.38
N ILE D 32 5.03 24.18 20.77
CA ILE D 32 5.84 25.42 20.71
C ILE D 32 5.32 26.20 19.51
N ASN D 33 4.49 27.20 19.83
CA ASN D 33 3.46 27.77 18.92
C ASN D 33 3.86 29.17 18.47
N SER D 34 4.99 29.71 18.93
CA SER D 34 5.46 31.03 18.44
C SER D 34 6.98 30.99 18.32
N PRO D 35 7.55 31.61 17.26
CA PRO D 35 9.01 31.71 17.16
C PRO D 35 9.60 32.80 18.05
N THR D 36 9.02 33.04 19.23
CA THR D 36 9.48 34.02 20.26
C THR D 36 9.63 33.33 21.63
N GLY D 37 10.30 33.99 22.56
CA GLY D 37 10.40 33.55 23.96
C GLY D 37 11.47 32.50 24.17
N ASP D 38 11.45 31.88 25.35
CA ASP D 38 12.48 30.89 25.83
C ASP D 38 12.70 29.80 24.79
N LYS D 39 11.65 29.31 24.15
CA LYS D 39 11.71 28.01 23.41
C LYS D 39 11.60 28.23 21.90
N LYS D 40 11.77 29.47 21.43
CA LYS D 40 11.64 29.86 20.01
C LYS D 40 12.42 28.91 19.08
N GLU D 41 13.56 28.36 19.54
CA GLU D 41 14.44 27.45 18.76
C GLU D 41 13.65 26.23 18.27
N TRP D 42 12.59 25.82 18.97
CA TRP D 42 11.82 24.60 18.66
C TRP D 42 10.42 24.96 18.13
N TYR D 43 10.26 26.15 17.55
CA TYR D 43 9.03 26.52 16.82
C TYR D 43 8.76 25.45 15.75
N GLY D 44 7.51 24.97 15.69
CA GLY D 44 7.12 23.94 14.70
C GLY D 44 7.33 22.53 15.23
N TYR D 45 7.83 22.41 16.46
CA TYR D 45 7.96 21.14 17.22
C TYR D 45 7.17 21.26 18.52
N SER D 46 6.97 20.11 19.17
CA SER D 46 6.45 20.01 20.55
C SER D 46 7.65 20.16 21.49
N GLU D 47 7.35 20.38 22.76
CA GLU D 47 8.32 20.12 23.85
C GLU D 47 8.58 18.61 23.89
N VAL D 48 9.70 18.21 24.49
CA VAL D 48 10.10 16.78 24.65
C VAL D 48 9.05 16.08 25.49
N ILE D 49 8.79 14.82 25.17
CA ILE D 49 7.76 13.99 25.83
C ILE D 49 8.44 12.71 26.29
N HIS D 50 8.14 12.32 27.53
CA HIS D 50 8.64 11.11 28.24
C HIS D 50 7.41 10.27 28.63
N HIS D 51 7.63 8.97 28.82
CA HIS D 51 6.60 7.93 29.06
C HIS D 51 5.78 8.24 30.31
N ALA D 52 6.36 8.84 31.35
CA ALA D 52 5.65 9.06 32.64
C ALA D 52 5.05 10.48 32.72
N ASP D 53 5.23 11.32 31.70
CA ASP D 53 4.65 12.69 31.66
C ASP D 53 3.12 12.55 31.67
N GLY D 54 2.43 13.36 32.48
CA GLY D 54 0.98 13.22 32.74
C GLY D 54 0.69 12.21 33.84
N TYR D 55 1.71 11.48 34.30
CA TYR D 55 1.59 10.57 35.46
C TYR D 55 2.46 11.03 36.65
N ASP D 56 3.76 11.17 36.46
CA ASP D 56 4.72 11.63 37.50
C ASP D 56 4.70 13.16 37.59
N ASN D 57 4.02 13.80 36.65
CA ASN D 57 4.03 15.27 36.51
C ASN D 57 2.76 15.64 35.74
N ASN D 58 2.49 16.94 35.66
CA ASN D 58 1.37 17.49 34.85
C ASN D 58 1.86 17.64 33.42
N LEU D 59 1.12 17.08 32.47
CA LEU D 59 1.42 17.20 31.04
C LEU D 59 1.20 18.67 30.67
N LEU D 60 2.19 19.26 30.03
CA LEU D 60 2.18 20.68 29.59
C LEU D 60 1.48 20.82 28.24
N SER D 61 0.91 22.00 27.98
CA SER D 61 0.27 22.36 26.70
C SER D 61 1.30 22.30 25.57
N ILE D 62 2.55 22.67 25.88
CA ILE D 62 3.66 22.72 24.88
C ILE D 62 4.09 21.30 24.48
N GLN D 63 3.65 20.27 25.19
CA GLN D 63 3.90 18.82 24.90
C GLN D 63 2.73 18.21 24.10
N MET D 64 1.75 19.01 23.68
CA MET D 64 0.51 18.43 23.10
C MET D 64 0.20 19.11 21.78
N PRO D 65 0.44 18.43 20.63
CA PRO D 65 0.06 18.96 19.34
C PRO D 65 -1.40 19.36 19.33
N GLN D 66 -1.66 20.49 18.66
CA GLN D 66 -2.96 21.18 18.61
C GLN D 66 -3.37 21.46 17.15
N TYR D 67 -4.67 21.58 16.95
CA TYR D 67 -5.27 21.95 15.64
C TYR D 67 -4.95 23.42 15.37
N SER D 68 -4.64 23.72 14.12
CA SER D 68 -4.55 25.09 13.57
C SER D 68 -5.93 25.46 13.05
N CYS D 69 -6.28 26.75 13.07
CA CYS D 69 -7.55 27.22 12.48
C CYS D 69 -7.48 28.73 12.26
N ALA D 70 -8.23 29.21 11.28
CA ALA D 70 -8.36 30.65 10.97
C ALA D 70 -9.77 30.86 10.42
N ARG D 71 -10.33 32.04 10.71
CA ARG D 71 -11.50 32.61 10.01
C ARG D 71 -10.98 33.67 9.05
N VAL D 72 -11.35 33.55 7.78
CA VAL D 72 -11.09 34.55 6.70
C VAL D 72 -12.36 35.35 6.44
N GLN D 73 -12.24 36.67 6.50
CA GLN D 73 -13.33 37.63 6.18
C GLN D 73 -13.53 37.65 4.65
N LEU D 74 -14.73 37.31 4.20
CA LEU D 74 -15.14 37.35 2.77
C LEU D 74 -15.77 38.71 2.46
N PRO D 75 -15.81 39.10 1.17
CA PRO D 75 -16.54 40.30 0.74
C PRO D 75 -17.96 40.29 1.31
N MET D 76 -18.37 41.37 1.99
CA MET D 76 -19.71 41.49 2.63
C MET D 76 -20.77 41.45 1.52
N LEU D 77 -21.78 40.60 1.68
CA LEU D 77 -22.95 40.48 0.78
C LEU D 77 -24.15 41.11 1.51
N ASN D 78 -25.25 41.35 0.79
CA ASN D 78 -26.53 41.79 1.41
C ASN D 78 -26.36 43.24 1.91
N THR D 79 -25.67 44.09 1.13
CA THR D 79 -25.60 45.58 1.30
C THR D 79 -26.82 46.21 0.61
N THR D 85 -32.45 36.95 -3.64
CA THR D 85 -32.33 38.30 -3.03
C THR D 85 -31.28 38.22 -1.88
N LEU D 86 -31.50 37.36 -0.88
CA LEU D 86 -30.54 37.07 0.22
C LEU D 86 -29.48 36.05 -0.23
N MET D 87 -28.20 36.25 0.12
CA MET D 87 -27.05 35.55 -0.50
C MET D 87 -26.02 35.11 0.56
N MET D 88 -25.34 34.00 0.30
CA MET D 88 -24.18 33.52 1.10
C MET D 88 -23.13 32.99 0.13
N TRP D 89 -21.85 33.16 0.52
CA TRP D 89 -20.67 32.54 -0.09
C TRP D 89 -20.78 31.04 0.11
N GLU D 90 -20.60 30.27 -0.97
CA GLU D 90 -20.61 28.79 -0.93
C GLU D 90 -19.22 28.29 -1.32
N ALA D 91 -18.52 27.58 -0.44
CA ALA D 91 -17.20 27.00 -0.73
C ALA D 91 -17.45 25.78 -1.61
N VAL D 92 -16.82 25.74 -2.76
CA VAL D 92 -17.12 24.77 -3.85
C VAL D 92 -15.98 23.76 -3.88
N SER D 93 -14.76 24.25 -3.78
CA SER D 93 -13.56 23.41 -3.98
C SER D 93 -12.33 24.07 -3.38
N CYS D 94 -11.33 23.29 -3.05
CA CYS D 94 -10.05 23.83 -2.58
C CYS D 94 -8.88 22.99 -3.09
N LYS D 95 -7.74 23.63 -3.21
CA LYS D 95 -6.42 23.01 -3.33
C LYS D 95 -5.72 23.21 -1.99
N THR D 96 -5.08 22.18 -1.49
CA THR D 96 -4.37 22.25 -0.18
C THR D 96 -3.11 21.42 -0.32
N GLU D 97 -2.11 21.77 0.47
CA GLU D 97 -0.73 21.30 0.25
C GLU D 97 0.00 21.41 1.57
N ILE D 98 0.73 20.35 1.90
CA ILE D 98 1.73 20.38 3.00
C ILE D 98 3.02 20.92 2.41
N VAL D 99 3.54 22.02 2.94
CA VAL D 99 4.72 22.71 2.36
C VAL D 99 5.94 22.40 3.23
N GLY D 100 7.08 22.05 2.62
CA GLY D 100 8.36 21.75 3.30
C GLY D 100 8.62 20.27 3.47
N ILE D 101 8.00 19.44 2.63
CA ILE D 101 8.11 17.96 2.75
C ILE D 101 9.57 17.58 2.53
N GLY D 102 10.26 18.24 1.60
CA GLY D 102 11.68 18.01 1.32
C GLY D 102 12.56 18.16 2.54
N SER D 103 12.24 19.05 3.48
CA SER D 103 12.96 19.23 4.76
C SER D 103 12.97 17.91 5.56
N LEU D 104 12.06 16.98 5.29
CA LEU D 104 11.98 15.71 6.06
C LEU D 104 13.07 14.72 5.60
N ILE D 105 13.90 15.06 4.61
CA ILE D 105 15.05 14.19 4.23
C ILE D 105 16.21 14.38 5.22
N SER D 106 16.21 15.40 6.06
CA SER D 106 17.39 15.74 6.91
C SER D 106 17.79 14.54 7.77
N VAL D 107 19.06 14.17 7.69
CA VAL D 107 19.69 13.20 8.63
C VAL D 107 20.85 13.89 9.35
N HIS D 108 20.71 15.19 9.62
CA HIS D 108 21.60 15.97 10.52
C HIS D 108 20.76 16.84 11.47
N LEU D 109 19.74 16.23 12.07
CA LEU D 109 18.79 16.94 12.94
C LEU D 109 19.51 17.29 14.23
N LEU D 110 19.45 18.56 14.63
CA LEU D 110 20.02 19.05 15.90
C LEU D 110 19.52 18.18 17.06
N GLU D 111 20.43 17.62 17.86
CA GLU D 111 20.21 16.93 19.16
C GLU D 111 19.60 15.53 18.96
N ALA D 112 19.52 15.08 17.70
CA ALA D 112 18.82 13.83 17.35
C ALA D 112 19.76 12.63 17.55
N LYS D 113 19.17 11.48 17.88
CA LYS D 113 19.86 10.19 18.09
C LYS D 113 20.60 9.83 16.80
N MET D 114 21.78 9.24 16.92
CA MET D 114 22.61 8.78 15.80
C MET D 114 22.07 7.41 15.34
N ALA D 115 21.79 7.27 14.04
CA ALA D 115 21.38 5.99 13.41
C ALA D 115 22.65 5.19 13.05
N ALA D 116 23.35 4.66 14.04
CA ALA D 116 24.53 3.78 13.90
C ALA D 116 24.88 3.15 15.25
N LYS D 117 25.75 2.13 15.23
CA LYS D 117 26.30 1.40 16.42
C LYS D 117 27.20 2.36 17.21
N GLU D 118 27.28 2.15 18.54
CA GLU D 118 28.22 2.86 19.45
C GLU D 118 29.59 2.92 18.77
N GLY D 119 30.25 4.08 18.81
CA GLY D 119 31.57 4.29 18.20
C GLY D 119 31.48 4.56 16.69
N GLY D 120 30.28 4.56 16.12
CA GLY D 120 30.06 5.00 14.73
C GLY D 120 29.96 6.50 14.62
N ASP D 121 29.89 6.99 13.39
CA ASP D 121 29.58 8.41 13.10
C ASP D 121 28.54 8.40 11.98
N GLY D 122 27.37 7.88 12.30
CA GLY D 122 26.27 7.75 11.32
C GLY D 122 25.47 9.04 11.22
N PRO D 123 24.46 9.06 10.34
CA PRO D 123 23.55 10.19 10.24
C PRO D 123 22.62 10.16 11.46
N SER D 124 21.86 11.21 11.69
CA SER D 124 20.78 11.19 12.70
C SER D 124 19.66 10.32 12.18
N GLN D 125 18.86 9.78 13.09
CA GLN D 125 17.54 9.27 12.72
C GLN D 125 16.78 10.47 12.16
N PRO D 126 16.14 10.33 10.98
CA PRO D 126 15.30 11.41 10.45
C PRO D 126 13.90 11.41 11.09
N ILE D 127 13.11 12.41 10.75
CA ILE D 127 11.70 12.50 11.19
C ILE D 127 11.01 11.23 10.68
N GLU D 128 10.37 10.51 11.58
CA GLU D 128 9.56 9.33 11.23
C GLU D 128 8.58 9.04 12.35
N GLY D 129 7.78 7.99 12.24
CA GLY D 129 6.73 7.69 13.23
C GLY D 129 5.44 8.38 12.86
N MET D 130 4.54 8.57 13.83
CA MET D 130 3.10 8.83 13.57
C MET D 130 2.87 10.11 12.77
N ASN D 131 2.01 9.96 11.78
CA ASN D 131 1.58 11.02 10.84
C ASN D 131 0.08 11.20 11.06
N TYR D 132 -0.35 12.42 11.44
CA TYR D 132 -1.76 12.82 11.61
C TYR D 132 -1.97 14.03 10.70
N HIS D 133 -2.83 13.90 9.71
CA HIS D 133 -3.02 14.89 8.63
C HIS D 133 -4.52 15.08 8.47
N MET D 134 -4.97 16.30 8.73
CA MET D 134 -6.41 16.64 8.64
C MET D 134 -6.49 18.06 8.11
N PHE D 135 -7.45 18.31 7.26
CA PHE D 135 -7.79 19.67 6.85
C PHE D 135 -9.31 19.68 6.77
N ALA D 136 -9.87 20.86 7.03
CA ALA D 136 -11.31 21.13 7.02
C ALA D 136 -11.56 22.55 6.47
N VAL D 137 -12.66 22.70 5.74
CA VAL D 137 -13.19 23.97 5.17
C VAL D 137 -14.67 24.01 5.53
N GLY D 138 -15.10 25.07 6.22
CA GLY D 138 -16.47 25.19 6.74
C GLY D 138 -16.98 26.64 6.68
N GLY D 139 -18.30 26.80 6.83
CA GLY D 139 -18.94 28.13 6.87
C GLY D 139 -19.11 28.58 8.31
N GLU D 140 -18.46 27.84 9.22
CA GLU D 140 -18.47 28.07 10.69
C GLU D 140 -17.44 27.15 11.32
N PRO D 141 -17.08 27.35 12.60
CA PRO D 141 -16.06 26.55 13.27
C PRO D 141 -16.37 25.05 13.24
N LEU D 142 -15.32 24.24 13.09
CA LEU D 142 -15.42 22.76 13.06
C LEU D 142 -15.92 22.29 14.42
N ASP D 143 -16.91 21.41 14.40
CA ASP D 143 -17.40 20.69 15.60
C ASP D 143 -16.37 19.61 16.02
N LEU D 144 -16.02 19.56 17.31
CA LEU D 144 -15.07 18.60 17.93
C LEU D 144 -15.78 17.71 18.95
N GLN D 145 -15.40 16.43 18.96
CA GLN D 145 -15.72 15.43 20.00
C GLN D 145 -14.46 15.14 20.84
N GLY D 146 -14.64 15.10 22.15
CA GLY D 146 -13.56 14.87 23.12
C GLY D 146 -13.41 13.40 23.41
N ILE D 147 -12.18 12.98 23.71
CA ILE D 147 -11.87 11.59 24.14
C ILE D 147 -10.56 11.66 24.93
N GLU D 148 -10.28 10.61 25.69
CA GLU D 148 -9.01 10.48 26.45
C GLU D 148 -8.51 9.07 26.16
N SER D 149 -7.22 8.90 25.85
CA SER D 149 -6.57 7.56 25.80
C SER D 149 -6.48 7.06 27.26
N ASN D 150 -6.12 7.95 28.19
CA ASN D 150 -6.08 7.66 29.65
C ASN D 150 -6.84 8.77 30.40
N ALA D 151 -8.04 8.45 30.87
CA ALA D 151 -8.99 9.42 31.45
C ALA D 151 -8.35 10.16 32.63
N LEU D 152 -7.41 9.54 33.35
CA LEU D 152 -6.81 10.18 34.57
C LEU D 152 -5.43 10.76 34.28
N THR D 153 -5.10 11.08 33.02
CA THR D 153 -3.92 11.90 32.69
C THR D 153 -4.00 13.23 33.43
N LYS D 154 -2.90 13.66 34.05
CA LYS D 154 -2.77 14.96 34.78
C LYS D 154 -2.35 16.04 33.81
N TYR D 155 -3.19 17.05 33.61
CA TYR D 155 -2.93 18.21 32.74
C TYR D 155 -2.53 19.40 33.60
N ALA D 156 -1.47 20.11 33.19
CA ALA D 156 -1.03 21.36 33.83
C ALA D 156 -2.09 22.43 33.53
N SER D 157 -2.18 23.46 34.37
CA SER D 157 -3.27 24.48 34.36
C SER D 157 -2.66 25.89 34.42
N ALA D 158 -2.26 26.45 33.27
CA ALA D 158 -1.70 27.82 33.11
C ALA D 158 -2.81 28.88 33.25
N ILE D 159 -2.41 30.13 33.49
CA ILE D 159 -3.29 31.34 33.59
C ILE D 159 -2.75 32.39 32.61
N PRO D 160 -3.50 32.77 31.55
CA PRO D 160 -4.76 32.12 31.21
C PRO D 160 -4.50 30.74 30.59
N PRO D 161 -5.54 29.88 30.43
CA PRO D 161 -5.37 28.53 29.86
C PRO D 161 -4.74 28.54 28.46
N LYS D 162 -3.81 27.60 28.21
CA LYS D 162 -3.07 27.48 26.93
C LYS D 162 -3.70 26.38 26.05
N THR D 163 -4.47 25.47 26.65
CA THR D 163 -5.29 24.46 25.95
C THR D 163 -6.56 24.19 26.74
N ILE D 164 -7.52 23.52 26.11
CA ILE D 164 -8.79 23.07 26.76
C ILE D 164 -8.94 21.57 26.57
N HIS D 165 -9.38 20.92 27.65
CA HIS D 165 -9.51 19.45 27.78
C HIS D 165 -10.99 19.10 27.79
N PRO D 166 -11.37 17.95 27.21
CA PRO D 166 -12.75 17.49 27.21
C PRO D 166 -13.48 17.58 28.56
N ASN D 167 -12.82 17.23 29.67
CA ASN D 167 -13.46 17.28 31.02
C ASN D 167 -13.61 18.73 31.50
N ASP D 168 -12.91 19.69 30.89
CA ASP D 168 -13.15 21.14 31.05
C ASP D 168 -14.59 21.47 30.62
N ILE D 169 -15.18 20.66 29.74
CA ILE D 169 -16.55 20.91 29.24
C ILE D 169 -17.53 19.86 29.81
N ALA D 170 -17.13 18.60 29.96
CA ALA D 170 -18.02 17.53 30.47
C ALA D 170 -18.14 17.60 32.02
N LYS D 171 -17.14 18.15 32.70
CA LYS D 171 -17.13 18.35 34.17
C LYS D 171 -17.57 17.05 34.87
N LEU D 172 -17.03 15.92 34.44
CA LEU D 172 -17.18 14.61 35.13
C LEU D 172 -16.32 14.63 36.41
N ALA D 173 -16.87 14.13 37.51
CA ALA D 173 -16.14 13.80 38.75
C ALA D 173 -15.13 12.69 38.44
N GLU D 174 -14.11 12.53 39.28
CA GLU D 174 -12.96 11.63 39.01
C GLU D 174 -13.47 10.20 38.83
N GLU D 175 -14.50 9.80 39.59
CA GLU D 175 -15.02 8.41 39.59
C GLU D 175 -15.76 8.14 38.27
N GLU D 176 -16.17 9.16 37.52
CA GLU D 176 -16.90 8.99 36.24
C GLU D 176 -16.00 9.26 35.02
N LYS D 177 -14.80 9.78 35.23
CA LYS D 177 -13.92 10.21 34.11
C LYS D 177 -13.56 9.06 33.15
N PRO D 178 -13.48 7.78 33.59
CA PRO D 178 -13.21 6.69 32.65
C PRO D 178 -14.20 6.59 31.48
N GLN D 179 -15.38 7.21 31.61
CA GLN D 179 -16.36 7.31 30.51
C GLN D 179 -15.68 7.93 29.27
N LEU D 180 -14.76 8.87 29.48
CA LEU D 180 -14.01 9.64 28.44
C LEU D 180 -13.13 8.71 27.57
N GLN D 181 -12.87 7.46 27.97
CA GLN D 181 -12.11 6.50 27.11
C GLN D 181 -13.05 5.94 26.03
N GLY D 182 -14.36 6.10 26.24
CA GLY D 182 -15.38 5.89 25.18
C GLY D 182 -15.88 7.21 24.64
N LEU D 183 -17.19 7.30 24.44
CA LEU D 183 -17.84 8.48 23.84
C LEU D 183 -18.71 9.14 24.91
N VAL D 184 -18.32 10.34 25.34
CA VAL D 184 -19.12 11.21 26.26
C VAL D 184 -19.81 12.27 25.42
N PRO D 185 -21.15 12.18 25.26
CA PRO D 185 -21.88 13.15 24.46
C PRO D 185 -21.66 14.60 24.91
N LYS D 186 -21.44 14.84 26.20
CA LYS D 186 -21.27 16.22 26.71
C LYS D 186 -19.90 16.79 26.30
N ALA D 187 -18.90 15.94 26.01
CA ALA D 187 -17.53 16.39 25.65
C ALA D 187 -17.51 16.89 24.20
N LYS D 188 -18.07 18.08 23.96
CA LYS D 188 -18.20 18.70 22.62
C LYS D 188 -17.70 20.13 22.69
N ALA D 189 -17.08 20.59 21.61
CA ALA D 189 -16.53 21.94 21.45
C ALA D 189 -16.51 22.31 19.98
N ARG D 190 -16.19 23.58 19.73
N ARG D 190 -16.36 23.62 19.71
CA ARG D 190 -16.04 24.18 18.39
CA ARG D 190 -16.07 24.22 18.39
C ARG D 190 -14.60 24.64 18.25
C ARG D 190 -14.57 24.48 18.31
N LEU D 191 -13.97 24.31 17.13
CA LEU D 191 -12.56 24.67 16.87
C LEU D 191 -12.52 26.17 16.57
N ASP D 192 -12.58 26.96 17.65
CA ASP D 192 -12.83 28.43 17.61
C ASP D 192 -11.59 29.17 18.12
N LYS D 193 -10.47 28.47 18.39
CA LYS D 193 -9.18 29.07 18.79
C LYS D 193 -7.99 28.30 18.19
N ASP D 194 -7.13 28.99 17.46
CA ASP D 194 -5.84 28.46 16.93
C ASP D 194 -4.96 28.05 18.12
N GLY D 195 -4.29 26.90 18.02
CA GLY D 195 -3.38 26.34 19.03
C GLY D 195 -4.00 26.27 20.44
N PHE D 196 -5.10 25.53 20.62
CA PHE D 196 -5.85 25.47 21.91
C PHE D 196 -6.47 24.09 22.17
N TYR D 197 -6.80 23.34 21.10
CA TYR D 197 -7.52 22.06 21.15
C TYR D 197 -6.53 20.94 20.80
N PRO D 198 -6.04 20.16 21.78
CA PRO D 198 -5.10 19.09 21.47
C PRO D 198 -5.72 18.01 20.56
N ILE D 199 -4.95 17.62 19.56
CA ILE D 199 -5.26 16.49 18.64
C ILE D 199 -5.50 15.21 19.45
N GLU D 200 -4.72 14.97 20.52
CA GLU D 200 -4.83 13.72 21.29
C GLU D 200 -6.13 13.65 22.09
N GLU D 201 -6.89 14.74 22.20
CA GLU D 201 -8.14 14.75 23.00
C GLU D 201 -9.36 15.09 22.15
N TRP D 202 -9.18 15.65 20.96
CA TRP D 202 -10.31 16.17 20.15
C TRP D 202 -10.28 15.62 18.71
N SER D 203 -11.41 15.07 18.24
CA SER D 203 -11.59 14.62 16.84
C SER D 203 -12.72 15.42 16.21
N PRO D 204 -12.74 15.54 14.86
CA PRO D 204 -13.90 16.07 14.17
C PRO D 204 -15.13 15.31 14.64
N ASP D 205 -16.23 16.02 14.95
CA ASP D 205 -17.49 15.41 15.42
C ASP D 205 -18.30 15.01 14.18
N PRO D 206 -18.41 13.70 13.83
CA PRO D 206 -19.17 13.29 12.65
C PRO D 206 -20.69 13.45 12.86
N SER D 207 -21.13 13.68 14.10
CA SER D 207 -22.57 13.83 14.45
C SER D 207 -23.01 15.26 14.14
N ARG D 208 -22.06 16.18 13.92
CA ARG D 208 -22.38 17.58 13.53
C ARG D 208 -21.63 17.89 12.24
N ASN D 209 -21.05 19.09 12.11
CA ASN D 209 -20.28 19.48 10.91
C ASN D 209 -21.16 19.29 9.66
N GLU D 210 -22.46 19.56 9.75
CA GLU D 210 -23.33 19.62 8.54
C GLU D 210 -22.85 20.74 7.59
N ASN D 211 -22.14 21.78 8.06
CA ASN D 211 -21.77 22.97 7.25
C ASN D 211 -20.24 23.07 7.12
N SER D 212 -19.51 21.98 7.36
CA SER D 212 -18.05 21.83 7.17
C SER D 212 -17.75 20.52 6.43
N ARG D 213 -16.61 20.47 5.75
N ARG D 213 -16.61 20.46 5.75
CA ARG D 213 -16.06 19.23 5.15
CA ARG D 213 -16.08 19.20 5.16
C ARG D 213 -14.68 19.02 5.77
C ARG D 213 -14.68 19.00 5.70
N TYR D 214 -14.42 17.83 6.30
CA TYR D 214 -13.08 17.46 6.81
C TYR D 214 -12.61 16.14 6.20
N PHE D 215 -11.30 16.02 6.14
CA PHE D 215 -10.57 14.92 5.46
C PHE D 215 -9.36 14.60 6.34
N GLY D 216 -9.23 13.36 6.79
CA GLY D 216 -8.22 13.00 7.79
C GLY D 216 -7.55 11.69 7.45
N SER D 217 -6.27 11.57 7.75
CA SER D 217 -5.56 10.30 7.73
C SER D 217 -4.62 10.20 8.93
N PHE D 218 -4.46 9.02 9.46
CA PHE D 218 -3.53 8.72 10.56
C PHE D 218 -2.76 7.44 10.24
N VAL D 219 -1.45 7.50 10.40
CA VAL D 219 -0.57 6.30 10.44
C VAL D 219 0.22 6.42 11.74
N GLY D 220 0.11 5.41 12.60
CA GLY D 220 0.69 5.44 13.95
C GLY D 220 2.09 4.84 14.01
N GLY D 221 2.50 4.46 15.21
CA GLY D 221 3.83 3.91 15.50
C GLY D 221 4.90 4.99 15.63
N LEU D 222 6.06 4.62 16.16
CA LEU D 222 7.23 5.52 16.34
C LEU D 222 8.22 5.39 15.20
N ASN D 223 8.16 4.33 14.41
CA ASN D 223 9.26 4.04 13.43
C ASN D 223 8.74 4.10 12.00
N THR D 224 7.47 4.39 11.81
CA THR D 224 6.82 4.34 10.48
C THR D 224 7.34 5.43 9.53
N PRO D 225 7.64 5.11 8.26
CA PRO D 225 8.10 6.11 7.31
C PRO D 225 6.99 7.11 7.02
N PRO D 226 7.20 8.44 7.13
CA PRO D 226 6.23 9.40 6.62
C PRO D 226 6.00 9.16 5.13
N ASN D 227 4.75 9.21 4.69
CA ASN D 227 4.34 8.91 3.30
C ASN D 227 3.44 10.07 2.86
N LEU D 228 3.99 11.01 2.09
CA LEU D 228 3.35 12.32 1.81
C LEU D 228 3.44 12.61 0.33
N GLN D 229 2.39 13.16 -0.25
CA GLN D 229 2.40 13.58 -1.66
C GLN D 229 2.25 15.11 -1.72
N PHE D 230 2.62 15.69 -2.84
CA PHE D 230 2.44 17.13 -3.11
C PHE D 230 2.29 17.35 -4.61
N THR D 231 1.34 18.22 -4.96
CA THR D 231 0.97 18.50 -6.35
C THR D 231 0.20 19.80 -6.36
N ASN D 232 0.12 20.46 -7.51
CA ASN D 232 -0.90 21.53 -7.68
C ASN D 232 -1.90 21.06 -8.74
N ALA D 233 -2.02 19.75 -8.97
CA ALA D 233 -2.89 19.23 -10.05
C ALA D 233 -4.16 18.59 -9.48
N VAL D 234 -4.38 18.68 -8.17
CA VAL D 234 -5.48 17.98 -7.46
C VAL D 234 -6.35 19.03 -6.74
N THR D 235 -7.65 18.97 -7.02
CA THR D 235 -8.70 19.86 -6.48
C THR D 235 -9.62 19.01 -5.61
N THR D 236 -9.87 19.40 -4.37
CA THR D 236 -10.80 18.69 -3.48
C THR D 236 -12.17 19.38 -3.59
N VAL D 237 -13.20 18.64 -3.98
CA VAL D 237 -14.58 19.17 -4.15
C VAL D 237 -15.27 19.22 -2.78
N LEU D 238 -15.86 20.36 -2.42
CA LEU D 238 -16.46 20.49 -1.07
C LEU D 238 -17.99 20.32 -1.13
N LEU D 239 -18.56 20.17 -2.34
CA LEU D 239 -20.02 19.97 -2.57
C LEU D 239 -20.46 18.66 -1.93
N ASP D 240 -21.59 18.69 -1.22
CA ASP D 240 -22.25 17.49 -0.62
C ASP D 240 -23.04 16.73 -1.69
N GLU D 241 -23.80 15.71 -1.28
CA GLU D 241 -24.64 14.84 -2.16
C GLU D 241 -25.59 15.69 -3.02
N ASN D 242 -26.00 16.86 -2.52
CA ASN D 242 -27.03 17.75 -3.12
C ASN D 242 -26.37 18.85 -3.95
N GLY D 243 -25.04 18.84 -4.09
CA GLY D 243 -24.34 19.87 -4.86
C GLY D 243 -24.22 21.17 -4.08
N VAL D 244 -24.34 21.12 -2.76
CA VAL D 244 -24.19 22.34 -1.92
C VAL D 244 -22.88 22.26 -1.11
N GLY D 245 -22.07 23.29 -1.23
CA GLY D 245 -20.81 23.42 -0.47
C GLY D 245 -21.12 24.09 0.86
N PRO D 246 -20.13 24.20 1.77
CA PRO D 246 -20.31 25.00 3.00
C PRO D 246 -20.77 26.42 2.70
N LEU D 247 -21.73 26.88 3.50
CA LEU D 247 -22.33 28.24 3.44
C LEU D 247 -21.76 29.09 4.59
N CYS D 248 -21.07 30.17 4.22
CA CYS D 248 -20.21 31.01 5.09
C CYS D 248 -21.10 31.97 5.92
N LYS D 249 -21.37 31.60 7.16
CA LYS D 249 -22.16 32.38 8.17
C LYS D 249 -21.34 33.60 8.59
N GLY D 250 -22.00 34.77 8.63
CA GLY D 250 -21.37 36.08 8.88
C GLY D 250 -20.26 36.40 7.90
N ASP D 251 -20.31 35.83 6.69
CA ASP D 251 -19.35 36.08 5.57
C ASP D 251 -17.94 35.72 6.04
N GLY D 252 -17.81 34.65 6.82
CA GLY D 252 -16.52 34.13 7.28
C GLY D 252 -16.29 32.75 6.69
N LEU D 253 -15.08 32.49 6.16
CA LEU D 253 -14.61 31.13 5.79
C LEU D 253 -13.69 30.60 6.90
N PHE D 254 -13.99 29.40 7.38
CA PHE D 254 -13.30 28.71 8.50
C PHE D 254 -12.44 27.55 7.98
N VAL D 255 -11.12 27.70 8.11
CA VAL D 255 -10.15 26.62 7.72
C VAL D 255 -9.47 26.07 8.97
N SER D 256 -9.27 24.76 8.98
CA SER D 256 -8.67 24.02 10.09
C SER D 256 -7.65 23.03 9.52
N ALA D 257 -6.61 22.71 10.29
CA ALA D 257 -5.55 21.77 9.87
C ALA D 257 -4.87 21.15 11.09
N ALA D 258 -4.32 19.96 10.85
CA ALA D 258 -3.37 19.29 11.76
C ALA D 258 -2.43 18.44 10.90
N ASP D 259 -1.12 18.65 11.02
CA ASP D 259 -0.12 17.93 10.20
C ASP D 259 1.11 17.60 11.03
N ILE D 260 0.97 16.59 11.87
CA ILE D 260 2.13 15.90 12.51
C ILE D 260 2.76 15.02 11.43
N CYS D 261 4.02 15.28 11.11
CA CYS D 261 4.75 14.58 10.03
C CYS D 261 5.63 13.48 10.64
N GLY D 262 5.74 13.45 11.96
CA GLY D 262 6.48 12.40 12.69
C GLY D 262 7.12 12.99 13.93
N VAL D 263 8.12 12.30 14.48
CA VAL D 263 8.81 12.70 15.73
C VAL D 263 10.31 12.72 15.46
N MET D 264 11.04 13.52 16.24
CA MET D 264 12.50 13.38 16.33
C MET D 264 12.80 12.74 17.68
N VAL D 265 13.91 12.02 17.74
CA VAL D 265 14.37 11.25 18.94
C VAL D 265 15.64 11.89 19.43
N LYS D 266 15.64 12.33 20.70
CA LYS D 266 16.78 13.04 21.33
C LYS D 266 17.90 12.05 21.60
N ALA D 267 19.14 12.44 21.34
CA ALA D 267 20.35 11.62 21.57
C ALA D 267 20.51 11.28 23.06
N ASP D 268 20.28 12.23 23.96
CA ASP D 268 20.74 12.08 25.36
C ASP D 268 19.85 11.07 26.11
N ASN D 269 18.53 11.08 25.92
CA ASN D 269 17.60 10.22 26.71
C ASN D 269 16.50 9.59 25.83
N GLU D 270 16.50 9.82 24.53
CA GLU D 270 15.61 9.17 23.51
C GLU D 270 14.15 9.59 23.74
N ALA D 271 13.91 10.69 24.48
CA ALA D 271 12.60 11.37 24.48
C ALA D 271 12.32 11.92 23.08
N ILE D 272 11.05 12.19 22.78
CA ILE D 272 10.68 12.63 21.40
C ILE D 272 10.14 14.05 21.44
N ARG D 273 10.17 14.68 20.28
CA ARG D 273 9.38 15.88 19.94
C ARG D 273 8.61 15.54 18.66
N TYR D 274 7.33 15.93 18.60
CA TYR D 274 6.56 15.94 17.33
C TYR D 274 7.08 17.04 16.43
N ARG D 275 6.97 16.86 15.11
CA ARG D 275 7.30 17.85 14.08
C ARG D 275 6.07 18.02 13.20
N GLY D 276 5.63 19.27 12.99
CA GLY D 276 4.53 19.65 12.09
C GLY D 276 5.04 20.49 10.94
N LEU D 277 4.29 20.57 9.84
CA LEU D 277 4.63 21.43 8.69
C LEU D 277 3.45 22.34 8.40
N PRO D 278 3.69 23.53 7.79
CA PRO D 278 2.59 24.39 7.38
C PRO D 278 1.71 23.78 6.27
N ARG D 279 0.44 24.14 6.25
CA ARG D 279 -0.52 23.73 5.21
C ARG D 279 -1.04 24.98 4.47
N TYR D 280 -1.02 24.94 3.15
CA TYR D 280 -1.59 25.97 2.25
C TYR D 280 -3.01 25.56 1.85
N PHE D 281 -3.89 26.55 1.70
CA PHE D 281 -5.31 26.42 1.27
C PHE D 281 -5.59 27.47 0.18
N LYS D 282 -6.15 27.05 -0.94
CA LYS D 282 -6.82 27.95 -1.91
C LYS D 282 -8.26 27.47 -2.06
N VAL D 283 -9.23 28.28 -1.68
CA VAL D 283 -10.66 27.90 -1.64
C VAL D 283 -11.38 28.78 -2.66
N THR D 284 -12.12 28.16 -3.58
CA THR D 284 -12.99 28.83 -4.58
C THR D 284 -14.41 28.90 -4.02
N LEU D 285 -15.03 30.07 -4.05
CA LEU D 285 -16.39 30.27 -3.51
C LEU D 285 -17.26 30.91 -4.60
N ARG D 286 -18.55 30.62 -4.56
CA ARG D 286 -19.58 31.19 -5.47
C ARG D 286 -20.72 31.74 -4.61
N LYS D 287 -21.48 32.68 -5.17
CA LYS D 287 -22.64 33.25 -4.48
C LYS D 287 -23.79 32.26 -4.63
N ARG D 288 -24.51 32.04 -3.54
CA ARG D 288 -25.69 31.16 -3.43
C ARG D 288 -26.84 31.96 -2.84
N ALA D 289 -27.98 31.99 -3.54
CA ALA D 289 -29.28 32.45 -3.02
C ALA D 289 -29.73 31.55 -1.88
N VAL D 290 -30.26 32.11 -0.79
CA VAL D 290 -30.96 31.35 0.30
C VAL D 290 -32.25 32.08 0.73
N LYS D 291 -33.11 31.40 1.50
CA LYS D 291 -34.44 31.89 1.97
C LYS D 291 -34.50 31.81 3.49
N ASN D 292 -34.72 32.97 4.15
CA ASN D 292 -34.95 33.12 5.62
C ASN D 292 -36.03 34.18 5.85
N GLU E 8 -4.59 37.06 -22.42
CA GLU E 8 -5.89 36.29 -22.42
C GLU E 8 -5.71 35.03 -23.28
N VAL E 9 -6.28 33.90 -22.86
CA VAL E 9 -6.13 32.59 -23.56
C VAL E 9 -7.32 32.43 -24.51
N LEU E 10 -7.05 32.27 -25.81
CA LEU E 10 -8.09 32.11 -26.85
C LEU E 10 -8.16 30.64 -27.26
N ASN E 11 -8.41 30.38 -28.55
CA ASN E 11 -8.70 29.02 -29.08
C ASN E 11 -7.41 28.23 -29.27
N ILE E 12 -7.51 26.91 -29.27
CA ILE E 12 -6.48 25.96 -29.74
C ILE E 12 -6.34 26.13 -31.25
N ILE E 13 -5.11 26.21 -31.75
CA ILE E 13 -4.79 26.24 -33.21
C ILE E 13 -4.94 24.84 -33.78
N THR E 14 -5.64 24.75 -34.91
CA THR E 14 -5.89 23.48 -35.64
C THR E 14 -5.00 23.47 -36.88
N GLY E 15 -4.79 22.30 -37.46
CA GLY E 15 -4.18 22.15 -38.79
C GLY E 15 -2.87 21.37 -38.72
N PRO E 16 -2.06 21.40 -39.80
CA PRO E 16 -0.81 20.64 -39.85
C PRO E 16 0.23 21.43 -39.06
N ASP E 17 1.20 20.73 -38.48
CA ASP E 17 2.32 21.39 -37.75
C ASP E 17 1.74 22.22 -36.61
N SER E 18 0.60 21.83 -36.01
CA SER E 18 -0.01 22.54 -34.84
C SER E 18 0.53 21.94 -33.53
N THR E 19 1.24 20.81 -33.59
CA THR E 19 1.80 20.17 -32.38
C THR E 19 3.30 19.90 -32.56
N THR E 20 3.98 19.67 -31.45
CA THR E 20 5.39 19.20 -31.44
C THR E 20 5.61 18.38 -30.16
N GLU E 21 6.75 17.71 -30.10
CA GLU E 21 7.18 16.87 -28.96
C GLU E 21 8.62 17.28 -28.67
N ILE E 22 9.00 17.39 -27.41
CA ILE E 22 10.44 17.55 -27.04
C ILE E 22 10.76 16.53 -25.96
N GLU E 23 11.98 16.01 -26.03
CA GLU E 23 12.53 14.92 -25.20
C GLU E 23 13.78 15.47 -24.51
N LEU E 24 13.95 15.20 -23.23
CA LEU E 24 15.27 15.42 -22.59
C LEU E 24 15.40 14.58 -21.31
N TYR E 25 16.62 14.53 -20.84
CA TYR E 25 17.06 13.88 -19.60
C TYR E 25 17.55 14.96 -18.64
N LEU E 26 17.14 14.91 -17.37
CA LEU E 26 17.82 15.66 -16.29
C LEU E 26 18.63 14.67 -15.47
N GLU E 27 19.94 14.88 -15.42
CA GLU E 27 20.86 14.10 -14.57
C GLU E 27 20.64 14.50 -13.12
N PRO E 28 20.87 13.56 -12.17
CA PRO E 28 20.70 13.85 -10.76
C PRO E 28 21.77 14.82 -10.23
N ARG E 29 21.34 15.61 -9.25
CA ARG E 29 22.10 16.70 -8.58
C ARG E 29 21.98 16.45 -7.09
N MET E 30 22.57 15.35 -6.64
CA MET E 30 22.56 14.86 -5.26
C MET E 30 23.65 15.56 -4.44
N GLY E 31 24.50 16.38 -5.07
CA GLY E 31 25.48 17.21 -4.35
C GLY E 31 26.82 17.19 -5.05
N ILE E 32 27.32 16.00 -5.37
CA ILE E 32 28.47 15.82 -6.29
C ILE E 32 27.89 15.84 -7.71
N ASN E 33 27.92 17.03 -8.31
CA ASN E 33 27.05 17.41 -9.43
C ASN E 33 27.83 17.34 -10.73
N SER E 34 29.07 16.87 -10.68
CA SER E 34 29.93 16.83 -11.89
C SER E 34 30.80 15.58 -11.84
N PRO E 35 30.91 14.84 -12.96
CA PRO E 35 31.85 13.72 -13.02
C PRO E 35 33.28 14.20 -13.29
N THR E 36 33.66 15.33 -12.69
CA THR E 36 35.02 15.95 -12.82
C THR E 36 35.50 16.39 -11.45
N GLY E 37 36.82 16.39 -11.24
CA GLY E 37 37.44 16.92 -10.01
C GLY E 37 37.68 15.81 -9.01
N ASP E 38 38.13 16.19 -7.80
CA ASP E 38 38.54 15.25 -6.72
C ASP E 38 37.43 14.23 -6.45
N LYS E 39 36.16 14.64 -6.50
CA LYS E 39 35.04 13.81 -5.97
C LYS E 39 34.29 13.10 -7.10
N LYS E 40 34.87 13.06 -8.31
CA LYS E 40 34.15 12.63 -9.53
C LYS E 40 33.62 11.19 -9.41
N GLU E 41 34.27 10.31 -8.63
CA GLU E 41 33.89 8.88 -8.46
C GLU E 41 32.50 8.73 -7.83
N TRP E 42 32.04 9.75 -7.10
CA TRP E 42 30.72 9.78 -6.42
C TRP E 42 29.74 10.68 -7.19
N TYR E 43 29.95 10.92 -8.48
CA TYR E 43 28.96 11.63 -9.32
C TYR E 43 27.62 10.88 -9.19
N GLY E 44 26.51 11.56 -8.93
CA GLY E 44 25.17 10.95 -8.85
C GLY E 44 24.82 10.58 -7.42
N TYR E 45 25.76 10.85 -6.50
CA TYR E 45 25.60 10.68 -5.04
C TYR E 45 25.89 12.02 -4.34
N SER E 46 25.49 12.14 -3.09
CA SER E 46 25.91 13.23 -2.19
C SER E 46 27.29 12.88 -1.61
N GLU E 47 27.96 13.89 -1.05
CA GLU E 47 29.04 13.67 -0.04
C GLU E 47 28.45 12.96 1.16
N VAL E 48 29.33 12.28 1.90
CA VAL E 48 29.03 11.61 3.19
C VAL E 48 28.43 12.64 4.16
N ILE E 49 27.41 12.20 4.90
CA ILE E 49 26.70 13.00 5.94
C ILE E 49 26.78 12.24 7.26
N HIS E 50 27.13 12.98 8.31
CA HIS E 50 27.14 12.57 9.74
C HIS E 50 26.15 13.44 10.51
N HIS E 51 25.69 12.91 11.64
CA HIS E 51 24.62 13.48 12.50
C HIS E 51 24.92 14.93 12.94
N ALA E 52 26.18 15.28 13.24
CA ALA E 52 26.56 16.61 13.77
C ALA E 52 26.95 17.56 12.62
N ASP E 53 26.94 17.13 11.35
CA ASP E 53 27.22 18.05 10.22
C ASP E 53 26.19 19.19 10.25
N GLY E 54 26.62 20.46 10.08
CA GLY E 54 25.75 21.64 10.28
C GLY E 54 25.69 22.15 11.72
N TYR E 55 26.33 21.43 12.65
CA TYR E 55 26.44 21.84 14.08
C TYR E 55 27.92 21.94 14.47
N ASP E 56 28.68 20.84 14.38
CA ASP E 56 30.14 20.75 14.69
C ASP E 56 30.98 21.37 13.58
N ASN E 57 30.39 21.57 12.40
CA ASN E 57 31.10 22.06 11.19
C ASN E 57 30.06 22.74 10.31
N ASN E 58 30.48 23.36 9.20
CA ASN E 58 29.55 23.94 8.22
C ASN E 58 29.07 22.83 7.26
N LEU E 59 27.76 22.70 7.06
CA LEU E 59 27.19 21.73 6.06
C LEU E 59 27.58 22.21 4.67
N LEU E 60 28.11 21.32 3.82
CA LEU E 60 28.57 21.68 2.45
C LEU E 60 27.45 21.43 1.44
N SER E 61 27.45 22.22 0.37
CA SER E 61 26.56 22.08 -0.80
C SER E 61 26.62 20.64 -1.37
N ILE E 62 27.81 20.00 -1.33
CA ILE E 62 27.99 18.62 -1.87
C ILE E 62 27.29 17.59 -0.98
N GLN E 63 26.85 17.96 0.24
CA GLN E 63 26.12 17.09 1.19
C GLN E 63 24.60 17.33 1.10
N MET E 64 24.14 18.10 0.11
CA MET E 64 22.72 18.57 0.07
C MET E 64 22.11 18.31 -1.29
N PRO E 65 21.28 17.24 -1.40
CA PRO E 65 20.66 16.91 -2.68
C PRO E 65 19.88 18.12 -3.19
N GLN E 66 19.91 18.36 -4.49
CA GLN E 66 19.36 19.59 -5.11
C GLN E 66 18.38 19.24 -6.23
N TYR E 67 17.47 20.17 -6.56
CA TYR E 67 16.62 20.08 -7.77
C TYR E 67 17.46 20.23 -9.04
N SER E 68 17.13 19.40 -10.04
CA SER E 68 17.51 19.54 -11.46
C SER E 68 16.46 20.42 -12.17
N CYS E 69 16.91 21.18 -13.16
CA CYS E 69 16.01 21.93 -14.05
C CYS E 69 16.74 22.17 -15.36
N ALA E 70 16.00 22.28 -16.45
CA ALA E 70 16.47 22.79 -17.75
C ALA E 70 15.37 23.64 -18.40
N ARG E 71 15.78 24.57 -19.27
CA ARG E 71 14.90 25.32 -20.19
C ARG E 71 15.14 24.74 -21.58
N VAL E 72 14.11 24.24 -22.27
CA VAL E 72 14.23 23.72 -23.65
C VAL E 72 13.68 24.78 -24.61
N GLN E 73 14.50 25.19 -25.59
CA GLN E 73 14.10 26.05 -26.73
C GLN E 73 13.10 25.28 -27.62
N LEU E 74 11.91 25.83 -27.78
CA LEU E 74 10.87 25.26 -28.66
C LEU E 74 11.06 25.83 -30.05
N PRO E 75 10.36 25.32 -31.08
CA PRO E 75 10.35 25.96 -32.41
C PRO E 75 9.80 27.39 -32.30
N MET E 76 10.50 28.39 -32.81
CA MET E 76 10.04 29.80 -32.65
C MET E 76 8.71 29.94 -33.41
N LEU E 77 7.69 30.47 -32.74
CA LEU E 77 6.37 30.79 -33.36
C LEU E 77 6.39 32.26 -33.73
N ASN E 78 5.39 32.70 -34.51
CA ASN E 78 5.18 34.14 -34.79
C ASN E 78 6.27 34.60 -35.78
N ASP E 84 -1.55 37.07 -38.33
CA ASP E 84 -2.92 36.51 -38.21
C ASP E 84 -3.30 36.38 -36.73
N THR E 85 -2.66 35.44 -36.04
CA THR E 85 -2.94 35.08 -34.62
C THR E 85 -1.59 35.07 -33.87
N LEU E 86 -1.54 35.69 -32.70
CA LEU E 86 -0.41 35.50 -31.78
C LEU E 86 -0.54 34.07 -31.21
N MET E 87 0.58 33.42 -30.95
CA MET E 87 0.58 31.97 -30.60
C MET E 87 1.59 31.68 -29.47
N MET E 88 1.19 30.85 -28.54
CA MET E 88 2.17 30.25 -27.58
C MET E 88 2.06 28.73 -27.69
N TRP E 89 3.19 28.06 -27.46
CA TRP E 89 3.15 26.61 -27.18
C TRP E 89 2.46 26.37 -25.85
N GLU E 90 1.57 25.37 -25.83
CA GLU E 90 0.84 24.93 -24.61
C GLU E 90 1.23 23.47 -24.37
N ALA E 91 1.84 23.19 -23.22
CA ALA E 91 2.20 21.82 -22.79
C ALA E 91 0.92 21.09 -22.40
N VAL E 92 0.64 19.97 -23.07
CA VAL E 92 -0.66 19.25 -22.99
C VAL E 92 -0.48 18.06 -22.05
N SER E 93 0.61 17.33 -22.21
CA SER E 93 0.83 16.00 -21.58
C SER E 93 2.33 15.72 -21.59
N CYS E 94 2.74 14.75 -20.77
CA CYS E 94 4.12 14.24 -20.79
C CYS E 94 4.18 12.78 -20.36
N LYS E 95 5.20 12.10 -20.85
CA LYS E 95 5.71 10.83 -20.28
C LYS E 95 7.02 11.17 -19.57
N THR E 96 7.14 10.75 -18.32
CA THR E 96 8.38 10.89 -17.55
C THR E 96 8.68 9.51 -16.94
N GLU E 97 9.97 9.21 -16.86
CA GLU E 97 10.50 7.93 -16.38
C GLU E 97 11.73 8.23 -15.54
N ILE E 98 11.88 7.50 -14.44
CA ILE E 98 13.19 7.39 -13.75
C ILE E 98 13.97 6.28 -14.46
N VAL E 99 15.17 6.56 -14.95
CA VAL E 99 15.99 5.58 -15.71
C VAL E 99 17.10 4.97 -14.83
N GLY E 100 17.34 3.67 -14.97
CA GLY E 100 18.37 2.94 -14.21
C GLY E 100 17.84 2.38 -12.90
N ILE E 101 16.54 2.20 -12.77
CA ILE E 101 15.99 1.59 -11.53
C ILE E 101 16.64 0.21 -11.27
N GLY E 102 16.87 -0.58 -12.33
CA GLY E 102 17.56 -1.88 -12.23
C GLY E 102 18.87 -1.85 -11.44
N SER E 103 19.62 -0.74 -11.51
CA SER E 103 20.94 -0.61 -10.81
C SER E 103 20.74 -0.67 -9.29
N LEU E 104 19.51 -0.51 -8.80
CA LEU E 104 19.24 -0.43 -7.35
C LEU E 104 19.18 -1.84 -6.75
N ILE E 105 19.29 -2.89 -7.57
CA ILE E 105 19.38 -4.28 -7.04
C ILE E 105 20.80 -4.56 -6.52
N SER E 106 21.79 -3.71 -6.81
CA SER E 106 23.20 -4.04 -6.49
C SER E 106 23.37 -4.33 -5.00
N VAL E 107 24.00 -5.46 -4.67
CA VAL E 107 24.37 -5.75 -3.27
C VAL E 107 25.89 -5.89 -3.18
N HIS E 108 26.63 -5.17 -4.02
CA HIS E 108 28.11 -5.13 -4.00
C HIS E 108 28.54 -3.67 -4.16
N LEU E 109 27.84 -2.77 -3.47
CA LEU E 109 28.07 -1.31 -3.51
C LEU E 109 29.43 -1.01 -2.85
N LEU E 110 30.29 -0.29 -3.59
CA LEU E 110 31.64 0.11 -3.12
C LEU E 110 31.54 0.84 -1.78
N GLU E 111 32.34 0.40 -0.82
CA GLU E 111 32.49 1.01 0.54
C GLU E 111 31.22 0.80 1.37
N ALA E 112 30.25 0.00 0.94
CA ALA E 112 28.96 -0.12 1.68
C ALA E 112 29.08 -1.14 2.81
N LYS E 113 28.35 -0.90 3.90
CA LYS E 113 28.20 -1.78 5.07
C LYS E 113 27.75 -3.18 4.63
N MET E 114 28.29 -4.22 5.26
CA MET E 114 27.98 -5.64 4.98
C MET E 114 26.67 -5.98 5.73
N ALA E 115 25.70 -6.52 5.01
CA ALA E 115 24.41 -7.03 5.56
C ALA E 115 24.62 -8.47 6.05
N ALA E 116 25.39 -8.68 7.13
CA ALA E 116 25.67 -10.02 7.73
C ALA E 116 26.32 -9.84 9.11
N LYS E 117 26.36 -10.89 9.95
CA LYS E 117 27.00 -10.77 11.30
C LYS E 117 28.52 -10.62 11.10
N GLU E 118 29.21 -10.08 12.11
CA GLU E 118 30.70 -10.12 12.22
C GLU E 118 31.18 -11.52 11.84
N GLY E 119 32.21 -11.61 11.01
CA GLY E 119 32.79 -12.87 10.53
C GLY E 119 32.05 -13.43 9.32
N GLY E 120 30.97 -12.78 8.88
CA GLY E 120 30.22 -13.19 7.67
C GLY E 120 30.88 -12.66 6.42
N ASP E 121 30.47 -13.18 5.27
CA ASP E 121 30.87 -12.62 3.95
C ASP E 121 29.59 -12.36 3.16
N GLY E 122 28.70 -11.55 3.72
CA GLY E 122 27.37 -11.36 3.14
C GLY E 122 27.38 -10.27 2.08
N PRO E 123 26.23 -9.95 1.49
CA PRO E 123 26.19 -8.87 0.50
C PRO E 123 26.30 -7.52 1.19
N SER E 124 26.42 -6.45 0.40
CA SER E 124 26.33 -5.08 0.95
C SER E 124 24.84 -4.82 1.19
N GLN E 125 24.55 -3.92 2.12
CA GLN E 125 23.24 -3.27 2.22
C GLN E 125 23.00 -2.61 0.87
N PRO E 126 21.80 -2.77 0.26
CA PRO E 126 21.49 -2.10 -1.00
C PRO E 126 21.01 -0.66 -0.77
N ILE E 127 20.79 0.10 -1.84
CA ILE E 127 20.20 1.45 -1.68
C ILE E 127 18.82 1.25 -1.06
N GLU E 128 18.51 1.98 0.00
CA GLU E 128 17.17 1.96 0.62
C GLU E 128 17.04 3.21 1.47
N GLY E 129 15.88 3.42 2.09
CA GLY E 129 15.59 4.63 2.86
C GLY E 129 14.92 5.67 2.00
N MET E 130 15.05 6.92 2.37
CA MET E 130 14.07 7.96 1.98
C MET E 130 14.09 8.17 0.47
N ASN E 131 12.90 8.18 -0.08
CA ASN E 131 12.66 8.40 -1.52
C ASN E 131 11.97 9.75 -1.61
N TYR E 132 12.52 10.67 -2.39
CA TYR E 132 11.91 11.97 -2.74
C TYR E 132 11.88 12.07 -4.26
N HIS E 133 10.69 12.11 -4.84
CA HIS E 133 10.49 12.07 -6.30
C HIS E 133 9.56 13.22 -6.66
N MET E 134 10.02 14.08 -7.57
CA MET E 134 9.18 15.21 -8.03
C MET E 134 9.55 15.44 -9.48
N PHE E 135 8.58 15.82 -10.28
CA PHE E 135 8.83 16.33 -11.64
C PHE E 135 7.85 17.47 -11.82
N ALA E 136 8.21 18.40 -12.69
CA ALA E 136 7.39 19.58 -12.96
C ALA E 136 7.61 19.98 -14.41
N VAL E 137 6.56 20.48 -15.03
CA VAL E 137 6.61 20.99 -16.41
C VAL E 137 5.86 22.31 -16.38
N GLY E 138 6.49 23.35 -16.92
CA GLY E 138 5.99 24.73 -16.78
C GLY E 138 6.41 25.61 -17.93
N GLY E 139 5.72 26.72 -18.10
CA GLY E 139 6.01 27.68 -19.19
C GLY E 139 6.90 28.82 -18.68
N GLU E 140 7.51 28.61 -17.52
CA GLU E 140 8.39 29.56 -16.78
C GLU E 140 8.96 28.81 -15.57
N PRO E 141 10.01 29.34 -14.90
CA PRO E 141 10.62 28.61 -13.80
C PRO E 141 9.62 28.29 -12.68
N LEU E 142 9.82 27.13 -12.09
CA LEU E 142 9.00 26.66 -10.96
C LEU E 142 9.22 27.60 -9.79
N ASP E 143 8.13 28.03 -9.16
CA ASP E 143 8.15 28.83 -7.91
C ASP E 143 8.49 27.89 -6.74
N LEU E 144 9.44 28.30 -5.86
CA LEU E 144 9.86 27.59 -4.62
C LEU E 144 9.58 28.41 -3.35
N GLN E 145 9.25 27.69 -2.29
CA GLN E 145 9.02 28.21 -0.93
C GLN E 145 10.09 27.58 -0.03
N GLY E 146 10.70 28.43 0.82
CA GLY E 146 11.84 28.07 1.66
C GLY E 146 11.35 27.65 3.02
N ILE E 147 12.06 26.69 3.61
CA ILE E 147 11.84 26.26 5.01
C ILE E 147 13.20 25.74 5.52
N GLU E 148 13.31 25.54 6.83
CA GLU E 148 14.44 24.86 7.50
C GLU E 148 13.88 23.88 8.52
N SER E 149 14.39 22.64 8.56
CA SER E 149 14.13 21.69 9.66
C SER E 149 14.72 22.26 10.96
N ASN E 150 15.97 22.72 10.90
CA ASN E 150 16.71 23.41 12.00
C ASN E 150 17.17 24.78 11.50
N ALA E 151 16.52 25.83 11.96
CA ALA E 151 16.75 27.21 11.46
C ALA E 151 18.22 27.65 11.64
N LEU E 152 18.93 27.19 12.68
CA LEU E 152 20.33 27.60 12.98
C LEU E 152 21.37 26.62 12.43
N THR E 153 21.02 25.69 11.55
CA THR E 153 22.02 24.89 10.80
C THR E 153 23.09 25.85 10.28
N LYS E 154 24.36 25.48 10.38
CA LYS E 154 25.49 26.24 9.79
C LYS E 154 25.78 25.72 8.38
N TYR E 155 25.72 26.62 7.40
CA TYR E 155 26.04 26.33 5.98
C TYR E 155 27.37 26.96 5.61
N ALA E 156 28.21 26.24 4.88
CA ALA E 156 29.45 26.73 4.24
C ALA E 156 29.08 27.77 3.18
N SER E 157 29.92 28.78 3.00
CA SER E 157 29.75 29.83 1.97
C SER E 157 30.92 29.71 0.99
N ALA E 158 30.66 30.04 -0.25
CA ALA E 158 31.69 30.13 -1.29
C ALA E 158 31.29 31.25 -2.24
N ILE E 159 32.25 31.70 -3.01
CA ILE E 159 32.01 32.60 -4.16
C ILE E 159 32.78 31.99 -5.33
N PRO E 160 32.10 31.56 -6.42
CA PRO E 160 30.65 31.67 -6.54
C PRO E 160 29.90 30.75 -5.57
N PRO E 161 28.66 31.07 -5.14
CA PRO E 161 27.92 30.21 -4.22
C PRO E 161 27.53 28.90 -4.94
N LYS E 162 27.60 27.77 -4.25
CA LYS E 162 27.26 26.45 -4.85
C LYS E 162 25.76 26.19 -4.65
N THR E 163 25.13 26.82 -3.65
CA THR E 163 23.70 26.66 -3.32
C THR E 163 23.18 27.98 -2.78
N ILE E 164 21.87 28.12 -2.81
CA ILE E 164 21.18 29.28 -2.19
C ILE E 164 20.26 28.73 -1.12
N HIS E 165 20.14 29.44 0.00
CA HIS E 165 19.41 29.00 1.20
C HIS E 165 18.30 30.00 1.40
N PRO E 166 17.13 29.59 1.93
CA PRO E 166 16.05 30.52 2.21
C PRO E 166 16.45 31.85 2.88
N ASN E 167 17.33 31.83 3.87
CA ASN E 167 17.70 33.08 4.58
C ASN E 167 18.56 34.00 3.71
N ASP E 168 19.22 33.47 2.67
CA ASP E 168 19.93 34.31 1.66
C ASP E 168 18.93 35.27 1.01
N ILE E 169 17.65 34.90 0.96
CA ILE E 169 16.59 35.73 0.32
C ILE E 169 15.79 36.46 1.39
N ALA E 170 15.37 35.76 2.45
CA ALA E 170 14.54 36.32 3.53
C ALA E 170 15.34 37.30 4.41
N LYS E 171 16.66 37.08 4.58
CA LYS E 171 17.59 37.96 5.33
C LYS E 171 17.03 38.25 6.74
N LEU E 172 16.62 37.22 7.47
CA LEU E 172 16.22 37.31 8.90
C LEU E 172 17.51 37.39 9.72
N ALA E 173 17.48 38.22 10.77
CA ALA E 173 18.48 38.26 11.86
C ALA E 173 18.41 36.95 12.64
N GLU E 174 19.51 36.58 13.29
CA GLU E 174 19.69 35.28 13.97
C GLU E 174 18.51 35.08 14.93
N GLU E 175 18.07 36.12 15.62
CA GLU E 175 16.98 35.98 16.63
C GLU E 175 15.64 35.64 15.95
N GLU E 176 15.47 35.97 14.67
CA GLU E 176 14.21 35.79 13.90
C GLU E 176 14.25 34.52 13.04
N LYS E 177 15.43 33.91 12.85
CA LYS E 177 15.60 32.75 11.94
C LYS E 177 14.66 31.59 12.31
N PRO E 178 14.36 31.31 13.60
CA PRO E 178 13.41 30.25 13.93
C PRO E 178 12.05 30.33 13.21
N GLN E 179 11.68 31.50 12.65
CA GLN E 179 10.46 31.65 11.82
C GLN E 179 10.50 30.70 10.62
N LEU E 180 11.70 30.38 10.13
CA LEU E 180 11.92 29.54 8.92
C LEU E 180 11.53 28.06 9.15
N GLN E 181 11.25 27.67 10.40
CA GLN E 181 10.79 26.32 10.77
C GLN E 181 9.30 26.22 10.50
N GLY E 182 8.66 27.36 10.27
CA GLY E 182 7.28 27.45 9.78
C GLY E 182 7.31 27.96 8.36
N LEU E 183 6.49 28.97 8.06
CA LEU E 183 6.31 29.53 6.71
C LEU E 183 6.69 31.01 6.74
N VAL E 184 7.81 31.36 6.13
CA VAL E 184 8.26 32.77 5.96
C VAL E 184 7.91 33.20 4.55
N PRO E 185 6.88 34.07 4.37
CA PRO E 185 6.44 34.43 3.03
C PRO E 185 7.56 35.05 2.17
N LYS E 186 8.55 35.72 2.76
CA LYS E 186 9.65 36.36 1.98
C LYS E 186 10.62 35.31 1.44
N ALA E 187 10.64 34.09 1.98
CA ALA E 187 11.57 33.04 1.54
C ALA E 187 11.00 32.38 0.29
N LYS E 188 11.02 33.08 -0.85
CA LYS E 188 10.50 32.60 -2.16
C LYS E 188 11.59 32.79 -3.19
N ALA E 189 11.67 31.88 -4.15
CA ALA E 189 12.68 31.87 -5.23
C ALA E 189 12.08 31.18 -6.44
N ARG E 190 12.77 31.24 -7.57
CA ARG E 190 12.38 30.54 -8.80
C ARG E 190 13.49 29.58 -9.17
N LEU E 191 13.12 28.37 -9.59
CA LEU E 191 14.09 27.30 -9.90
C LEU E 191 14.68 27.58 -11.29
N ASP E 192 15.68 28.46 -11.34
CA ASP E 192 16.22 29.00 -12.62
C ASP E 192 17.62 28.43 -12.83
N LYS E 193 18.16 27.74 -11.83
CA LYS E 193 19.55 27.21 -11.85
C LYS E 193 19.52 25.76 -11.38
N ASP E 194 20.06 24.88 -12.22
CA ASP E 194 20.26 23.43 -12.02
C ASP E 194 21.29 23.23 -10.91
N GLY E 195 21.05 22.31 -9.96
CA GLY E 195 22.01 21.94 -8.91
C GLY E 195 22.37 23.14 -8.06
N PHE E 196 21.38 23.81 -7.49
CA PHE E 196 21.59 25.10 -6.77
C PHE E 196 20.67 25.19 -5.56
N TYR E 197 19.45 24.63 -5.68
CA TYR E 197 18.38 24.74 -4.66
C TYR E 197 18.26 23.41 -3.93
N PRO E 198 18.70 23.33 -2.66
CA PRO E 198 18.56 22.09 -1.89
C PRO E 198 17.10 21.69 -1.62
N ILE E 199 16.82 20.42 -1.90
CA ILE E 199 15.53 19.74 -1.56
C ILE E 199 15.17 19.99 -0.10
N GLU E 200 16.15 19.95 0.82
CA GLU E 200 15.87 19.98 2.28
C GLU E 200 15.47 21.38 2.75
N GLU E 201 15.56 22.38 1.88
CA GLU E 201 15.22 23.78 2.21
C GLU E 201 14.17 24.35 1.25
N TRP E 202 13.91 23.72 0.10
CA TRP E 202 13.01 24.33 -0.92
C TRP E 202 11.95 23.32 -1.37
N SER E 203 10.68 23.76 -1.39
CA SER E 203 9.49 23.04 -1.86
C SER E 203 8.86 23.81 -3.00
N PRO E 204 8.18 23.13 -3.94
CA PRO E 204 7.32 23.83 -4.88
C PRO E 204 6.36 24.67 -4.04
N ASP E 205 6.10 25.89 -4.50
CA ASP E 205 5.25 26.89 -3.81
C ASP E 205 3.82 26.75 -4.32
N PRO E 206 2.87 26.27 -3.49
CA PRO E 206 1.49 26.07 -3.94
C PRO E 206 0.73 27.40 -4.09
N SER E 207 1.30 28.52 -3.60
CA SER E 207 0.67 29.86 -3.70
C SER E 207 0.98 30.51 -5.04
N ARG E 208 1.90 29.96 -5.83
CA ARG E 208 2.20 30.47 -7.20
C ARG E 208 2.11 29.27 -8.14
N ASN E 209 3.06 29.09 -9.04
CA ASN E 209 3.03 27.99 -10.04
C ASN E 209 1.69 27.97 -10.80
N GLU E 210 1.17 29.14 -11.13
CA GLU E 210 -0.10 29.27 -11.92
C GLU E 210 0.14 28.66 -13.31
N ASN E 211 1.37 28.66 -13.81
CA ASN E 211 1.71 28.31 -15.21
C ASN E 211 2.66 27.10 -15.22
N SER E 212 2.66 26.34 -14.13
CA SER E 212 3.46 25.12 -13.92
C SER E 212 2.55 24.03 -13.35
N ARG E 213 2.89 22.78 -13.64
N ARG E 213 2.90 22.77 -13.60
CA ARG E 213 2.27 21.58 -13.03
CA ARG E 213 2.23 21.59 -13.02
C ARG E 213 3.39 20.79 -12.36
C ARG E 213 3.30 20.69 -12.40
N TYR E 214 3.25 20.49 -11.08
CA TYR E 214 4.24 19.67 -10.35
C TYR E 214 3.53 18.53 -9.61
N PHE E 215 4.27 17.45 -9.45
CA PHE E 215 3.85 16.14 -8.90
C PHE E 215 5.02 15.57 -8.09
N GLY E 216 4.76 15.26 -6.83
CA GLY E 216 5.79 14.76 -5.93
C GLY E 216 5.27 13.75 -4.95
N SER E 217 6.16 12.88 -4.50
CA SER E 217 5.90 12.00 -3.35
C SER E 217 7.18 11.84 -2.57
N PHE E 218 6.97 11.62 -1.31
CA PHE E 218 8.04 11.39 -0.33
C PHE E 218 7.67 10.16 0.52
N VAL E 219 8.62 9.26 0.70
CA VAL E 219 8.54 8.19 1.72
C VAL E 219 9.84 8.23 2.52
N GLY E 220 9.73 8.55 3.80
CA GLY E 220 10.92 8.91 4.60
C GLY E 220 11.58 7.72 5.29
N GLY E 221 12.41 8.00 6.30
CA GLY E 221 13.10 6.94 7.05
C GLY E 221 14.37 6.48 6.35
N LEU E 222 15.19 5.71 7.06
CA LEU E 222 16.53 5.27 6.58
C LEU E 222 16.52 3.81 6.12
N ASN E 223 15.45 3.07 6.38
CA ASN E 223 15.45 1.61 6.11
C ASN E 223 14.35 1.23 5.10
N THR E 224 13.56 2.19 4.67
CA THR E 224 12.36 1.93 3.84
C THR E 224 12.75 1.36 2.48
N PRO E 225 12.11 0.28 1.97
CA PRO E 225 12.40 -0.20 0.63
C PRO E 225 12.02 0.78 -0.47
N PRO E 226 12.89 1.11 -1.44
CA PRO E 226 12.46 1.92 -2.59
C PRO E 226 11.33 1.20 -3.35
N ASN E 227 10.32 1.94 -3.76
CA ASN E 227 9.12 1.42 -4.45
C ASN E 227 8.89 2.26 -5.72
N LEU E 228 9.32 1.77 -6.87
CA LEU E 228 9.41 2.56 -8.13
C LEU E 228 8.81 1.76 -9.27
N GLN E 229 8.09 2.41 -10.14
CA GLN E 229 7.57 1.77 -11.37
C GLN E 229 8.21 2.48 -12.55
N PHE E 230 8.20 1.81 -13.68
CA PHE E 230 8.75 2.35 -14.94
C PHE E 230 7.89 1.77 -16.05
N THR E 231 7.46 2.64 -16.95
CA THR E 231 6.65 2.21 -18.11
C THR E 231 6.79 3.27 -19.18
N ASN E 232 6.48 2.93 -20.42
CA ASN E 232 6.20 3.97 -21.45
C ASN E 232 4.71 3.99 -21.80
N ALA E 233 3.81 3.48 -20.98
CA ALA E 233 2.40 3.33 -21.40
C ALA E 233 1.52 4.34 -20.65
N VAL E 234 2.12 5.18 -19.81
CA VAL E 234 1.38 6.11 -18.93
C VAL E 234 1.74 7.55 -19.31
N THR E 235 0.72 8.33 -19.63
CA THR E 235 0.81 9.76 -19.99
C THR E 235 0.29 10.59 -18.80
N THR E 236 1.00 11.63 -18.38
CA THR E 236 0.52 12.58 -17.37
C THR E 236 -0.08 13.77 -18.10
N VAL E 237 -1.37 14.04 -17.87
CA VAL E 237 -2.10 15.18 -18.49
C VAL E 237 -1.70 16.45 -17.74
N LEU E 238 -1.39 17.53 -18.47
CA LEU E 238 -0.90 18.81 -17.86
C LEU E 238 -1.97 19.92 -17.93
N LEU E 239 -3.13 19.65 -18.53
CA LEU E 239 -4.24 20.64 -18.63
C LEU E 239 -4.83 20.89 -17.25
N ASP E 240 -5.16 22.14 -16.95
CA ASP E 240 -5.86 22.52 -15.70
C ASP E 240 -7.36 22.21 -15.86
N GLU E 241 -8.17 22.60 -14.87
CA GLU E 241 -9.64 22.40 -14.88
C GLU E 241 -10.30 23.12 -16.06
N ASN E 242 -9.70 24.17 -16.63
CA ASN E 242 -10.26 24.90 -17.80
C ASN E 242 -9.71 24.33 -19.12
N GLY E 243 -8.97 23.22 -19.09
CA GLY E 243 -8.43 22.64 -20.33
C GLY E 243 -7.24 23.44 -20.86
N VAL E 244 -6.53 24.18 -20.01
CA VAL E 244 -5.33 24.96 -20.40
C VAL E 244 -4.08 24.36 -19.74
N GLY E 245 -3.08 23.99 -20.54
CA GLY E 245 -1.79 23.53 -20.04
C GLY E 245 -0.85 24.70 -19.83
N PRO E 246 0.37 24.48 -19.29
CA PRO E 246 1.44 25.48 -19.29
C PRO E 246 1.62 26.19 -20.64
N LEU E 247 1.64 27.53 -20.59
CA LEU E 247 1.87 28.43 -21.76
C LEU E 247 3.31 28.95 -21.71
N CYS E 248 4.06 28.65 -22.75
CA CYS E 248 5.55 28.68 -22.81
C CYS E 248 6.03 30.08 -23.20
N LYS E 249 6.46 30.83 -22.21
CA LYS E 249 6.97 32.22 -22.36
C LYS E 249 8.34 32.18 -23.02
N GLY E 250 8.60 33.14 -23.92
CA GLY E 250 9.86 33.20 -24.70
C GLY E 250 10.08 31.95 -25.54
N ASP E 251 9.02 31.20 -25.86
CA ASP E 251 9.09 29.88 -26.55
C ASP E 251 10.10 28.99 -25.80
N GLY E 252 10.02 28.97 -24.48
CA GLY E 252 10.81 28.06 -23.62
C GLY E 252 9.92 27.12 -22.82
N LEU E 253 10.30 25.85 -22.74
CA LEU E 253 9.66 24.88 -21.82
C LEU E 253 10.59 24.64 -20.62
N PHE E 254 10.03 24.69 -19.42
CA PHE E 254 10.80 24.53 -18.17
C PHE E 254 10.46 23.20 -17.52
N VAL E 255 11.43 22.29 -17.40
CA VAL E 255 11.27 20.99 -16.68
C VAL E 255 12.17 20.98 -15.45
N SER E 256 11.64 20.37 -14.40
CA SER E 256 12.27 20.31 -13.05
C SER E 256 12.09 18.89 -12.50
N ALA E 257 13.03 18.45 -11.67
CA ALA E 257 12.99 17.08 -11.12
C ALA E 257 13.86 17.00 -9.87
N ALA E 258 13.50 16.06 -9.04
CA ALA E 258 14.29 15.58 -7.88
C ALA E 258 13.97 14.10 -7.72
N ASP E 259 14.97 13.23 -7.78
CA ASP E 259 14.74 11.78 -7.56
C ASP E 259 15.82 11.23 -6.63
N ILE E 260 15.64 11.44 -5.34
CA ILE E 260 16.40 10.69 -4.29
C ILE E 260 15.78 9.29 -4.24
N CYS E 261 16.57 8.27 -4.54
CA CYS E 261 16.13 6.85 -4.60
C CYS E 261 16.44 6.14 -3.28
N GLY E 262 17.20 6.78 -2.40
CA GLY E 262 17.58 6.21 -1.10
C GLY E 262 19.00 6.60 -0.78
N VAL E 263 19.61 5.89 0.17
CA VAL E 263 20.97 6.17 0.68
C VAL E 263 21.77 4.89 0.65
N MET E 264 23.09 5.05 0.58
CA MET E 264 24.02 3.96 0.86
C MET E 264 24.61 4.25 2.23
N VAL E 265 24.98 3.18 2.92
CA VAL E 265 25.57 3.21 4.28
C VAL E 265 27.02 2.73 4.17
N LYS E 266 27.93 3.55 4.67
CA LYS E 266 29.40 3.33 4.64
C LYS E 266 29.76 2.29 5.70
N ALA E 267 30.55 1.29 5.32
CA ALA E 267 31.03 0.23 6.24
C ALA E 267 31.82 0.86 7.39
N ASP E 268 32.65 1.85 7.10
CA ASP E 268 33.64 2.37 8.10
C ASP E 268 32.94 2.94 9.33
N ASN E 269 31.99 3.86 9.13
CA ASN E 269 31.42 4.66 10.23
C ASN E 269 29.87 4.68 10.16
N GLU E 270 29.27 4.00 9.18
CA GLU E 270 27.80 3.92 8.98
C GLU E 270 27.24 5.31 8.65
N ALA E 271 28.06 6.25 8.17
CA ALA E 271 27.60 7.50 7.55
C ALA E 271 26.95 7.18 6.21
N ILE E 272 26.17 8.12 5.69
CA ILE E 272 25.35 7.86 4.48
C ILE E 272 25.71 8.83 3.36
N ARG E 273 25.47 8.35 2.14
CA ARG E 273 25.35 9.18 0.95
C ARG E 273 23.97 8.91 0.35
N TYR E 274 23.29 9.97 -0.08
CA TYR E 274 22.11 9.89 -0.95
C TYR E 274 22.54 9.40 -2.33
N ARG E 275 21.64 8.69 -3.02
CA ARG E 275 21.77 8.27 -4.43
C ARG E 275 20.55 8.78 -5.21
N GLY E 276 20.80 9.40 -6.36
CA GLY E 276 19.74 9.88 -7.27
C GLY E 276 19.87 9.21 -8.62
N LEU E 277 18.79 9.21 -9.40
CA LEU E 277 18.77 8.68 -10.76
C LEU E 277 18.30 9.76 -11.74
N PRO E 278 18.69 9.62 -13.01
CA PRO E 278 18.24 10.54 -14.06
C PRO E 278 16.74 10.38 -14.33
N ARG E 279 16.11 11.44 -14.79
CA ARG E 279 14.70 11.44 -15.18
C ARG E 279 14.58 11.89 -16.65
N TYR E 280 13.81 11.12 -17.40
CA TYR E 280 13.47 11.37 -18.82
C TYR E 280 12.15 12.09 -18.85
N PHE E 281 12.03 13.05 -19.77
CA PHE E 281 10.77 13.78 -20.07
C PHE E 281 10.54 13.74 -21.57
N LYS E 282 9.29 13.45 -21.96
CA LYS E 282 8.76 13.73 -23.29
C LYS E 282 7.51 14.58 -23.08
N VAL E 283 7.47 15.76 -23.68
CA VAL E 283 6.35 16.72 -23.48
C VAL E 283 5.75 16.97 -24.84
N THR E 284 4.43 16.82 -24.94
CA THR E 284 3.68 17.04 -26.17
C THR E 284 3.07 18.43 -26.05
N LEU E 285 3.26 19.23 -27.08
CA LEU E 285 2.83 20.64 -27.08
C LEU E 285 1.95 20.91 -28.30
N ARG E 286 0.99 21.82 -28.13
CA ARG E 286 0.12 22.32 -29.23
C ARG E 286 0.11 23.85 -29.22
N LYS E 287 -0.18 24.43 -30.37
CA LYS E 287 -0.26 25.89 -30.56
C LYS E 287 -1.58 26.39 -29.98
N ARG E 288 -1.50 27.38 -29.11
CA ARG E 288 -2.64 28.05 -28.48
C ARG E 288 -2.61 29.50 -28.93
N ALA E 289 -3.74 29.99 -29.46
CA ALA E 289 -3.96 31.43 -29.74
C ALA E 289 -4.04 32.17 -28.42
N VAL E 290 -3.41 33.34 -28.34
CA VAL E 290 -3.50 34.24 -27.15
C VAL E 290 -3.57 35.68 -27.67
N LYS E 291 -4.01 36.60 -26.80
CA LYS E 291 -4.33 38.02 -27.11
C LYS E 291 -3.50 38.91 -26.18
N ASN E 292 -2.52 39.64 -26.75
CA ASN E 292 -1.77 40.74 -26.10
C ASN E 292 -0.28 40.40 -26.09
#